data_9NH7
#
_entry.id   9NH7
#
_cell.length_a   1.00
_cell.length_b   1.00
_cell.length_c   1.00
_cell.angle_alpha   90.00
_cell.angle_beta   90.00
_cell.angle_gamma   90.00
#
_symmetry.space_group_name_H-M   'P 1'
#
loop_
_entity.id
_entity.type
_entity.pdbx_description
1 polymer VHH_flu_01
2 polymer 'Hemagglutinin HA1 chain'
3 polymer 'Hemagglutinin HA2 chain'
4 branched beta-D-mannopyranose-(1-4)-2-acetamido-2-deoxy-beta-D-glucopyranose-(1-4)-2-acetamido-2-deoxy-beta-D-glucopyranose
5 branched 2-acetamido-2-deoxy-beta-D-glucopyranose-(1-4)-2-acetamido-2-deoxy-beta-D-glucopyranose
6 non-polymer 2-acetamido-2-deoxy-beta-D-glucopyranose
#
loop_
_entity_poly.entity_id
_entity_poly.type
_entity_poly.pdbx_seq_one_letter_code
_entity_poly.pdbx_strand_id
1 'polypeptide(L)'
;MSGQVQLVESGGGLVQPGGSLRLSCAASGKYVNLMSLGWFRQAPGQGLEAVAAISFDGKKTYYADSVKGRFTISRDNSKN
TLYLQMNSLRAEDTAVYYCAASVVDSLGVGFYSYWGQGTLVTVSGSGSHHWGSTHHHHHH
;
E,F
2 'polypeptide(L)'
;DTICIGYHANNSTDTVDTVLEKNVTVTHSVNLLEDSHNGKLCRLKGIAPLQLGKCNIAGWILGNPECESLLSERSWSYIV
ETPNSENGTCFPGDFIDYEELREQLSSVSSFERFEIFSKESSWPKHTTGGVTAACSHAGKSSFYRNLLWLTEKDGSYPNL
NNSYVNKKGKEVLVLWGVHHPSNIKDQQTLYQKENAYVSVVSSNYNRRFTPEIAERPKVRGQAGRINYYWTLLKPGDTIM
FEANGNLIAPWYAFALSRGFGSGIITSNASMHECDTKCQTPQGAINSSLPFQNIHPITIGECPKYVRSTKLRMVTGLRNI
P
;
A,B,C
3 'polypeptide(L)'
;SIQSRGLFGAIAGFIEGGWTGMIDGWYGYHWQNEQGSGYAADQKSTQNAINGITNIVNSVIEKMNTQFTAVGKEFNNLEK
RMENLNKKVDDGFLDIWTYNAELLVLLINERTLDFHDSNVKNLYEKVKNQLRNNAKEIGNGCFEFYHKCNNECMESVKNG
TYDYPKYSEESKLNREKIDGSGYIPEAPRDGQAYVRKDGEWVLLSTFLGSGLNDIFEAQKIEWHEGHHHHHH
;
G,H,I
#
loop_
_chem_comp.id
_chem_comp.type
_chem_comp.name
_chem_comp.formula
BMA D-saccharide, beta linking beta-D-mannopyranose 'C6 H12 O6'
NAG D-saccharide, beta linking 2-acetamido-2-deoxy-beta-D-glucopyranose 'C8 H15 N O6'
#
# COMPACT_ATOMS: atom_id res chain seq x y z
N VAL A 5 26.13 -15.13 1.82
CA VAL A 5 26.28 -16.56 2.09
C VAL A 5 27.75 -16.94 2.25
N GLN A 6 28.10 -17.44 3.44
CA GLN A 6 29.44 -17.92 3.74
C GLN A 6 29.36 -18.85 4.94
N LEU A 7 30.45 -19.56 5.20
CA LEU A 7 30.61 -20.32 6.43
C LEU A 7 32.05 -20.20 6.90
N VAL A 8 32.22 -20.30 8.22
CA VAL A 8 33.54 -20.32 8.85
C VAL A 8 33.62 -21.58 9.70
N GLU A 9 34.75 -22.28 9.62
CA GLU A 9 34.99 -23.45 10.43
C GLU A 9 36.29 -23.26 11.20
N SER A 10 36.46 -24.07 12.24
CA SER A 10 37.67 -24.02 13.05
C SER A 10 37.83 -25.29 13.87
N VAL A 15 45.08 -33.99 14.89
CA VAL A 15 44.88 -35.44 14.82
C VAL A 15 46.02 -36.15 15.52
N GLN A 16 45.72 -37.34 16.03
CA GLN A 16 46.70 -38.19 16.71
C GLN A 16 46.27 -39.63 16.55
N PRO A 17 47.13 -40.58 16.88
CA PRO A 17 46.74 -41.99 16.76
C PRO A 17 45.81 -42.41 17.88
N GLY A 18 44.76 -41.63 18.13
CA GLY A 18 43.85 -41.96 19.21
C GLY A 18 42.80 -40.91 19.50
N GLY A 19 41.64 -41.36 19.98
CA GLY A 19 40.57 -40.45 20.36
C GLY A 19 39.96 -39.75 19.16
N SER A 20 39.17 -38.72 19.45
CA SER A 20 38.51 -37.94 18.41
C SER A 20 38.61 -36.46 18.74
N LEU A 21 38.71 -35.64 17.71
CA LEU A 21 38.82 -34.19 17.85
C LEU A 21 37.53 -33.53 17.39
N ARG A 22 37.00 -32.62 18.22
CA ARG A 22 35.81 -31.87 17.86
C ARG A 22 36.17 -30.67 16.97
N LEU A 23 35.28 -30.36 16.02
CA LEU A 23 35.39 -29.16 15.21
C LEU A 23 34.00 -28.58 15.00
N SER A 24 33.95 -27.28 14.73
CA SER A 24 32.68 -26.58 14.56
C SER A 24 32.73 -25.70 13.31
N CYS A 25 31.55 -25.43 12.76
CA CYS A 25 31.36 -24.51 11.65
C CYS A 25 30.26 -23.53 12.00
N ALA A 26 30.45 -22.27 11.61
CA ALA A 26 29.49 -21.21 11.91
C ALA A 26 28.97 -20.60 10.61
N ALA A 27 27.67 -20.36 10.57
CA ALA A 27 27.08 -19.67 9.44
C ALA A 27 27.61 -18.24 9.37
N SER A 28 27.76 -17.74 8.14
CA SER A 28 28.15 -16.36 7.90
C SER A 28 27.40 -15.87 6.67
N GLY A 29 27.43 -14.56 6.46
CA GLY A 29 26.75 -13.95 5.34
C GLY A 29 25.25 -13.82 5.58
N LYS A 30 24.56 -13.41 4.51
CA LYS A 30 23.13 -13.09 4.57
C LYS A 30 22.27 -14.30 4.91
N TYR A 31 21.58 -14.23 6.06
CA TYR A 31 20.54 -15.20 6.44
C TYR A 31 20.87 -16.61 5.98
N VAL A 32 22.08 -17.07 6.28
CA VAL A 32 22.48 -18.44 6.02
C VAL A 32 21.64 -19.44 6.78
N ASN A 33 20.90 -18.99 7.79
CA ASN A 33 20.17 -19.91 8.68
C ASN A 33 19.20 -20.78 7.90
N LEU A 34 18.71 -20.30 6.77
CA LEU A 34 17.70 -20.99 5.98
C LEU A 34 18.27 -22.11 5.12
N MET A 35 19.59 -22.26 5.07
CA MET A 35 20.24 -23.22 4.20
C MET A 35 20.77 -24.39 5.03
N SER A 36 20.76 -25.57 4.45
CA SER A 36 21.39 -26.73 5.07
C SER A 36 22.91 -26.59 4.99
N LEU A 37 23.59 -27.26 5.92
CA LEU A 37 25.04 -27.29 5.93
C LEU A 37 25.53 -28.73 5.90
N GLY A 38 26.74 -28.92 5.39
CA GLY A 38 27.40 -30.21 5.41
C GLY A 38 28.88 -29.98 5.57
N TRP A 39 29.59 -31.06 5.86
CA TRP A 39 31.04 -31.04 5.99
C TRP A 39 31.68 -31.85 4.87
N PHE A 40 32.87 -31.43 4.45
CA PHE A 40 33.62 -32.13 3.42
C PHE A 40 35.07 -32.23 3.86
N ARG A 41 35.79 -33.16 3.24
CA ARG A 41 37.22 -33.30 3.46
C ARG A 41 37.90 -33.53 2.12
N GLN A 42 39.18 -33.16 2.05
CA GLN A 42 40.02 -33.46 0.90
C GLN A 42 41.34 -33.99 1.41
N ALA A 43 41.89 -34.96 0.69
CA ALA A 43 43.19 -35.52 1.04
C ALA A 43 44.32 -34.68 0.44
N GLY A 47 41.03 -36.82 -2.97
CA GLY A 47 40.01 -35.99 -3.58
C GLY A 47 39.00 -35.41 -2.61
N LEU A 48 38.26 -34.41 -3.07
CA LEU A 48 37.18 -33.87 -2.27
C LEU A 48 36.07 -34.91 -2.12
N GLU A 49 35.54 -35.04 -0.91
CA GLU A 49 34.43 -35.94 -0.65
C GLU A 49 33.63 -35.40 0.53
N ALA A 50 32.35 -35.76 0.56
CA ALA A 50 31.47 -35.35 1.63
C ALA A 50 31.72 -36.18 2.89
N VAL A 51 31.36 -35.62 4.03
CA VAL A 51 31.50 -36.31 5.31
C VAL A 51 30.12 -36.45 5.95
N ALA A 52 29.48 -35.31 6.25
CA ALA A 52 28.18 -35.31 6.91
C ALA A 52 27.42 -34.05 6.52
N ALA A 53 26.09 -34.10 6.69
CA ALA A 53 25.25 -32.94 6.49
C ALA A 53 24.13 -32.95 7.51
N ILE A 54 23.61 -31.75 7.79
CA ILE A 54 22.45 -31.59 8.66
C ILE A 54 21.46 -30.66 7.98
N SER A 55 20.19 -31.06 7.94
CA SER A 55 19.15 -30.21 7.41
C SER A 55 18.84 -29.07 8.38
N PHE A 56 18.02 -28.14 7.91
CA PHE A 56 17.59 -27.00 8.71
C PHE A 56 16.69 -27.44 9.86
N ASP A 57 16.80 -26.74 10.98
CA ASP A 57 16.13 -27.08 12.23
C ASP A 57 16.50 -28.49 12.70
N GLY A 58 17.60 -29.04 12.20
CA GLY A 58 18.04 -30.34 12.64
C GLY A 58 17.04 -31.43 12.42
N LYS A 59 16.20 -31.29 11.40
CA LYS A 59 15.21 -32.33 11.12
C LYS A 59 15.88 -33.67 10.86
N LYS A 60 16.88 -33.70 9.98
CA LYS A 60 17.48 -34.95 9.55
C LYS A 60 18.99 -34.80 9.48
N THR A 61 19.68 -35.94 9.51
CA THR A 61 21.12 -36.00 9.36
C THR A 61 21.48 -37.04 8.32
N TYR A 62 22.53 -36.78 7.55
CA TYR A 62 23.11 -37.77 6.65
C TYR A 62 24.59 -37.85 6.94
N TYR A 63 25.17 -39.01 6.64
CA TYR A 63 26.59 -39.25 6.84
C TYR A 63 27.14 -40.06 5.69
N ALA A 64 28.45 -39.97 5.48
CA ALA A 64 29.12 -40.76 4.46
C ALA A 64 29.26 -42.21 4.92
N ASP A 65 29.75 -43.05 4.01
CA ASP A 65 29.95 -44.46 4.32
C ASP A 65 30.93 -44.65 5.47
N SER A 66 31.94 -43.78 5.58
CA SER A 66 32.97 -43.96 6.60
C SER A 66 32.44 -43.68 7.99
N VAL A 67 31.44 -42.80 8.11
CA VAL A 67 30.91 -42.45 9.42
C VAL A 67 30.39 -43.71 10.12
N LYS A 68 29.67 -44.55 9.38
CA LYS A 68 29.00 -45.71 9.96
C LYS A 68 28.10 -45.31 11.12
N GLY A 69 27.46 -44.16 10.99
CA GLY A 69 26.49 -43.68 11.95
C GLY A 69 27.04 -43.05 13.21
N ARG A 70 28.37 -42.98 13.35
CA ARG A 70 28.98 -42.28 14.48
C ARG A 70 29.04 -40.79 14.16
N PHE A 71 29.69 -40.02 15.04
CA PHE A 71 29.84 -38.58 14.86
C PHE A 71 28.48 -37.88 14.78
N THR A 72 27.73 -37.94 15.88
CA THR A 72 26.48 -37.21 15.95
C THR A 72 26.72 -35.72 15.69
N ILE A 73 26.17 -35.21 14.60
CA ILE A 73 26.21 -33.78 14.35
C ILE A 73 25.01 -33.09 14.99
N SER A 74 25.17 -31.82 15.33
CA SER A 74 24.08 -30.99 15.80
C SER A 74 24.36 -29.55 15.39
N ARG A 75 23.31 -28.74 15.42
CA ARG A 75 23.42 -27.29 15.35
C ARG A 75 22.44 -26.70 16.37
N ASP A 76 22.80 -25.51 16.88
CA ASP A 76 22.14 -24.89 18.02
C ASP A 76 22.25 -23.37 17.86
N ASN A 77 21.91 -22.67 18.94
CA ASN A 77 21.73 -21.21 18.89
C ASN A 77 23.03 -20.45 18.64
N SER A 78 24.09 -20.79 19.36
CA SER A 78 25.15 -19.83 19.56
C SER A 78 25.85 -19.56 18.24
N LYS A 79 25.70 -18.32 17.76
CA LYS A 79 26.31 -17.87 16.51
C LYS A 79 25.95 -18.77 15.33
N ASN A 80 24.77 -19.41 15.36
CA ASN A 80 24.31 -20.29 14.29
C ASN A 80 25.37 -21.32 13.92
N THR A 81 25.98 -21.90 14.95
CA THR A 81 27.07 -22.85 14.79
C THR A 81 26.53 -24.28 14.69
N LEU A 82 27.32 -25.13 14.05
CA LEU A 82 27.13 -26.57 14.10
C LEU A 82 28.45 -27.20 14.56
N TYR A 83 28.33 -28.35 15.22
CA TYR A 83 29.48 -29.05 15.77
C TYR A 83 29.55 -30.46 15.20
N LEU A 84 30.77 -30.96 15.01
CA LEU A 84 31.00 -32.34 14.59
C LEU A 84 31.95 -32.99 15.60
N GLN A 85 31.56 -34.15 16.12
CA GLN A 85 32.38 -34.86 17.08
C GLN A 85 31.95 -36.32 17.14
N MET A 86 32.84 -37.16 17.64
CA MET A 86 32.55 -38.56 17.89
C MET A 86 31.29 -38.73 18.74
N VAL A 96 42.62 -31.68 4.79
CA VAL A 96 41.89 -30.50 5.21
C VAL A 96 40.39 -30.73 5.14
N TYR A 97 39.68 -30.17 6.13
CA TYR A 97 38.23 -30.29 6.24
C TYR A 97 37.58 -28.95 5.97
N TYR A 98 36.44 -28.98 5.29
CA TYR A 98 35.70 -27.78 4.92
C TYR A 98 34.20 -28.01 5.14
N CYS A 99 33.47 -26.91 5.29
CA CYS A 99 32.02 -26.94 5.37
C CYS A 99 31.44 -26.13 4.22
N ALA A 100 30.24 -26.51 3.80
CA ALA A 100 29.51 -25.80 2.75
C ALA A 100 28.03 -25.81 3.08
N ALA A 101 27.32 -24.85 2.52
CA ALA A 101 25.86 -24.77 2.63
C ALA A 101 25.23 -25.04 1.27
N SER A 102 24.01 -25.58 1.32
CA SER A 102 23.20 -25.79 0.13
C SER A 102 21.76 -25.51 0.50
N VAL A 103 20.96 -25.13 -0.50
CA VAL A 103 19.53 -24.93 -0.27
C VAL A 103 18.76 -26.24 -0.31
N VAL A 104 19.35 -27.32 -0.83
CA VAL A 104 18.67 -28.60 -0.93
C VAL A 104 19.00 -29.42 0.30
N ASP A 105 17.99 -30.02 0.92
CA ASP A 105 18.19 -30.86 2.09
C ASP A 105 18.65 -32.26 1.67
N SER A 106 19.87 -32.30 1.14
CA SER A 106 20.49 -33.55 0.71
C SER A 106 21.99 -33.46 0.93
N LEU A 107 22.62 -34.62 1.11
CA LEU A 107 24.07 -34.70 1.25
C LEU A 107 24.79 -34.70 -0.08
N GLY A 108 24.04 -34.71 -1.19
CA GLY A 108 24.66 -34.77 -2.50
C GLY A 108 25.80 -33.77 -2.61
N VAL A 109 26.92 -34.20 -3.17
CA VAL A 109 28.05 -33.29 -3.35
C VAL A 109 27.64 -32.12 -4.22
N GLY A 110 26.78 -32.37 -5.21
CA GLY A 110 26.47 -31.36 -6.20
C GLY A 110 25.70 -30.17 -5.67
N PHE A 111 25.00 -30.32 -4.55
CA PHE A 111 24.11 -29.26 -4.10
C PHE A 111 24.81 -28.17 -3.32
N TYR A 112 26.09 -28.33 -3.00
CA TYR A 112 26.83 -27.34 -2.20
C TYR A 112 27.45 -26.31 -3.15
N SER A 113 27.27 -25.04 -2.82
CA SER A 113 27.78 -23.92 -3.60
C SER A 113 28.69 -22.98 -2.82
N TYR A 114 28.43 -22.77 -1.53
CA TYR A 114 29.22 -21.87 -0.70
C TYR A 114 30.09 -22.71 0.23
N TRP A 115 31.39 -22.42 0.23
CA TRP A 115 32.36 -23.19 0.97
C TRP A 115 33.13 -22.29 1.92
N GLY A 116 33.65 -22.90 2.99
CA GLY A 116 34.48 -22.19 3.94
C GLY A 116 35.94 -22.15 3.51
N GLN A 117 36.77 -21.63 4.42
CA GLN A 117 38.20 -21.52 4.16
C GLN A 117 38.97 -22.82 4.45
N GLY A 118 38.35 -23.79 5.11
CA GLY A 118 39.02 -25.05 5.37
C GLY A 118 39.93 -25.01 6.58
N THR A 119 40.04 -26.12 7.30
CA THR A 119 40.90 -26.18 8.47
C THR A 119 41.46 -27.58 8.73
N ASP B 1 30.03 -22.00 -48.65
CA ASP B 1 28.75 -21.27 -48.88
C ASP B 1 27.83 -21.49 -47.70
N THR B 2 27.78 -20.51 -46.79
CA THR B 2 27.06 -20.65 -45.54
C THR B 2 26.24 -19.40 -45.24
N ILE B 3 25.17 -19.60 -44.48
CA ILE B 3 24.33 -18.52 -43.97
C ILE B 3 23.85 -18.95 -42.59
N CYS B 4 23.69 -18.00 -41.68
CA CYS B 4 23.14 -18.37 -40.38
C CYS B 4 22.74 -17.14 -39.59
N ILE B 5 22.27 -17.40 -38.37
CA ILE B 5 21.49 -16.46 -37.57
C ILE B 5 22.27 -16.11 -36.32
N GLY B 6 22.00 -14.93 -35.77
CA GLY B 6 22.63 -14.45 -34.57
C GLY B 6 21.88 -13.27 -33.98
N TYR B 7 22.57 -12.38 -33.26
CA TYR B 7 21.91 -11.17 -32.78
C TYR B 7 22.95 -10.13 -32.41
N HIS B 8 22.46 -8.93 -32.13
CA HIS B 8 23.33 -7.77 -31.96
C HIS B 8 24.08 -7.83 -30.64
N ALA B 9 25.30 -7.32 -30.65
CA ALA B 9 26.11 -7.18 -29.45
C ALA B 9 26.95 -5.92 -29.58
N ASN B 10 27.10 -5.20 -28.47
CA ASN B 10 27.67 -3.86 -28.49
C ASN B 10 28.57 -3.71 -27.26
N ASN B 11 28.94 -2.46 -26.97
CA ASN B 11 29.87 -2.13 -25.88
C ASN B 11 29.15 -1.85 -24.57
N SER B 12 27.84 -2.05 -24.50
CA SER B 12 27.06 -1.57 -23.38
C SER B 12 27.53 -2.21 -22.07
N THR B 13 27.36 -1.48 -20.98
CA THR B 13 27.65 -1.98 -19.64
C THR B 13 26.42 -1.93 -18.74
N ASP B 14 25.25 -1.57 -19.27
CA ASP B 14 24.04 -1.52 -18.47
C ASP B 14 23.73 -2.89 -17.88
N THR B 15 23.34 -2.91 -16.61
CA THR B 15 23.05 -4.14 -15.89
C THR B 15 21.61 -4.14 -15.41
N VAL B 16 20.93 -5.26 -15.58
CA VAL B 16 19.53 -5.41 -15.22
C VAL B 16 19.37 -6.67 -14.36
N ASP B 17 18.30 -6.70 -13.60
CA ASP B 17 18.00 -7.80 -12.69
C ASP B 17 16.82 -8.61 -13.22
N THR B 18 16.89 -9.93 -13.04
CA THR B 18 15.83 -10.85 -13.42
C THR B 18 15.55 -11.78 -12.25
N VAL B 19 14.53 -12.64 -12.42
CA VAL B 19 14.10 -13.48 -11.31
C VAL B 19 15.13 -14.57 -11.03
N LEU B 20 15.84 -15.04 -12.06
CA LEU B 20 16.81 -16.11 -11.90
C LEU B 20 18.25 -15.64 -11.82
N GLU B 21 18.58 -14.51 -12.43
CA GLU B 21 19.95 -14.03 -12.51
C GLU B 21 19.98 -12.54 -12.20
N LYS B 22 21.03 -12.11 -11.49
CA LYS B 22 21.27 -10.71 -11.22
C LYS B 22 22.54 -10.26 -11.96
N ASN B 23 22.63 -8.96 -12.19
CA ASN B 23 23.78 -8.37 -12.87
C ASN B 23 23.96 -8.99 -14.26
N VAL B 24 22.95 -8.78 -15.12
CA VAL B 24 22.99 -9.24 -16.50
C VAL B 24 23.24 -8.03 -17.38
N THR B 25 24.23 -8.13 -18.27
CA THR B 25 24.54 -7.04 -19.19
C THR B 25 23.62 -7.11 -20.39
N VAL B 26 22.95 -6.00 -20.69
CA VAL B 26 21.99 -5.93 -21.79
C VAL B 26 22.44 -4.85 -22.77
N THR B 27 22.16 -5.09 -24.04
CA THR B 27 22.53 -4.11 -25.07
C THR B 27 21.82 -2.78 -24.87
N HIS B 28 20.49 -2.81 -24.71
CA HIS B 28 19.70 -1.58 -24.59
C HIS B 28 18.77 -1.70 -23.39
N SER B 29 18.64 -0.61 -22.64
CA SER B 29 17.76 -0.59 -21.48
C SER B 29 17.25 0.82 -21.25
N VAL B 30 16.07 0.92 -20.63
CA VAL B 30 15.45 2.20 -20.31
C VAL B 30 15.42 2.34 -18.80
N ASN B 31 16.09 3.37 -18.27
CA ASN B 31 15.96 3.64 -16.84
C ASN B 31 14.58 4.20 -16.55
N LEU B 32 13.87 3.56 -15.62
CA LEU B 32 12.55 4.02 -15.22
C LEU B 32 12.57 4.86 -13.96
N LEU B 33 13.74 5.23 -13.44
CA LEU B 33 13.83 6.00 -12.20
C LEU B 33 14.52 7.33 -12.46
N GLU B 34 13.87 8.42 -12.03
CA GLU B 34 14.40 9.77 -12.17
C GLU B 34 15.04 10.19 -10.86
N ASP B 35 16.24 10.75 -10.93
CA ASP B 35 16.94 11.19 -9.74
C ASP B 35 17.61 12.55 -9.91
N SER B 36 17.43 13.21 -11.05
CA SER B 36 18.14 14.45 -11.36
C SER B 36 17.19 15.63 -11.19
N HIS B 37 17.74 16.75 -10.70
CA HIS B 37 16.95 17.94 -10.41
C HIS B 37 17.83 19.16 -10.59
N ASN B 38 17.18 20.32 -10.68
CA ASN B 38 17.89 21.56 -10.89
C ASN B 38 18.08 22.35 -9.60
N GLY B 39 17.37 22.01 -8.54
CA GLY B 39 17.67 22.61 -7.25
C GLY B 39 17.25 24.06 -7.15
N LYS B 40 16.08 24.38 -7.69
CA LYS B 40 15.50 25.70 -7.57
C LYS B 40 14.00 25.61 -7.43
N LEU B 41 13.43 26.63 -6.80
CA LEU B 41 12.00 26.83 -6.78
C LEU B 41 11.59 27.51 -8.08
N CYS B 42 10.71 26.87 -8.85
CA CYS B 42 10.33 27.37 -10.17
C CYS B 42 8.83 27.63 -10.19
N ARG B 43 8.41 28.46 -11.15
CA ARG B 43 7.00 28.79 -11.27
C ARG B 43 6.23 27.58 -11.79
N LEU B 44 5.13 27.24 -11.13
CA LEU B 44 4.31 26.09 -11.47
C LEU B 44 3.17 26.52 -12.37
N LYS B 45 3.23 26.13 -13.65
CA LYS B 45 2.17 26.40 -14.60
C LYS B 45 1.91 27.89 -14.76
N GLY B 46 2.98 28.68 -14.71
CA GLY B 46 2.91 30.09 -15.04
C GLY B 46 2.59 31.02 -13.89
N ILE B 47 2.26 30.50 -12.70
CA ILE B 47 1.95 31.32 -11.54
C ILE B 47 3.05 31.11 -10.50
N ALA B 48 3.56 32.22 -9.95
CA ALA B 48 4.64 32.16 -8.97
C ALA B 48 4.12 31.72 -7.60
N PRO B 49 4.97 31.17 -6.76
CA PRO B 49 4.56 30.74 -5.42
C PRO B 49 4.61 31.88 -4.42
N LEU B 50 4.17 31.58 -3.19
CA LEU B 50 4.17 32.53 -2.08
C LEU B 50 5.34 32.13 -1.18
N GLN B 51 6.42 32.89 -1.24
CA GLN B 51 7.59 32.66 -0.40
C GLN B 51 7.47 33.51 0.86
N LEU B 52 7.46 32.85 2.02
CA LEU B 52 7.23 33.54 3.29
C LEU B 52 8.51 33.94 4.00
N GLY B 53 9.63 33.30 3.68
CA GLY B 53 10.92 33.74 4.20
C GLY B 53 10.98 33.61 5.71
N LYS B 54 11.16 34.74 6.40
CA LYS B 54 11.21 34.74 7.85
C LYS B 54 9.94 34.15 8.46
N CYS B 55 8.79 34.56 7.95
CA CYS B 55 7.52 34.25 8.60
C CYS B 55 7.04 32.86 8.23
N ASN B 56 6.14 32.34 9.04
CA ASN B 56 5.40 31.12 8.79
C ASN B 56 3.95 31.51 8.56
N ILE B 57 3.08 30.50 8.43
CA ILE B 57 1.68 30.80 8.11
C ILE B 57 1.06 31.62 9.24
N ALA B 58 1.43 31.35 10.48
CA ALA B 58 0.86 32.10 11.59
C ALA B 58 1.29 33.57 11.53
N GLY B 59 2.56 33.82 11.25
CA GLY B 59 3.03 35.20 11.13
C GLY B 59 2.49 35.91 9.91
N TRP B 60 2.37 35.19 8.79
CA TRP B 60 1.87 35.79 7.57
C TRP B 60 0.39 36.17 7.69
N ILE B 61 -0.42 35.28 8.26
CA ILE B 61 -1.85 35.56 8.40
C ILE B 61 -2.09 36.65 9.43
N LEU B 62 -1.38 36.60 10.56
CA LEU B 62 -1.59 37.56 11.64
C LEU B 62 -0.87 38.88 11.39
N GLY B 63 -0.07 39.00 10.34
CA GLY B 63 0.50 40.27 9.97
C GLY B 63 1.65 40.68 10.86
N ASN B 64 2.52 39.73 11.18
CA ASN B 64 3.64 40.01 12.06
C ASN B 64 4.52 41.09 11.42
N PRO B 65 5.08 42.01 12.20
CA PRO B 65 5.75 43.18 11.59
C PRO B 65 6.81 42.82 10.58
N GLU B 66 7.55 41.74 10.80
CA GLU B 66 8.56 41.31 9.84
C GLU B 66 7.96 40.80 8.54
N CYS B 67 6.64 40.60 8.49
CA CYS B 67 5.94 40.12 7.31
C CYS B 67 5.23 41.24 6.56
N GLU B 68 5.61 42.49 6.82
CA GLU B 68 4.96 43.63 6.19
C GLU B 68 5.04 43.58 4.67
N SER B 69 6.07 42.92 4.13
CA SER B 69 6.31 42.91 2.69
C SER B 69 5.35 41.98 1.94
N LEU B 70 4.81 40.97 2.61
CA LEU B 70 3.95 39.98 1.98
C LEU B 70 2.54 40.47 1.75
N LEU B 71 2.19 41.66 2.24
CA LEU B 71 0.82 42.15 2.17
C LEU B 71 0.39 42.51 0.76
N SER B 72 1.32 42.57 -0.19
CA SER B 72 1.01 42.96 -1.56
C SER B 72 0.77 41.79 -2.50
N GLU B 73 0.92 40.55 -2.01
CA GLU B 73 0.69 39.39 -2.86
C GLU B 73 -0.80 39.09 -2.98
N ARG B 74 -1.19 38.59 -4.15
CA ARG B 74 -2.59 38.30 -4.45
C ARG B 74 -2.82 36.87 -4.88
N SER B 75 -1.92 36.29 -5.67
CA SER B 75 -2.14 34.95 -6.21
C SER B 75 -0.83 34.17 -6.18
N TRP B 76 -0.95 32.86 -6.10
CA TRP B 76 0.20 31.97 -6.03
C TRP B 76 -0.20 30.59 -6.51
N SER B 77 0.80 29.71 -6.64
CA SER B 77 0.56 28.30 -6.93
C SER B 77 0.81 27.39 -5.75
N TYR B 78 1.77 27.72 -4.89
CA TYR B 78 1.96 26.98 -3.65
C TYR B 78 2.72 27.86 -2.66
N ILE B 79 2.59 27.51 -1.39
CA ILE B 79 3.17 28.27 -0.29
C ILE B 79 4.47 27.58 0.11
N VAL B 80 5.52 28.36 0.33
CA VAL B 80 6.84 27.83 0.64
C VAL B 80 7.30 28.42 1.96
N GLU B 81 7.59 27.55 2.92
CA GLU B 81 8.19 27.94 4.18
C GLU B 81 9.66 27.52 4.18
N THR B 82 10.42 28.10 5.11
CA THR B 82 11.84 27.83 5.20
C THR B 82 12.17 27.22 6.56
N PRO B 83 13.24 26.43 6.66
CA PRO B 83 13.60 25.85 7.95
C PRO B 83 13.94 26.89 9.00
N ASN B 84 14.38 28.08 8.59
CA ASN B 84 14.75 29.16 9.50
C ASN B 84 13.58 30.09 9.79
N SER B 85 12.40 29.79 9.28
CA SER B 85 11.23 30.63 9.50
C SER B 85 10.71 30.36 10.91
N GLU B 86 10.81 31.37 11.78
CA GLU B 86 10.34 31.26 13.15
C GLU B 86 9.59 32.49 13.61
N ASN B 87 9.34 33.47 12.73
CA ASN B 87 8.60 34.67 13.12
C ASN B 87 7.12 34.40 12.90
N GLY B 88 6.53 33.75 13.90
CA GLY B 88 5.10 33.47 13.91
C GLY B 88 4.39 34.40 14.87
N THR B 89 3.75 33.85 15.89
CA THR B 89 3.08 34.66 16.89
C THR B 89 4.12 35.36 17.74
N CYS B 90 4.37 36.64 17.44
CA CYS B 90 5.36 37.42 18.18
C CYS B 90 4.96 37.60 19.63
N PHE B 91 3.67 37.48 19.95
CA PHE B 91 3.21 37.49 21.31
C PHE B 91 2.80 36.07 21.71
N PRO B 92 3.30 35.53 22.82
CA PRO B 92 3.03 34.13 23.13
C PRO B 92 1.54 33.84 23.26
N GLY B 93 1.17 32.62 22.95
CA GLY B 93 -0.21 32.18 23.04
C GLY B 93 -0.48 31.05 22.08
N ASP B 94 -1.61 30.38 22.28
CA ASP B 94 -1.97 29.23 21.47
C ASP B 94 -2.86 29.66 20.31
N PHE B 95 -2.53 29.16 19.12
CA PHE B 95 -3.30 29.43 17.90
C PHE B 95 -4.27 28.27 17.71
N ILE B 96 -5.52 28.46 18.15
CA ILE B 96 -6.49 27.38 18.16
C ILE B 96 -6.81 26.93 16.75
N ASP B 97 -6.88 25.62 16.55
CA ASP B 97 -7.16 25.02 15.25
C ASP B 97 -6.22 25.59 14.20
N TYR B 98 -4.94 25.62 14.54
CA TYR B 98 -3.93 26.16 13.64
C TYR B 98 -3.65 25.23 12.48
N GLU B 99 -3.63 23.92 12.74
CA GLU B 99 -3.34 22.97 11.68
C GLU B 99 -4.49 22.88 10.69
N GLU B 100 -5.73 23.03 11.17
CA GLU B 100 -6.87 23.08 10.27
C GLU B 100 -6.79 24.29 9.35
N LEU B 101 -6.32 25.43 9.87
CA LEU B 101 -6.16 26.62 9.03
C LEU B 101 -5.14 26.38 7.95
N ARG B 102 -4.04 25.70 8.28
CA ARG B 102 -3.05 25.36 7.27
C ARG B 102 -3.65 24.45 6.20
N GLU B 103 -4.50 23.52 6.60
CA GLU B 103 -5.16 22.65 5.62
C GLU B 103 -6.10 23.47 4.74
N GLN B 104 -6.86 24.40 5.32
CA GLN B 104 -7.75 25.25 4.53
C GLN B 104 -6.95 26.09 3.54
N LEU B 105 -5.85 26.69 4.00
CA LEU B 105 -5.04 27.54 3.14
C LEU B 105 -4.28 26.76 2.09
N SER B 106 -4.22 25.44 2.20
CA SER B 106 -3.57 24.63 1.18
C SER B 106 -4.37 24.55 -0.10
N SER B 107 -5.66 24.90 -0.06
CA SER B 107 -6.55 24.80 -1.20
C SER B 107 -6.94 26.16 -1.75
N VAL B 108 -6.30 27.23 -1.28
CA VAL B 108 -6.60 28.60 -1.70
C VAL B 108 -5.57 29.00 -2.75
N SER B 109 -6.05 29.59 -3.84
CA SER B 109 -5.18 30.00 -4.94
C SER B 109 -4.94 31.50 -4.99
N SER B 110 -5.81 32.29 -4.36
CA SER B 110 -5.72 33.74 -4.40
C SER B 110 -6.48 34.28 -3.19
N PHE B 111 -6.28 35.56 -2.90
CA PHE B 111 -7.04 36.18 -1.83
C PHE B 111 -6.97 37.69 -1.96
N GLU B 112 -8.05 38.37 -1.59
CA GLU B 112 -8.11 39.83 -1.58
C GLU B 112 -8.21 40.29 -0.14
N ARG B 113 -7.35 41.23 0.24
CA ARG B 113 -7.23 41.69 1.61
C ARG B 113 -7.88 43.07 1.73
N PHE B 114 -8.87 43.19 2.60
CA PHE B 114 -9.65 44.41 2.75
C PHE B 114 -9.75 44.77 4.22
N GLU B 115 -10.06 46.04 4.47
CA GLU B 115 -10.27 46.54 5.82
C GLU B 115 -11.68 46.16 6.26
N ILE B 116 -11.79 45.09 7.06
CA ILE B 116 -13.12 44.65 7.48
C ILE B 116 -13.75 45.68 8.42
N PHE B 117 -12.97 46.25 9.32
CA PHE B 117 -13.43 47.32 10.20
C PHE B 117 -12.45 48.48 10.11
N SER B 118 -13.00 49.69 10.14
CA SER B 118 -12.22 50.91 9.94
C SER B 118 -11.65 51.38 11.26
N LYS B 119 -10.33 51.52 11.30
CA LYS B 119 -9.66 51.99 12.52
C LYS B 119 -10.07 53.41 12.88
N GLU B 120 -10.49 54.19 11.88
CA GLU B 120 -10.70 55.62 12.10
C GLU B 120 -12.14 55.95 12.52
N SER B 121 -13.11 55.10 12.19
CA SER B 121 -14.52 55.46 12.41
C SER B 121 -15.38 54.37 13.02
N SER B 122 -14.92 53.12 13.11
CA SER B 122 -15.77 52.07 13.65
C SER B 122 -15.58 51.84 15.15
N TRP B 123 -14.60 52.47 15.78
CA TRP B 123 -14.43 52.42 17.22
C TRP B 123 -14.33 53.85 17.75
N PRO B 124 -15.42 54.60 17.71
CA PRO B 124 -15.38 55.96 18.29
C PRO B 124 -14.96 56.01 19.76
N LYS B 125 -15.47 55.08 20.57
CA LYS B 125 -15.44 55.21 22.02
C LYS B 125 -14.35 54.36 22.67
N HIS B 126 -13.38 53.88 21.90
CA HIS B 126 -12.29 53.07 22.44
C HIS B 126 -10.97 53.51 21.81
N THR B 127 -9.89 53.34 22.58
CA THR B 127 -8.55 53.71 22.14
C THR B 127 -7.95 52.59 21.31
N THR B 128 -7.51 52.92 20.10
CA THR B 128 -7.07 51.93 19.13
C THR B 128 -5.58 52.06 18.87
N GLY B 129 -4.91 50.91 18.82
CA GLY B 129 -3.50 50.87 18.45
C GLY B 129 -2.55 50.72 19.62
N GLY B 130 -2.86 49.80 20.54
CA GLY B 130 -1.90 49.43 21.56
C GLY B 130 -0.68 48.76 20.96
N VAL B 131 0.45 48.87 21.66
CA VAL B 131 1.72 48.34 21.18
C VAL B 131 2.40 47.56 22.29
N THR B 132 3.29 46.65 21.90
CA THR B 132 4.03 45.83 22.84
C THR B 132 5.46 45.64 22.35
N ALA B 133 6.37 45.43 23.30
CA ALA B 133 7.78 45.29 22.99
C ALA B 133 8.16 43.92 22.43
N ALA B 134 7.30 42.91 22.63
CA ALA B 134 7.58 41.59 22.09
C ALA B 134 7.50 41.57 20.57
N CYS B 135 6.71 42.47 19.99
CA CYS B 135 6.48 42.57 18.55
C CYS B 135 7.11 43.84 17.99
N SER B 136 8.28 44.21 18.51
CA SER B 136 8.92 45.44 18.11
C SER B 136 9.40 45.38 16.66
N HIS B 137 9.48 46.55 16.04
CA HIS B 137 9.90 46.68 14.64
C HIS B 137 10.59 48.02 14.47
N ALA B 138 11.72 48.02 13.78
CA ALA B 138 12.47 49.25 13.51
C ALA B 138 12.93 49.92 14.79
N GLY B 139 13.14 49.13 15.84
CA GLY B 139 13.60 49.66 17.11
C GLY B 139 12.52 50.28 17.99
N LYS B 140 11.25 50.12 17.63
CA LYS B 140 10.15 50.61 18.44
C LYS B 140 9.16 49.48 18.71
N SER B 141 8.41 49.64 19.79
CA SER B 141 7.31 48.73 20.05
C SER B 141 6.31 48.82 18.92
N SER B 142 5.71 47.68 18.56
CA SER B 142 4.72 47.64 17.50
C SER B 142 3.75 46.51 17.82
N PHE B 143 2.94 46.13 16.83
CA PHE B 143 1.96 45.07 16.99
C PHE B 143 1.69 44.49 15.62
N TYR B 144 0.78 43.52 15.58
CA TYR B 144 0.35 42.90 14.34
C TYR B 144 -0.24 43.94 13.38
N ARG B 145 -0.32 43.58 12.10
CA ARG B 145 -0.84 44.46 11.07
C ARG B 145 -2.26 44.14 10.66
N ASN B 146 -2.67 42.88 10.84
CA ASN B 146 -4.05 42.49 10.57
C ASN B 146 -4.92 42.51 11.81
N LEU B 147 -4.35 42.73 12.99
CA LEU B 147 -5.11 42.81 14.22
C LEU B 147 -4.90 44.16 14.89
N LEU B 148 -5.93 44.61 15.59
CA LEU B 148 -5.98 45.91 16.25
C LEU B 148 -6.26 45.69 17.72
N TRP B 149 -5.43 46.25 18.58
CA TRP B 149 -5.58 46.10 20.03
C TRP B 149 -6.35 47.29 20.57
N LEU B 150 -7.51 47.01 21.17
CA LEU B 150 -8.39 48.05 21.69
C LEU B 150 -8.12 48.27 23.18
N THR B 151 -8.32 49.51 23.63
CA THR B 151 -8.01 49.88 25.00
C THR B 151 -8.91 51.03 25.42
N GLU B 152 -9.12 51.14 26.73
CA GLU B 152 -10.01 52.13 27.32
C GLU B 152 -9.76 53.53 26.76
N LYS B 153 -10.78 54.39 26.85
CA LYS B 153 -10.66 55.81 26.51
C LYS B 153 -11.23 56.62 27.65
N ASP B 154 -10.43 57.52 28.21
CA ASP B 154 -10.88 58.44 29.26
C ASP B 154 -11.54 57.70 30.41
N GLY B 155 -10.93 56.57 30.80
CA GLY B 155 -11.38 55.86 31.98
C GLY B 155 -12.65 55.06 31.78
N SER B 156 -12.92 54.58 30.57
CA SER B 156 -14.10 53.78 30.32
C SER B 156 -13.81 52.80 29.19
N TYR B 157 -14.68 51.80 29.06
CA TYR B 157 -14.54 50.77 28.03
C TYR B 157 -15.92 50.19 27.76
N PRO B 158 -16.76 50.93 27.02
CA PRO B 158 -18.12 50.45 26.79
C PRO B 158 -18.15 49.15 26.00
N ASN B 159 -19.34 48.56 25.87
CA ASN B 159 -19.50 47.30 25.17
C ASN B 159 -19.31 47.51 23.66
N LEU B 160 -18.60 46.58 23.04
CA LEU B 160 -18.47 46.57 21.59
C LEU B 160 -19.70 45.92 20.95
N ASN B 161 -20.00 46.35 19.74
CA ASN B 161 -21.29 46.08 19.13
C ASN B 161 -21.21 45.80 17.63
N ASN B 162 -20.01 45.61 17.09
CA ASN B 162 -19.82 45.61 15.64
C ASN B 162 -20.17 44.27 15.01
N SER B 163 -20.44 44.32 13.71
CA SER B 163 -20.80 43.17 12.90
C SER B 163 -20.38 43.46 11.47
N TYR B 164 -20.55 42.47 10.60
CA TYR B 164 -20.15 42.61 9.21
C TYR B 164 -21.00 41.70 8.35
N VAL B 165 -21.45 42.21 7.20
CA VAL B 165 -22.21 41.43 6.23
C VAL B 165 -21.30 41.11 5.06
N ASN B 166 -21.14 39.82 4.78
CA ASN B 166 -20.26 39.34 3.72
C ASN B 166 -20.97 39.54 2.39
N LYS B 167 -20.80 40.72 1.80
CA LYS B 167 -21.36 41.00 0.48
C LYS B 167 -20.37 40.71 -0.64
N LYS B 168 -19.21 40.13 -0.33
CA LYS B 168 -18.39 39.53 -1.36
C LYS B 168 -19.04 38.24 -1.84
N GLY B 169 -18.60 37.77 -3.00
CA GLY B 169 -19.11 36.52 -3.54
C GLY B 169 -18.25 35.33 -3.15
N LYS B 170 -17.48 35.47 -2.08
CA LYS B 170 -16.50 34.46 -1.69
C LYS B 170 -16.47 34.29 -0.18
N GLU B 171 -15.79 33.24 0.26
CA GLU B 171 -15.57 33.03 1.68
C GLU B 171 -14.57 34.05 2.21
N VAL B 172 -14.84 34.57 3.40
CA VAL B 172 -14.03 35.61 4.03
C VAL B 172 -13.45 35.02 5.30
N LEU B 173 -12.13 35.10 5.45
CA LEU B 173 -11.45 34.55 6.62
C LEU B 173 -11.20 35.66 7.64
N VAL B 174 -11.85 35.55 8.80
CA VAL B 174 -11.82 36.55 9.86
C VAL B 174 -10.97 36.01 10.99
N LEU B 175 -10.02 36.82 11.46
CA LEU B 175 -9.14 36.43 12.56
C LEU B 175 -9.13 37.51 13.64
N TRP B 176 -8.97 37.07 14.88
CA TRP B 176 -8.98 37.97 16.02
C TRP B 176 -8.09 37.38 17.11
N GLY B 177 -8.31 37.81 18.35
CA GLY B 177 -7.65 37.21 19.48
C GLY B 177 -8.24 37.67 20.78
N VAL B 178 -8.01 36.90 21.83
CA VAL B 178 -8.43 37.24 23.18
C VAL B 178 -7.16 37.38 24.02
N HIS B 179 -7.10 38.44 24.82
CA HIS B 179 -5.93 38.76 25.60
C HIS B 179 -6.08 38.21 27.01
N HIS B 180 -5.02 37.57 27.52
CA HIS B 180 -5.00 36.99 28.85
C HIS B 180 -3.89 37.67 29.64
N PRO B 181 -4.19 38.76 30.34
CA PRO B 181 -3.16 39.43 31.13
C PRO B 181 -2.52 38.48 32.14
N SER B 182 -1.52 38.99 32.84
CA SER B 182 -0.81 38.20 33.83
C SER B 182 -1.27 38.49 35.26
N ASN B 183 -1.91 39.63 35.50
CA ASN B 183 -2.34 39.98 36.85
C ASN B 183 -3.56 40.91 36.76
N ILE B 184 -4.27 41.01 37.88
CA ILE B 184 -5.49 41.81 37.91
C ILE B 184 -5.19 43.28 37.66
N LYS B 185 -4.00 43.75 38.06
CA LYS B 185 -3.68 45.16 37.88
C LYS B 185 -3.62 45.53 36.40
N ASP B 186 -3.04 44.67 35.57
CA ASP B 186 -3.05 44.93 34.13
C ASP B 186 -4.46 44.92 33.57
N GLN B 187 -5.28 43.98 34.01
CA GLN B 187 -6.68 43.95 33.55
C GLN B 187 -7.37 45.26 33.85
N GLN B 188 -7.28 45.72 35.10
CA GLN B 188 -7.97 46.95 35.48
C GLN B 188 -7.44 48.15 34.71
N THR B 189 -6.13 48.25 34.54
CA THR B 189 -5.56 49.40 33.86
C THR B 189 -5.97 49.45 32.40
N LEU B 190 -6.07 48.29 31.76
CA LEU B 190 -6.34 48.24 30.32
C LEU B 190 -7.84 48.31 30.01
N TYR B 191 -8.67 47.71 30.86
CA TYR B 191 -10.08 47.53 30.53
C TYR B 191 -11.05 48.01 31.60
N GLN B 192 -10.58 48.31 32.82
CA GLN B 192 -11.42 48.87 33.86
C GLN B 192 -12.49 47.89 34.34
N LYS B 193 -12.22 46.59 34.21
CA LYS B 193 -13.14 45.57 34.72
C LYS B 193 -12.33 44.34 35.08
N GLU B 194 -12.81 43.60 36.07
CA GLU B 194 -12.15 42.35 36.45
C GLU B 194 -12.62 41.17 35.63
N ASN B 195 -13.92 41.08 35.35
CA ASN B 195 -14.50 39.98 34.59
C ASN B 195 -14.96 40.51 33.25
N ALA B 196 -14.48 39.89 32.17
CA ALA B 196 -14.81 40.31 30.82
C ALA B 196 -15.18 39.08 30.02
N TYR B 197 -15.75 39.31 28.84
CA TYR B 197 -16.19 38.23 27.97
C TYR B 197 -16.03 38.67 26.53
N VAL B 198 -16.00 37.69 25.62
CA VAL B 198 -15.96 37.95 24.19
C VAL B 198 -16.78 36.87 23.49
N SER B 199 -17.76 37.30 22.69
CA SER B 199 -18.67 36.38 22.01
C SER B 199 -18.67 36.66 20.52
N VAL B 200 -18.51 35.60 19.73
CA VAL B 200 -18.56 35.69 18.27
C VAL B 200 -19.62 34.71 17.78
N VAL B 201 -20.48 35.17 16.88
CA VAL B 201 -21.62 34.39 16.42
C VAL B 201 -21.87 34.66 14.94
N SER B 202 -22.30 33.63 14.22
CA SER B 202 -22.78 33.77 12.85
C SER B 202 -23.80 32.65 12.61
N SER B 203 -24.24 32.50 11.36
CA SER B 203 -25.22 31.46 11.05
C SER B 203 -24.61 30.07 11.17
N ASN B 204 -23.30 29.98 11.32
CA ASN B 204 -22.57 28.72 11.35
C ASN B 204 -21.55 28.65 12.46
N TYR B 205 -21.36 29.72 13.22
CA TYR B 205 -20.35 29.79 14.27
C TYR B 205 -20.99 30.38 15.52
N ASN B 206 -20.54 29.92 16.68
CA ASN B 206 -21.07 30.40 17.96
C ASN B 206 -20.02 30.07 19.02
N ARG B 207 -19.52 31.08 19.70
CA ARG B 207 -18.43 30.87 20.64
C ARG B 207 -18.32 32.07 21.58
N ARG B 208 -17.92 31.78 22.82
CA ARG B 208 -17.76 32.80 23.86
C ARG B 208 -16.41 32.56 24.52
N PHE B 209 -15.75 33.64 24.93
CA PHE B 209 -14.45 33.55 25.57
C PHE B 209 -14.46 34.31 26.90
N THR B 210 -13.67 33.84 27.86
CA THR B 210 -13.52 34.46 29.15
C THR B 210 -12.02 34.55 29.44
N PRO B 211 -11.54 35.65 30.01
CA PRO B 211 -10.11 35.77 30.29
C PRO B 211 -9.66 34.88 31.43
N GLU B 212 -8.37 34.54 31.42
CA GLU B 212 -7.73 33.78 32.48
C GLU B 212 -6.47 34.49 32.90
N ILE B 213 -6.41 34.91 34.16
CA ILE B 213 -5.34 35.76 34.68
C ILE B 213 -4.55 34.94 35.69
N ALA B 214 -3.24 34.83 35.47
CA ALA B 214 -2.37 34.07 36.36
C ALA B 214 -0.92 34.26 35.92
N GLU B 215 -0.01 34.23 36.88
CA GLU B 215 1.41 34.38 36.57
C GLU B 215 1.88 33.20 35.75
N ARG B 216 2.66 33.48 34.71
CA ARG B 216 3.12 32.48 33.77
C ARG B 216 4.61 32.69 33.52
N PRO B 217 5.33 31.64 33.09
CA PRO B 217 6.73 31.82 32.72
C PRO B 217 6.89 32.78 31.55
N LYS B 218 7.98 33.54 31.55
CA LYS B 218 8.19 34.59 30.55
C LYS B 218 8.65 33.97 29.24
N VAL B 219 7.88 34.23 28.18
CA VAL B 219 8.23 33.85 26.80
C VAL B 219 8.37 35.15 26.02
N ARG B 220 9.55 35.36 25.44
CA ARG B 220 9.88 36.59 24.73
C ARG B 220 9.77 37.81 25.64
N GLY B 221 9.87 37.59 26.95
CA GLY B 221 9.79 38.66 27.91
C GLY B 221 8.40 39.01 28.42
N GLN B 222 7.39 38.22 28.11
CA GLN B 222 6.01 38.53 28.49
C GLN B 222 5.45 37.42 29.35
N ALA B 223 4.78 37.80 30.43
CA ALA B 223 4.03 36.88 31.28
C ALA B 223 2.58 36.73 30.85
N GLY B 224 2.15 37.47 29.82
CA GLY B 224 0.80 37.37 29.31
C GLY B 224 0.74 36.56 28.03
N ARG B 225 -0.49 36.29 27.62
CA ARG B 225 -0.75 35.43 26.46
C ARG B 225 -1.87 36.05 25.64
N ILE B 226 -1.82 35.82 24.33
CA ILE B 226 -2.93 36.14 23.44
C ILE B 226 -3.26 34.88 22.64
N ASN B 227 -4.51 34.42 22.76
CA ASN B 227 -4.98 33.29 21.98
C ASN B 227 -5.55 33.78 20.66
N TYR B 228 -5.32 33.02 19.59
CA TYR B 228 -5.74 33.41 18.25
C TYR B 228 -6.74 32.40 17.71
N TYR B 229 -7.83 32.90 17.13
CA TYR B 229 -8.91 32.09 16.60
C TYR B 229 -9.20 32.54 15.16
N TRP B 230 -10.10 31.83 14.49
CA TRP B 230 -10.47 32.18 13.12
C TRP B 230 -11.76 31.47 12.75
N THR B 231 -12.40 31.99 11.69
CA THR B 231 -13.59 31.39 11.12
C THR B 231 -13.68 31.76 9.65
N LEU B 232 -14.57 31.07 8.92
CA LEU B 232 -14.82 31.31 7.51
C LEU B 232 -16.28 31.71 7.33
N LEU B 233 -16.51 32.83 6.66
CA LEU B 233 -17.86 33.32 6.42
C LEU B 233 -18.38 32.85 5.07
N LYS B 234 -19.58 32.26 5.07
CA LYS B 234 -20.26 31.90 3.85
C LYS B 234 -20.82 33.16 3.19
N PRO B 235 -21.00 33.14 1.86
CA PRO B 235 -21.56 34.33 1.19
C PRO B 235 -22.92 34.71 1.76
N GLY B 236 -23.14 36.01 1.90
CA GLY B 236 -24.36 36.52 2.48
C GLY B 236 -24.47 36.37 3.97
N ASP B 237 -23.53 35.66 4.60
CA ASP B 237 -23.59 35.46 6.04
C ASP B 237 -22.98 36.66 6.76
N THR B 238 -23.40 36.85 8.00
CA THR B 238 -23.04 38.01 8.80
C THR B 238 -22.35 37.52 10.06
N ILE B 239 -21.29 38.23 10.45
CA ILE B 239 -20.52 37.90 11.65
C ILE B 239 -20.63 39.07 12.60
N MET B 240 -20.96 38.78 13.85
CA MET B 240 -21.21 39.79 14.87
C MET B 240 -20.20 39.63 15.99
N PHE B 241 -19.70 40.75 16.51
CA PHE B 241 -18.74 40.77 17.60
C PHE B 241 -19.32 41.49 18.80
N GLU B 242 -19.20 40.89 19.97
CA GLU B 242 -19.53 41.54 21.24
C GLU B 242 -18.35 41.37 22.18
N ALA B 243 -17.99 42.43 22.89
CA ALA B 243 -16.92 42.35 23.88
C ALA B 243 -16.86 43.58 24.77
N ASN B 244 -16.77 43.36 26.08
CA ASN B 244 -16.55 44.43 27.04
C ASN B 244 -15.10 44.48 27.51
N GLY B 245 -14.21 43.76 26.84
CA GLY B 245 -12.80 43.76 27.18
C GLY B 245 -12.05 42.59 26.55
N ASN B 246 -10.72 42.66 26.60
CA ASN B 246 -9.85 41.54 26.22
C ASN B 246 -10.04 41.11 24.76
N LEU B 247 -10.47 42.02 23.89
CA LEU B 247 -10.63 41.72 22.47
C LEU B 247 -9.47 42.35 21.70
N ILE B 248 -8.85 41.54 20.84
CA ILE B 248 -7.82 42.02 19.91
C ILE B 248 -8.52 42.11 18.56
N ALA B 249 -9.13 43.26 18.27
CA ALA B 249 -10.14 43.32 17.24
C ALA B 249 -9.54 43.01 15.87
N PRO B 250 -10.35 42.48 14.94
CA PRO B 250 -9.87 42.31 13.57
C PRO B 250 -9.77 43.64 12.85
N TRP B 251 -8.75 43.77 12.01
CA TRP B 251 -8.54 44.98 11.22
C TRP B 251 -8.54 44.72 9.72
N TYR B 252 -7.83 43.68 9.27
CA TYR B 252 -7.86 43.28 7.87
C TYR B 252 -8.21 41.81 7.77
N ALA B 253 -9.13 41.50 6.86
CA ALA B 253 -9.62 40.14 6.62
C ALA B 253 -9.18 39.73 5.22
N PHE B 254 -9.58 38.54 4.80
CA PHE B 254 -9.22 38.01 3.49
C PHE B 254 -10.44 37.39 2.82
N ALA B 255 -10.57 37.62 1.52
CA ALA B 255 -11.59 36.96 0.70
C ALA B 255 -10.91 35.84 -0.09
N LEU B 256 -11.37 34.62 0.10
CA LEU B 256 -10.66 33.42 -0.34
C LEU B 256 -11.22 32.93 -1.67
N SER B 257 -10.33 32.63 -2.60
CA SER B 257 -10.70 31.98 -3.85
C SER B 257 -10.04 30.61 -3.90
N ARG B 258 -10.86 29.57 -3.98
CA ARG B 258 -10.37 28.20 -3.90
C ARG B 258 -9.75 27.78 -5.22
N GLY B 259 -8.94 26.73 -5.16
CA GLY B 259 -8.28 26.21 -6.35
C GLY B 259 -7.77 24.81 -6.10
N PHE B 260 -7.32 24.17 -7.16
CA PHE B 260 -6.85 22.80 -7.12
C PHE B 260 -5.34 22.75 -7.33
N GLY B 261 -4.69 21.80 -6.65
CA GLY B 261 -3.31 21.50 -6.91
C GLY B 261 -2.29 22.28 -6.11
N SER B 262 -2.73 23.05 -5.12
CA SER B 262 -1.82 23.86 -4.31
C SER B 262 -1.33 23.06 -3.12
N GLY B 263 -0.41 23.65 -2.35
CA GLY B 263 0.09 23.00 -1.16
C GLY B 263 1.12 23.86 -0.46
N ILE B 264 1.51 23.40 0.73
CA ILE B 264 2.51 24.06 1.56
C ILE B 264 3.70 23.14 1.69
N ILE B 265 4.90 23.66 1.41
CA ILE B 265 6.12 22.86 1.50
C ILE B 265 7.21 23.67 2.20
N THR B 266 8.16 22.94 2.78
CA THR B 266 9.29 23.53 3.49
C THR B 266 10.54 23.28 2.66
N SER B 267 11.18 24.36 2.22
CA SER B 267 12.26 24.30 1.24
C SER B 267 13.34 25.30 1.60
N ASN B 268 14.57 24.94 1.27
CA ASN B 268 15.74 25.79 1.46
C ASN B 268 16.29 26.32 0.14
N ALA B 269 15.60 26.05 -0.97
CA ALA B 269 16.10 26.37 -2.29
C ALA B 269 15.77 27.81 -2.67
N SER B 270 16.54 28.34 -3.61
CA SER B 270 16.36 29.70 -4.09
C SER B 270 15.23 29.75 -5.13
N MET B 271 14.93 30.96 -5.58
CA MET B 271 13.83 31.22 -6.51
C MET B 271 14.42 31.72 -7.83
N HIS B 272 13.78 31.34 -8.93
CA HIS B 272 14.20 31.81 -10.25
C HIS B 272 12.99 31.86 -11.17
N GLU B 273 13.19 32.45 -12.34
CA GLU B 273 12.12 32.62 -13.33
C GLU B 273 12.26 31.51 -14.36
N CYS B 274 11.71 30.36 -14.02
CA CYS B 274 11.74 29.17 -14.85
C CYS B 274 10.42 28.43 -14.67
N ASP B 275 10.03 27.65 -15.66
CA ASP B 275 8.78 26.91 -15.60
C ASP B 275 9.05 25.43 -15.38
N THR B 276 8.14 24.77 -14.67
CA THR B 276 8.21 23.35 -14.40
C THR B 276 6.81 22.76 -14.41
N LYS B 277 6.74 21.44 -14.63
CA LYS B 277 5.50 20.69 -14.48
C LYS B 277 5.47 19.87 -13.21
N CYS B 278 6.63 19.53 -12.66
CA CYS B 278 6.75 18.81 -11.40
C CYS B 278 7.78 19.50 -10.53
N GLN B 279 7.50 19.56 -9.23
CA GLN B 279 8.36 20.28 -8.31
C GLN B 279 8.45 19.52 -7.00
N THR B 280 9.64 19.53 -6.42
CA THR B 280 9.90 18.98 -5.10
C THR B 280 10.54 20.03 -4.21
N PRO B 281 10.48 19.86 -2.89
CA PRO B 281 11.18 20.78 -1.98
C PRO B 281 12.67 20.87 -2.25
N GLN B 282 13.22 19.95 -3.05
CA GLN B 282 14.62 20.01 -3.45
C GLN B 282 14.82 20.76 -4.75
N GLY B 283 14.10 20.37 -5.79
CA GLY B 283 14.28 21.00 -7.08
C GLY B 283 13.30 20.43 -8.08
N ALA B 284 13.40 20.94 -9.29
CA ALA B 284 12.43 20.63 -10.32
C ALA B 284 12.71 19.26 -10.90
N ILE B 285 11.71 18.72 -11.59
CA ILE B 285 11.84 17.46 -12.29
C ILE B 285 11.49 17.70 -13.76
N ASN B 286 12.24 17.05 -14.64
CA ASN B 286 12.43 17.41 -16.03
C ASN B 286 12.29 16.20 -16.92
N SER B 287 11.36 15.30 -16.58
CA SER B 287 11.46 13.96 -17.10
C SER B 287 10.09 13.40 -17.35
N SER B 288 10.05 12.33 -18.12
CA SER B 288 8.81 11.61 -18.38
C SER B 288 8.81 10.21 -17.78
N LEU B 289 9.80 9.86 -16.96
CA LEU B 289 9.86 8.49 -16.47
C LEU B 289 8.74 8.24 -15.47
N PRO B 290 8.36 6.98 -15.28
CA PRO B 290 7.23 6.67 -14.39
C PRO B 290 7.57 6.73 -12.91
N PHE B 291 8.83 6.54 -12.53
CA PHE B 291 9.22 6.52 -11.13
C PHE B 291 10.31 7.54 -10.88
N GLN B 292 10.37 7.98 -9.64
CA GLN B 292 11.39 8.89 -9.16
C GLN B 292 11.66 8.55 -7.71
N ASN B 293 12.80 9.03 -7.21
CA ASN B 293 13.18 8.77 -5.83
C ASN B 293 13.72 10.03 -5.15
N ILE B 294 13.37 11.21 -5.65
CA ILE B 294 13.99 12.44 -5.17
C ILE B 294 13.39 12.86 -3.83
N HIS B 295 12.07 12.83 -3.71
CA HIS B 295 11.39 13.23 -2.48
C HIS B 295 9.98 12.68 -2.53
N PRO B 296 9.37 12.38 -1.39
CA PRO B 296 7.95 11.99 -1.39
C PRO B 296 7.01 13.14 -1.65
N ILE B 297 7.35 14.34 -1.17
CA ILE B 297 6.45 15.49 -1.28
C ILE B 297 6.57 16.10 -2.67
N THR B 298 5.42 16.38 -3.27
CA THR B 298 5.40 16.88 -4.64
C THR B 298 4.25 17.86 -4.79
N ILE B 299 4.37 18.73 -5.79
CA ILE B 299 3.28 19.61 -6.20
C ILE B 299 3.20 19.54 -7.71
N GLY B 300 2.01 19.19 -8.22
CA GLY B 300 1.81 19.07 -9.65
C GLY B 300 1.70 17.62 -10.08
N GLU B 301 2.00 17.38 -11.35
CA GLU B 301 1.92 16.04 -11.94
C GLU B 301 3.32 15.45 -11.93
N CYS B 302 3.60 14.60 -10.96
CA CYS B 302 4.95 14.12 -10.69
C CYS B 302 5.02 12.60 -10.76
N PRO B 303 6.20 12.04 -11.07
CA PRO B 303 6.34 10.59 -11.06
C PRO B 303 6.13 10.00 -9.67
N LYS B 304 5.73 8.74 -9.63
CA LYS B 304 5.52 8.06 -8.35
C LYS B 304 6.85 7.85 -7.62
N TYR B 305 6.81 8.04 -6.30
CA TYR B 305 8.00 7.89 -5.48
C TYR B 305 8.22 6.43 -5.09
N VAL B 306 9.48 6.00 -5.17
CA VAL B 306 9.87 4.65 -4.80
C VAL B 306 11.25 4.69 -4.17
N ARG B 307 11.44 3.90 -3.12
CA ARG B 307 12.72 3.86 -2.41
C ARG B 307 13.82 3.20 -3.22
N SER B 308 13.50 2.58 -4.36
CA SER B 308 14.49 1.87 -5.15
C SER B 308 15.59 2.81 -5.62
N THR B 309 16.79 2.26 -5.75
CA THR B 309 17.94 3.01 -6.23
C THR B 309 18.16 2.85 -7.74
N LYS B 310 17.59 1.83 -8.36
CA LYS B 310 17.73 1.64 -9.80
C LYS B 310 16.63 0.73 -10.32
N LEU B 311 15.88 1.20 -11.32
CA LEU B 311 14.83 0.42 -11.97
C LEU B 311 15.06 0.50 -13.47
N ARG B 312 15.70 -0.52 -14.02
CA ARG B 312 16.02 -0.56 -15.44
C ARG B 312 15.20 -1.65 -16.13
N MET B 313 14.52 -1.26 -17.21
CA MET B 313 13.79 -2.21 -18.03
C MET B 313 14.68 -2.64 -19.19
N VAL B 314 14.54 -3.90 -19.59
CA VAL B 314 15.29 -4.44 -20.73
C VAL B 314 14.52 -4.14 -22.00
N THR B 315 15.09 -3.32 -22.88
CA THR B 315 14.56 -3.09 -24.22
C THR B 315 15.59 -3.55 -25.25
N GLY B 316 16.23 -4.67 -24.97
CA GLY B 316 17.27 -5.16 -25.84
C GLY B 316 17.64 -6.57 -25.45
N LEU B 317 18.70 -7.05 -26.06
CA LEU B 317 19.10 -8.44 -25.90
C LEU B 317 20.11 -8.57 -24.76
N ARG B 318 20.41 -9.82 -24.42
CA ARG B 318 21.54 -10.11 -23.56
C ARG B 318 22.84 -9.77 -24.29
N ASN B 319 23.76 -9.11 -23.58
CA ASN B 319 25.05 -8.74 -24.13
C ASN B 319 26.05 -9.80 -23.68
N ILE B 320 26.44 -10.67 -24.61
CA ILE B 320 27.38 -11.74 -24.32
C ILE B 320 28.45 -11.76 -25.41
N PRO B 321 29.29 -10.73 -25.51
CA PRO B 321 30.32 -10.68 -26.55
C PRO B 321 31.39 -11.75 -26.38
N ASP C 1 25.49 -51.29 -25.99
CA ASP C 1 25.77 -50.10 -25.13
C ASP C 1 24.64 -49.09 -25.26
N THR C 2 24.25 -48.50 -24.13
CA THR C 2 23.15 -47.55 -24.10
C THR C 2 23.45 -46.46 -23.08
N ILE C 3 23.04 -45.24 -23.39
CA ILE C 3 23.08 -44.12 -22.45
C ILE C 3 21.73 -43.44 -22.47
N CYS C 4 21.39 -42.79 -21.36
CA CYS C 4 20.09 -42.16 -21.22
C CYS C 4 20.23 -40.95 -20.33
N ILE C 5 19.20 -40.09 -20.36
CA ILE C 5 19.15 -38.89 -19.54
C ILE C 5 17.80 -38.80 -18.86
N GLY C 6 17.81 -38.41 -17.60
CA GLY C 6 16.60 -38.30 -16.83
C GLY C 6 16.80 -37.32 -15.69
N TYR C 7 15.92 -37.41 -14.69
CA TYR C 7 15.99 -36.54 -13.53
C TYR C 7 15.64 -37.31 -12.27
N HIS C 8 15.87 -36.67 -11.13
CA HIS C 8 15.80 -37.34 -9.84
C HIS C 8 14.36 -37.66 -9.46
N ALA C 9 14.17 -38.82 -8.84
CA ALA C 9 12.89 -39.23 -8.27
C ALA C 9 13.10 -39.59 -6.81
N ASN C 10 12.15 -39.21 -5.95
CA ASN C 10 12.34 -39.29 -4.51
C ASN C 10 11.09 -39.89 -3.86
N ASN C 11 11.29 -40.60 -2.75
CA ASN C 11 10.16 -41.12 -1.98
C ASN C 11 9.84 -40.17 -0.82
N SER C 12 9.57 -38.91 -1.21
CA SER C 12 9.05 -37.89 -0.33
C SER C 12 7.90 -37.20 -1.05
N THR C 13 6.89 -36.78 -0.29
CA THR C 13 5.59 -36.48 -0.89
C THR C 13 5.15 -35.04 -0.69
N ASP C 14 6.09 -34.10 -0.79
CA ASP C 14 5.72 -32.69 -0.73
C ASP C 14 4.86 -32.33 -1.94
N THR C 15 3.91 -31.43 -1.73
CA THR C 15 2.99 -31.01 -2.78
C THR C 15 2.97 -29.49 -2.84
N VAL C 16 2.81 -28.97 -4.06
CA VAL C 16 2.86 -27.53 -4.32
C VAL C 16 1.79 -27.17 -5.34
N ASP C 17 1.52 -25.87 -5.45
CA ASP C 17 0.48 -25.36 -6.33
C ASP C 17 1.05 -24.30 -7.26
N THR C 18 0.58 -24.30 -8.51
CA THR C 18 1.00 -23.31 -9.49
C THR C 18 -0.22 -22.64 -10.11
N VAL C 19 0.00 -21.82 -11.14
CA VAL C 19 -1.11 -21.12 -11.77
C VAL C 19 -2.00 -22.09 -12.54
N LEU C 20 -1.40 -23.02 -13.26
CA LEU C 20 -2.16 -23.96 -14.09
C LEU C 20 -2.48 -25.26 -13.37
N GLU C 21 -1.72 -25.64 -12.34
CA GLU C 21 -1.89 -26.91 -11.67
C GLU C 21 -1.98 -26.71 -10.17
N LYS C 22 -2.66 -27.66 -9.50
CA LYS C 22 -2.81 -27.65 -8.06
C LYS C 22 -2.43 -29.01 -7.50
N ASN C 23 -1.87 -29.00 -6.29
CA ASN C 23 -1.42 -30.22 -5.62
C ASN C 23 -0.45 -30.99 -6.54
N VAL C 24 0.64 -30.32 -6.93
CA VAL C 24 1.70 -30.93 -7.72
C VAL C 24 2.75 -31.49 -6.77
N THR C 25 3.19 -32.71 -7.04
CA THR C 25 4.16 -33.39 -6.19
C THR C 25 5.57 -33.02 -6.61
N VAL C 26 6.39 -32.60 -5.66
CA VAL C 26 7.75 -32.15 -5.91
C VAL C 26 8.71 -32.89 -5.00
N THR C 27 9.93 -33.10 -5.50
CA THR C 27 10.93 -33.83 -4.74
C THR C 27 11.39 -33.05 -3.51
N HIS C 28 11.61 -31.75 -3.67
CA HIS C 28 12.04 -30.89 -2.57
C HIS C 28 11.17 -29.65 -2.53
N SER C 29 11.09 -29.04 -1.34
CA SER C 29 10.35 -27.80 -1.18
C SER C 29 10.87 -27.08 0.05
N VAL C 30 10.63 -25.78 0.09
CA VAL C 30 10.98 -24.93 1.22
C VAL C 30 9.74 -24.16 1.63
N ASN C 31 9.46 -24.12 2.91
CA ASN C 31 8.28 -23.44 3.43
C ASN C 31 8.63 -21.98 3.71
N LEU C 32 7.88 -21.06 3.12
CA LEU C 32 8.09 -19.63 3.30
C LEU C 32 7.25 -19.05 4.43
N LEU C 33 6.49 -19.86 5.14
CA LEU C 33 5.58 -19.39 6.18
C LEU C 33 5.94 -20.05 7.50
N GLU C 34 6.16 -19.25 8.53
CA GLU C 34 6.45 -19.75 9.87
C GLU C 34 5.16 -19.84 10.67
N ASP C 35 5.00 -20.95 11.40
CA ASP C 35 3.82 -21.15 12.23
C ASP C 35 4.17 -21.67 13.63
N SER C 36 5.45 -21.72 13.98
CA SER C 36 5.90 -22.21 15.27
C SER C 36 6.50 -21.06 16.07
N HIS C 37 6.30 -21.09 17.38
CA HIS C 37 6.75 -20.03 18.26
C HIS C 37 7.14 -20.63 19.61
N ASN C 38 7.97 -19.88 20.34
CA ASN C 38 8.44 -20.35 21.63
C ASN C 38 7.30 -20.51 22.63
N GLY C 39 6.36 -19.58 22.63
CA GLY C 39 5.25 -19.61 23.57
C GLY C 39 5.54 -18.99 24.91
N LYS C 40 6.52 -18.09 25.00
CA LYS C 40 6.90 -17.47 26.25
C LYS C 40 7.36 -16.04 25.98
N LEU C 41 7.23 -15.19 27.00
CA LEU C 41 7.73 -13.81 26.92
C LEU C 41 9.22 -13.83 27.17
N CYS C 42 10.01 -13.64 26.12
CA CYS C 42 11.45 -13.72 26.21
C CYS C 42 12.07 -12.32 26.35
N ARG C 43 13.39 -12.28 26.53
CA ARG C 43 14.12 -11.04 26.69
C ARG C 43 14.53 -10.52 25.31
N LEU C 44 14.39 -9.21 25.11
CA LEU C 44 14.63 -8.58 23.82
C LEU C 44 15.92 -7.76 23.90
N LYS C 45 16.97 -8.27 23.26
CA LYS C 45 18.27 -7.61 23.23
C LYS C 45 18.80 -7.33 24.63
N GLY C 46 18.60 -8.29 25.53
CA GLY C 46 19.22 -8.23 26.83
C GLY C 46 18.45 -7.46 27.89
N ILE C 47 17.27 -6.95 27.58
CA ILE C 47 16.49 -6.16 28.54
C ILE C 47 15.13 -6.82 28.72
N ALA C 48 14.75 -7.03 29.97
CA ALA C 48 13.47 -7.65 30.30
C ALA C 48 12.33 -6.67 30.07
N PRO C 49 11.13 -7.18 29.83
CA PRO C 49 9.98 -6.29 29.62
C PRO C 49 9.43 -5.75 30.93
N LEU C 50 8.54 -4.79 30.80
CA LEU C 50 7.77 -4.28 31.94
C LEU C 50 6.49 -5.10 32.02
N GLN C 51 6.53 -6.17 32.81
CA GLN C 51 5.37 -7.03 33.03
C GLN C 51 4.46 -6.36 34.05
N LEU C 52 3.49 -5.58 33.56
CA LEU C 52 2.57 -4.89 34.46
C LEU C 52 1.72 -5.88 35.23
N GLY C 53 1.20 -6.90 34.56
CA GLY C 53 0.45 -7.95 35.22
C GLY C 53 -0.93 -7.54 35.68
N LYS C 54 -1.10 -7.36 37.00
CA LYS C 54 -2.41 -7.04 37.55
C LYS C 54 -2.92 -5.70 37.05
N CYS C 55 -2.05 -4.70 36.97
CA CYS C 55 -2.46 -3.34 36.65
C CYS C 55 -2.04 -2.98 35.23
N ASN C 56 -2.54 -1.85 34.76
CA ASN C 56 -2.35 -1.40 33.38
C ASN C 56 -1.60 -0.06 33.39
N ILE C 57 -1.57 0.60 32.23
CA ILE C 57 -0.83 1.85 32.10
C ILE C 57 -1.31 2.87 33.12
N ALA C 58 -2.63 3.01 33.25
CA ALA C 58 -3.17 4.02 34.16
C ALA C 58 -2.77 3.76 35.59
N GLY C 59 -2.92 2.51 36.05
CA GLY C 59 -2.52 2.18 37.41
C GLY C 59 -1.03 2.26 37.61
N TRP C 60 -0.27 1.89 36.58
CA TRP C 60 1.19 1.93 36.68
C TRP C 60 1.70 3.37 36.80
N ILE C 61 1.07 4.30 36.08
CA ILE C 61 1.56 5.67 36.04
C ILE C 61 1.05 6.46 37.25
N LEU C 62 -0.17 6.18 37.71
CA LEU C 62 -0.68 6.79 38.92
C LEU C 62 -0.17 6.08 40.17
N GLY C 63 0.35 4.87 40.05
CA GLY C 63 0.93 4.17 41.17
C GLY C 63 -0.07 3.72 42.20
N ASN C 64 -1.12 3.03 41.77
CA ASN C 64 -2.15 2.58 42.70
C ASN C 64 -1.60 1.44 43.56
N PRO C 65 -2.15 1.24 44.76
CA PRO C 65 -1.48 0.38 45.75
C PRO C 65 -1.30 -1.07 45.31
N GLU C 66 -2.06 -1.53 44.32
CA GLU C 66 -2.04 -2.96 43.99
C GLU C 66 -0.79 -3.40 43.25
N CYS C 67 -0.06 -2.49 42.60
CA CYS C 67 1.17 -2.84 41.90
C CYS C 67 2.30 -1.88 42.30
N GLU C 68 2.47 -1.71 43.61
CA GLU C 68 3.59 -0.93 44.14
C GLU C 68 4.94 -1.52 43.78
N SER C 69 5.00 -2.80 43.40
CA SER C 69 6.28 -3.42 43.08
C SER C 69 6.90 -2.82 41.83
N LEU C 70 6.09 -2.32 40.91
CA LEU C 70 6.59 -1.76 39.66
C LEU C 70 7.36 -0.46 39.85
N LEU C 71 7.30 0.14 41.04
CA LEU C 71 7.91 1.45 41.25
C LEU C 71 9.42 1.41 41.28
N SER C 72 10.03 0.22 41.32
CA SER C 72 11.48 0.08 41.31
C SER C 72 12.03 -0.16 39.92
N GLU C 73 11.17 -0.28 38.90
CA GLU C 73 11.62 -0.49 37.54
C GLU C 73 12.13 0.80 36.94
N ARG C 74 13.20 0.70 36.13
CA ARG C 74 13.79 1.87 35.50
C ARG C 74 14.05 1.71 34.01
N SER C 75 14.18 0.49 33.49
CA SER C 75 14.43 0.31 32.06
C SER C 75 13.75 -0.97 31.58
N TRP C 76 13.37 -0.97 30.31
CA TRP C 76 12.62 -2.10 29.75
C TRP C 76 12.77 -2.07 28.23
N SER C 77 12.29 -3.14 27.59
CA SER C 77 12.25 -3.24 26.13
C SER C 77 10.85 -3.17 25.56
N TYR C 78 9.84 -3.65 26.27
CA TYR C 78 8.45 -3.51 25.85
C TYR C 78 7.56 -3.70 27.06
N ILE C 79 6.37 -3.10 26.99
CA ILE C 79 5.39 -3.15 28.08
C ILE C 79 4.40 -4.25 27.76
N VAL C 80 4.15 -5.11 28.74
CA VAL C 80 3.29 -6.28 28.58
C VAL C 80 2.10 -6.13 29.53
N GLU C 81 0.90 -6.13 28.97
CA GLU C 81 -0.32 -6.21 29.76
C GLU C 81 -0.88 -7.63 29.66
N THR C 82 -1.89 -7.91 30.48
CA THR C 82 -2.53 -9.22 30.52
C THR C 82 -4.03 -9.05 30.32
N PRO C 83 -4.72 -10.09 29.88
CA PRO C 83 -6.18 -9.96 29.69
C PRO C 83 -6.92 -9.53 30.95
N ASN C 84 -6.43 -9.93 32.13
CA ASN C 84 -7.06 -9.58 33.39
C ASN C 84 -6.39 -8.36 34.04
N SER C 85 -5.91 -7.43 33.24
CA SER C 85 -5.33 -6.19 33.74
C SER C 85 -6.47 -5.21 33.97
N GLU C 86 -7.05 -5.29 35.18
CA GLU C 86 -8.23 -4.51 35.54
C GLU C 86 -7.91 -3.34 36.46
N ASN C 87 -6.81 -3.40 37.20
CA ASN C 87 -6.50 -2.38 38.20
C ASN C 87 -5.89 -1.17 37.50
N GLY C 88 -6.71 -0.14 37.30
CA GLY C 88 -6.27 1.12 36.76
C GLY C 88 -6.53 2.25 37.74
N THR C 89 -7.47 3.13 37.42
CA THR C 89 -7.85 4.22 38.32
C THR C 89 -8.78 3.67 39.38
N CYS C 90 -8.25 3.43 40.58
CA CYS C 90 -9.05 2.87 41.66
C CYS C 90 -10.16 3.81 42.10
N PHE C 91 -9.96 5.13 41.90
CA PHE C 91 -11.01 6.10 42.19
C PHE C 91 -11.70 6.50 40.89
N PRO C 92 -13.03 6.39 40.77
CA PRO C 92 -13.68 6.61 39.48
C PRO C 92 -13.39 8.00 38.93
N GLY C 93 -13.34 8.09 37.62
CA GLY C 93 -13.09 9.36 36.97
C GLY C 93 -12.64 9.14 35.54
N ASP C 94 -12.44 10.27 34.85
CA ASP C 94 -12.05 10.26 33.45
C ASP C 94 -10.58 10.64 33.32
N PHE C 95 -9.77 9.75 32.77
CA PHE C 95 -8.36 10.01 32.50
C PHE C 95 -8.28 10.66 31.13
N ILE C 96 -8.14 11.99 31.12
CA ILE C 96 -8.29 12.77 29.90
C ILE C 96 -7.03 12.66 29.06
N ASP C 97 -7.22 12.45 27.76
CA ASP C 97 -6.13 12.18 26.83
C ASP C 97 -5.35 10.94 27.27
N TYR C 98 -6.07 9.94 27.76
CA TYR C 98 -5.43 8.70 28.19
C TYR C 98 -4.73 8.02 27.03
N GLU C 99 -5.40 7.93 25.88
CA GLU C 99 -4.82 7.22 24.74
C GLU C 99 -3.62 7.96 24.17
N GLU C 100 -3.57 9.29 24.35
CA GLU C 100 -2.37 10.02 23.97
C GLU C 100 -1.19 9.72 24.89
N LEU C 101 -1.46 9.57 26.20
CA LEU C 101 -0.41 9.19 27.12
C LEU C 101 0.15 7.82 26.78
N ARG C 102 -0.73 6.87 26.43
CA ARG C 102 -0.29 5.54 26.05
C ARG C 102 0.63 5.60 24.83
N GLU C 103 0.29 6.45 23.86
CA GLU C 103 1.12 6.60 22.67
C GLU C 103 2.47 7.22 23.01
N GLN C 104 2.48 8.20 23.92
CA GLN C 104 3.73 8.79 24.36
C GLN C 104 4.59 7.79 25.11
N LEU C 105 3.98 7.02 26.01
CA LEU C 105 4.71 6.00 26.77
C LEU C 105 5.19 4.86 25.89
N SER C 106 4.63 4.71 24.69
CA SER C 106 5.03 3.65 23.77
C SER C 106 6.38 3.89 23.13
N SER C 107 7.05 5.01 23.45
CA SER C 107 8.36 5.32 22.88
C SER C 107 9.42 5.51 23.96
N VAL C 108 9.07 5.32 25.22
CA VAL C 108 9.99 5.54 26.33
C VAL C 108 10.77 4.27 26.59
N SER C 109 12.09 4.41 26.75
CA SER C 109 12.96 3.27 27.05
C SER C 109 13.34 3.19 28.52
N SER C 110 13.04 4.22 29.30
CA SER C 110 13.37 4.27 30.73
C SER C 110 12.83 5.60 31.26
N PHE C 111 12.78 5.70 32.58
CA PHE C 111 12.54 6.99 33.23
C PHE C 111 13.08 6.93 34.65
N GLU C 112 13.15 8.10 35.28
CA GLU C 112 13.53 8.22 36.68
C GLU C 112 12.33 8.78 37.43
N ARG C 113 11.76 7.97 38.31
CA ARG C 113 10.66 8.41 39.17
C ARG C 113 11.28 9.23 40.29
N PHE C 114 11.16 10.55 40.21
CA PHE C 114 11.74 11.46 41.19
C PHE C 114 10.62 12.29 41.82
N GLU C 115 10.95 12.90 42.96
CA GLU C 115 9.97 13.64 43.74
C GLU C 115 10.05 15.11 43.34
N ILE C 116 9.04 15.59 42.62
CA ILE C 116 9.00 17.01 42.26
C ILE C 116 8.86 17.84 43.53
N PHE C 117 7.75 17.65 44.24
CA PHE C 117 7.47 18.38 45.46
C PHE C 117 7.53 17.43 46.64
N SER C 118 8.29 17.80 47.66
CA SER C 118 8.44 16.99 48.86
C SER C 118 7.20 17.12 49.74
N LYS C 119 6.62 15.98 50.10
CA LYS C 119 5.44 15.99 50.97
C LYS C 119 5.74 16.61 52.33
N GLU C 120 7.00 16.55 52.77
CA GLU C 120 7.33 17.00 54.12
C GLU C 120 7.34 18.52 54.22
N SER C 121 7.88 19.22 53.23
CA SER C 121 8.11 20.65 53.35
C SER C 121 7.75 21.45 52.10
N SER C 122 7.02 20.87 51.15
CA SER C 122 6.58 21.60 49.97
C SER C 122 5.18 22.18 50.12
N TRP C 123 4.39 21.67 51.05
CA TRP C 123 3.05 22.18 51.34
C TRP C 123 2.94 22.38 52.85
N PRO C 124 3.67 23.36 53.40
CA PRO C 124 3.69 23.52 54.86
C PRO C 124 2.36 23.95 55.46
N LYS C 125 1.44 24.51 54.67
CA LYS C 125 0.21 25.10 55.21
C LYS C 125 -1.03 24.29 54.88
N HIS C 126 -0.86 23.03 54.47
CA HIS C 126 -1.98 22.18 54.08
C HIS C 126 -1.78 20.77 54.61
N THR C 127 -2.90 20.08 54.82
CA THR C 127 -2.88 18.69 55.26
C THR C 127 -2.55 17.79 54.08
N THR C 128 -1.59 16.88 54.28
CA THR C 128 -1.07 16.04 53.22
C THR C 128 -1.36 14.57 53.50
N GLY C 129 -1.76 13.84 52.46
CA GLY C 129 -1.97 12.42 52.56
C GLY C 129 -3.37 11.98 52.95
N GLY C 130 -4.38 12.45 52.22
CA GLY C 130 -5.72 11.92 52.39
C GLY C 130 -5.86 10.54 51.79
N VAL C 131 -6.87 9.81 52.28
CA VAL C 131 -7.06 8.40 51.93
C VAL C 131 -8.51 8.18 51.51
N THR C 132 -8.72 7.11 50.77
CA THR C 132 -10.05 6.72 50.30
C THR C 132 -10.17 5.20 50.36
N ALA C 133 -11.41 4.74 50.47
CA ALA C 133 -11.67 3.30 50.57
C ALA C 133 -11.72 2.62 49.21
N ALA C 134 -11.69 3.38 48.12
CA ALA C 134 -11.71 2.80 46.79
C ALA C 134 -10.35 2.27 46.36
N CYS C 135 -9.28 2.68 47.04
CA CYS C 135 -7.92 2.23 46.75
C CYS C 135 -7.34 1.50 47.96
N SER C 136 -8.11 0.59 48.55
CA SER C 136 -7.69 -0.08 49.77
C SER C 136 -6.42 -0.90 49.53
N HIS C 137 -5.57 -0.95 50.55
CA HIS C 137 -4.36 -1.77 50.54
C HIS C 137 -4.28 -2.53 51.84
N ALA C 138 -4.22 -3.86 51.74
CA ALA C 138 -4.15 -4.72 52.92
C ALA C 138 -5.31 -4.49 53.86
N GLY C 139 -6.48 -4.19 53.29
CA GLY C 139 -7.67 -3.98 54.09
C GLY C 139 -7.76 -2.62 54.75
N LYS C 140 -6.80 -1.73 54.49
CA LYS C 140 -6.78 -0.39 55.06
C LYS C 140 -6.79 0.61 53.92
N SER C 141 -7.58 1.66 54.08
CA SER C 141 -7.75 2.64 53.02
C SER C 141 -6.40 3.25 52.64
N SER C 142 -6.20 3.46 51.34
CA SER C 142 -4.98 4.07 50.83
C SER C 142 -5.33 4.88 49.60
N PHE C 143 -4.31 5.44 48.95
CA PHE C 143 -4.48 6.34 47.81
C PHE C 143 -3.37 6.04 46.81
N TYR C 144 -3.34 6.79 45.72
CA TYR C 144 -2.29 6.64 44.74
C TYR C 144 -0.92 6.98 45.35
N ARG C 145 0.12 6.38 44.79
CA ARG C 145 1.48 6.59 45.27
C ARG C 145 2.17 7.78 44.62
N ASN C 146 1.80 8.10 43.38
CA ASN C 146 2.45 9.18 42.64
C ASN C 146 1.70 10.50 42.72
N LEU C 147 0.55 10.55 43.38
CA LEU C 147 -0.21 11.78 43.53
C LEU C 147 -0.47 12.03 45.02
N LEU C 148 -0.61 13.30 45.37
CA LEU C 148 -0.82 13.72 46.75
C LEU C 148 -2.14 14.47 46.84
N TRP C 149 -3.00 14.05 47.76
CA TRP C 149 -4.28 14.70 48.00
C TRP C 149 -4.09 15.76 49.09
N LEU C 150 -4.52 16.98 48.80
CA LEU C 150 -4.34 18.11 49.71
C LEU C 150 -5.68 18.53 50.28
N THR C 151 -5.67 18.95 51.54
CA THR C 151 -6.89 19.26 52.27
C THR C 151 -6.61 20.39 53.25
N GLU C 152 -7.68 21.07 53.67
CA GLU C 152 -7.59 22.18 54.60
C GLU C 152 -6.85 21.80 55.88
N LYS C 153 -6.31 22.80 56.58
CA LYS C 153 -5.72 22.63 57.89
C LYS C 153 -6.18 23.77 58.79
N ASP C 154 -6.58 23.43 60.02
CA ASP C 154 -7.02 24.41 61.00
C ASP C 154 -8.19 25.25 60.49
N GLY C 155 -9.05 24.64 59.67
CA GLY C 155 -10.24 25.33 59.22
C GLY C 155 -9.99 26.37 58.13
N SER C 156 -8.95 26.20 57.32
CA SER C 156 -8.67 27.14 56.25
C SER C 156 -7.93 26.42 55.14
N TYR C 157 -7.92 27.04 53.96
CA TYR C 157 -7.26 26.47 52.77
C TYR C 157 -6.62 27.61 52.01
N PRO C 158 -5.37 27.95 52.34
CA PRO C 158 -4.69 29.03 51.62
C PRO C 158 -4.42 28.68 50.16
N ASN C 159 -4.20 29.71 49.36
CA ASN C 159 -3.91 29.55 47.94
C ASN C 159 -2.59 28.81 47.73
N LEU C 160 -2.59 27.87 46.80
CA LEU C 160 -1.38 27.18 46.41
C LEU C 160 -0.53 28.05 45.49
N ASN C 161 0.78 27.82 45.53
CA ASN C 161 1.73 28.74 44.92
C ASN C 161 2.92 28.07 44.25
N ASN C 162 2.97 26.74 44.19
CA ASN C 162 4.21 26.03 43.88
C ASN C 162 4.48 25.93 42.38
N SER C 163 5.76 25.82 42.05
CA SER C 163 6.23 25.72 40.67
C SER C 163 7.54 24.96 40.65
N TYR C 164 7.84 24.34 39.51
CA TYR C 164 9.00 23.48 39.38
C TYR C 164 9.78 23.81 38.12
N VAL C 165 11.10 23.92 38.25
CA VAL C 165 12.00 24.30 37.17
C VAL C 165 12.78 23.05 36.75
N ASN C 166 12.70 22.70 35.48
CA ASN C 166 13.18 21.40 34.98
C ASN C 166 14.70 21.44 34.81
N LYS C 167 15.41 21.26 35.91
CA LYS C 167 16.87 21.20 35.84
C LYS C 167 17.37 19.83 35.41
N LYS C 168 16.49 18.83 35.33
CA LYS C 168 16.84 17.58 34.66
C LYS C 168 17.10 17.85 33.18
N GLY C 169 17.91 17.00 32.58
CA GLY C 169 18.20 17.11 31.17
C GLY C 169 17.20 16.45 30.26
N LYS C 170 16.02 16.09 30.75
CA LYS C 170 15.02 15.35 30.00
C LYS C 170 13.63 15.91 30.25
N GLU C 171 12.66 15.39 29.51
CA GLU C 171 11.26 15.73 29.73
C GLU C 171 10.75 15.09 31.01
N VAL C 172 9.91 15.82 31.72
CA VAL C 172 9.30 15.36 32.96
C VAL C 172 7.81 15.22 32.72
N LEU C 173 7.29 14.01 32.84
CA LEU C 173 5.85 13.76 32.77
C LEU C 173 5.24 14.11 34.11
N VAL C 174 4.39 15.13 34.14
CA VAL C 174 3.76 15.61 35.36
C VAL C 174 2.30 15.16 35.33
N LEU C 175 1.84 14.59 36.45
CA LEU C 175 0.47 14.11 36.59
C LEU C 175 -0.20 14.84 37.74
N TRP C 176 -1.47 15.16 37.56
CA TRP C 176 -2.26 15.74 38.63
C TRP C 176 -3.72 15.38 38.39
N GLY C 177 -4.59 15.87 39.25
CA GLY C 177 -6.01 15.62 39.12
C GLY C 177 -6.81 16.77 39.69
N VAL C 178 -8.06 16.86 39.25
CA VAL C 178 -9.02 17.82 39.81
C VAL C 178 -10.19 17.02 40.35
N HIS C 179 -10.50 17.22 41.63
CA HIS C 179 -11.56 16.48 42.28
C HIS C 179 -12.90 17.19 42.09
N HIS C 180 -13.94 16.38 41.86
CA HIS C 180 -15.30 16.87 41.64
C HIS C 180 -16.21 16.22 42.67
N PRO C 181 -16.38 16.81 43.85
CA PRO C 181 -17.19 16.17 44.89
C PRO C 181 -18.62 15.94 44.40
N SER C 182 -19.35 15.16 45.21
CA SER C 182 -20.73 14.81 44.88
C SER C 182 -21.73 15.87 45.34
N ASN C 183 -21.41 16.59 46.41
CA ASN C 183 -22.33 17.57 46.98
C ASN C 183 -21.53 18.70 47.60
N ILE C 184 -22.25 19.79 47.89
CA ILE C 184 -21.62 20.97 48.46
C ILE C 184 -21.05 20.68 49.84
N LYS C 185 -21.61 19.72 50.57
CA LYS C 185 -21.11 19.43 51.91
C LYS C 185 -19.67 18.97 51.86
N ASP C 186 -19.34 18.07 50.92
CA ASP C 186 -17.98 17.57 50.81
C ASP C 186 -17.03 18.67 50.36
N GLN C 187 -17.48 19.54 49.45
CA GLN C 187 -16.65 20.66 49.02
C GLN C 187 -16.28 21.56 50.18
N GLN C 188 -17.28 21.93 50.99
CA GLN C 188 -17.03 22.79 52.14
C GLN C 188 -16.14 22.09 53.17
N THR C 189 -16.41 20.82 53.44
CA THR C 189 -15.69 20.11 54.48
C THR C 189 -14.22 19.94 54.13
N LEU C 190 -13.90 19.85 52.84
CA LEU C 190 -12.53 19.59 52.40
C LEU C 190 -11.78 20.86 52.04
N TYR C 191 -12.43 21.80 51.36
CA TYR C 191 -11.77 23.00 50.84
C TYR C 191 -12.32 24.31 51.36
N GLN C 192 -13.50 24.30 52.00
CA GLN C 192 -14.01 25.47 52.69
C GLN C 192 -14.44 26.58 51.74
N LYS C 193 -14.89 26.23 50.53
CA LYS C 193 -15.48 27.22 49.65
C LYS C 193 -16.13 26.53 48.46
N GLU C 194 -17.30 27.04 48.05
CA GLU C 194 -18.07 26.40 46.99
C GLU C 194 -17.46 26.64 45.62
N ASN C 195 -16.97 27.85 45.36
CA ASN C 195 -16.41 28.21 44.06
C ASN C 195 -14.89 28.16 44.15
N ALA C 196 -14.27 27.23 43.44
CA ALA C 196 -12.83 27.02 43.49
C ALA C 196 -12.31 26.81 42.07
N TYR C 197 -11.00 27.00 41.90
CA TYR C 197 -10.39 26.90 40.59
C TYR C 197 -9.00 26.28 40.70
N VAL C 198 -8.54 25.73 39.59
CA VAL C 198 -7.19 25.18 39.46
C VAL C 198 -6.62 25.64 38.13
N SER C 199 -5.47 26.32 38.17
CA SER C 199 -4.83 26.85 36.97
C SER C 199 -3.42 26.29 36.87
N VAL C 200 -3.14 25.57 35.79
CA VAL C 200 -1.83 24.98 35.54
C VAL C 200 -1.29 25.59 34.25
N VAL C 201 -0.12 26.22 34.34
CA VAL C 201 0.44 27.00 33.25
C VAL C 201 1.91 26.66 33.10
N SER C 202 2.37 26.53 31.86
CA SER C 202 3.78 26.39 31.54
C SER C 202 4.07 27.25 30.31
N SER C 203 5.30 27.13 29.80
CA SER C 203 5.69 27.91 28.64
C SER C 203 4.94 27.49 27.37
N ASN C 204 4.30 26.32 27.36
CA ASN C 204 3.49 25.92 26.23
C ASN C 204 2.18 25.26 26.66
N TYR C 205 1.81 25.33 27.94
CA TYR C 205 0.59 24.75 28.47
C TYR C 205 -0.13 25.82 29.28
N ASN C 206 -1.44 25.88 29.12
CA ASN C 206 -2.23 26.87 29.86
C ASN C 206 -3.66 26.36 29.90
N ARG C 207 -4.16 26.04 31.09
CA ARG C 207 -5.51 25.55 31.22
C ARG C 207 -6.01 25.83 32.63
N ARG C 208 -7.32 26.03 32.74
CA ARG C 208 -7.98 26.31 34.01
C ARG C 208 -9.09 25.30 34.21
N PHE C 209 -9.29 24.88 35.46
CA PHE C 209 -10.28 23.87 35.78
C PHE C 209 -11.18 24.38 36.90
N THR C 210 -12.44 23.95 36.87
CA THR C 210 -13.39 24.30 37.90
C THR C 210 -14.15 23.05 38.36
N PRO C 211 -14.47 22.94 39.65
CA PRO C 211 -15.25 21.78 40.10
C PRO C 211 -16.66 21.80 39.55
N GLU C 212 -17.23 20.59 39.44
CA GLU C 212 -18.63 20.40 39.08
C GLU C 212 -19.26 19.49 40.11
N ILE C 213 -20.29 19.99 40.79
CA ILE C 213 -20.93 19.28 41.90
C ILE C 213 -22.28 18.79 41.42
N ALA C 214 -22.50 17.48 41.50
CA ALA C 214 -23.74 16.86 41.08
C ALA C 214 -23.83 15.48 41.72
N GLU C 215 -25.03 14.93 41.75
CA GLU C 215 -25.21 13.55 42.17
C GLU C 215 -24.95 12.62 41.00
N ARG C 216 -24.10 11.63 41.21
CA ARG C 216 -23.70 10.70 40.16
C ARG C 216 -23.90 9.26 40.65
N PRO C 217 -24.04 8.31 39.73
CA PRO C 217 -24.11 6.91 40.14
C PRO C 217 -22.82 6.45 40.79
N LYS C 218 -22.95 5.56 41.77
CA LYS C 218 -21.80 5.05 42.50
C LYS C 218 -21.01 4.09 41.62
N VAL C 219 -19.76 4.44 41.33
CA VAL C 219 -18.81 3.56 40.64
C VAL C 219 -17.69 3.25 41.62
N ARG C 220 -17.41 1.96 41.81
CA ARG C 220 -16.45 1.51 42.83
C ARG C 220 -16.81 2.07 44.20
N GLY C 221 -18.08 2.41 44.40
CA GLY C 221 -18.58 2.83 45.69
C GLY C 221 -18.53 4.31 45.97
N GLN C 222 -18.13 5.14 45.01
CA GLN C 222 -17.98 6.56 45.22
C GLN C 222 -18.83 7.33 44.23
N ALA C 223 -19.52 8.36 44.74
CA ALA C 223 -20.31 9.25 43.91
C ALA C 223 -19.54 10.46 43.42
N GLY C 224 -18.26 10.58 43.78
CA GLY C 224 -17.41 11.63 43.28
C GLY C 224 -16.60 11.16 42.08
N ARG C 225 -15.78 12.07 41.55
CA ARG C 225 -14.99 11.79 40.37
C ARG C 225 -13.71 12.61 40.42
N ILE C 226 -12.62 12.02 39.93
CA ILE C 226 -11.34 12.70 39.78
C ILE C 226 -10.94 12.59 38.32
N ASN C 227 -10.78 13.73 37.66
CA ASN C 227 -10.32 13.78 36.27
C ASN C 227 -8.81 13.93 36.28
N TYR C 228 -8.10 12.99 35.63
CA TYR C 228 -6.66 12.95 35.67
C TYR C 228 -6.08 13.57 34.39
N TYR C 229 -5.12 14.48 34.56
CA TYR C 229 -4.50 15.22 33.48
C TYR C 229 -3.00 14.98 33.49
N TRP C 230 -2.33 15.40 32.42
CA TRP C 230 -0.89 15.25 32.33
C TRP C 230 -0.32 16.24 31.31
N THR C 231 0.97 16.53 31.46
CA THR C 231 1.71 17.34 30.51
C THR C 231 3.18 16.94 30.56
N LEU C 232 3.92 17.33 29.52
CA LEU C 232 5.34 17.02 29.38
C LEU C 232 6.15 18.31 29.42
N LEU C 233 6.88 18.53 30.51
CA LEU C 233 7.74 19.71 30.58
C LEU C 233 8.93 19.53 29.64
N LYS C 234 9.22 20.56 28.86
CA LYS C 234 10.42 20.53 28.03
C LYS C 234 11.66 20.83 28.88
N PRO C 235 12.82 20.32 28.48
CA PRO C 235 14.03 20.56 29.28
C PRO C 235 14.29 22.05 29.46
N GLY C 236 14.49 22.46 30.70
CA GLY C 236 14.67 23.85 31.05
C GLY C 236 13.39 24.61 31.32
N ASP C 237 12.24 24.00 31.09
CA ASP C 237 10.97 24.70 31.22
C ASP C 237 10.54 24.74 32.68
N THR C 238 9.53 25.57 32.94
CA THR C 238 8.99 25.77 34.28
C THR C 238 7.49 25.51 34.22
N ILE C 239 6.95 24.89 35.26
CA ILE C 239 5.51 24.64 35.39
C ILE C 239 5.06 25.23 36.70
N MET C 240 3.95 25.96 36.68
CA MET C 240 3.41 26.63 37.85
C MET C 240 2.03 26.07 38.16
N PHE C 241 1.80 25.77 39.44
CA PHE C 241 0.51 25.29 39.92
C PHE C 241 -0.09 26.32 40.85
N GLU C 242 -1.33 26.71 40.56
CA GLU C 242 -2.10 27.58 41.44
C GLU C 242 -3.47 26.94 41.61
N ALA C 243 -3.99 26.97 42.83
CA ALA C 243 -5.25 26.31 43.11
C ALA C 243 -5.86 26.91 44.36
N ASN C 244 -7.15 27.23 44.29
CA ASN C 244 -7.94 27.59 45.44
C ASN C 244 -8.57 26.37 46.10
N GLY C 245 -8.42 25.19 45.48
CA GLY C 245 -8.99 23.97 46.00
C GLY C 245 -9.03 22.90 44.93
N ASN C 246 -9.52 21.73 45.34
CA ASN C 246 -9.82 20.64 44.41
C ASN C 246 -8.59 20.22 43.60
N LEU C 247 -7.43 20.15 44.27
CA LEU C 247 -6.18 19.77 43.61
C LEU C 247 -5.67 18.47 44.22
N ILE C 248 -5.50 17.45 43.40
CA ILE C 248 -4.78 16.22 43.78
C ILE C 248 -3.34 16.44 43.33
N ALA C 249 -2.55 17.05 44.21
CA ALA C 249 -1.28 17.62 43.78
C ALA C 249 -0.29 16.54 43.35
N PRO C 250 0.63 16.86 42.45
CA PRO C 250 1.67 15.89 42.08
C PRO C 250 2.62 15.61 43.23
N TRP C 251 3.09 14.36 43.30
CA TRP C 251 4.11 13.98 44.26
C TRP C 251 5.35 13.42 43.59
N TYR C 252 5.20 12.45 42.70
CA TYR C 252 6.30 11.86 41.95
C TYR C 252 6.04 12.01 40.46
N ALA C 253 7.10 12.36 39.72
CA ALA C 253 7.04 12.49 38.27
C ALA C 253 8.17 11.67 37.66
N PHE C 254 8.19 11.60 36.34
CA PHE C 254 9.10 10.71 35.62
C PHE C 254 9.90 11.51 34.61
N ALA C 255 11.22 11.44 34.71
CA ALA C 255 12.11 12.07 33.74
C ALA C 255 12.33 11.07 32.61
N LEU C 256 11.66 11.28 31.48
CA LEU C 256 11.55 10.27 30.45
C LEU C 256 12.77 10.25 29.55
N SER C 257 13.21 9.05 29.18
CA SER C 257 14.26 8.85 28.20
C SER C 257 13.66 8.11 27.01
N ARG C 258 13.69 8.73 25.85
CA ARG C 258 13.02 8.20 24.68
C ARG C 258 13.83 7.06 24.07
N GLY C 259 13.20 6.33 23.16
CA GLY C 259 13.87 5.22 22.50
C GLY C 259 13.10 4.78 21.28
N PHE C 260 13.53 3.65 20.71
CA PHE C 260 12.93 3.12 19.50
C PHE C 260 12.59 1.64 19.68
N GLY C 261 11.56 1.20 18.96
CA GLY C 261 11.19 -0.20 18.94
C GLY C 261 10.39 -0.69 20.12
N SER C 262 9.87 0.20 20.95
CA SER C 262 9.08 -0.19 22.10
C SER C 262 7.60 -0.26 21.72
N GLY C 263 6.79 -0.80 22.63
CA GLY C 263 5.36 -0.87 22.40
C GLY C 263 4.67 -1.57 23.54
N ILE C 264 3.34 -1.62 23.45
CA ILE C 264 2.48 -2.22 24.47
C ILE C 264 1.75 -3.39 23.85
N ILE C 265 1.84 -4.55 24.49
CA ILE C 265 1.20 -5.77 23.99
C ILE C 265 0.37 -6.39 25.11
N THR C 266 -0.67 -7.12 24.71
CA THR C 266 -1.50 -7.89 25.63
C THR C 266 -1.22 -9.37 25.40
N SER C 267 -0.71 -10.05 26.43
CA SER C 267 -0.23 -11.42 26.29
C SER C 267 -0.57 -12.20 27.55
N ASN C 268 -0.76 -13.51 27.37
CA ASN C 268 -1.05 -14.43 28.46
C ASN C 268 0.12 -15.36 28.75
N ALA C 269 1.23 -15.22 28.03
CA ALA C 269 2.35 -16.12 28.16
C ALA C 269 3.14 -15.83 29.43
N SER C 270 3.97 -16.80 29.82
CA SER C 270 4.77 -16.70 31.03
C SER C 270 6.16 -16.16 30.71
N MET C 271 6.86 -15.72 31.74
CA MET C 271 8.20 -15.17 31.59
C MET C 271 9.24 -16.29 31.62
N HIS C 272 10.40 -16.01 31.01
CA HIS C 272 11.49 -16.96 30.98
C HIS C 272 12.78 -16.20 30.71
N GLU C 273 13.90 -16.90 30.88
CA GLU C 273 15.22 -16.29 30.79
C GLU C 273 15.81 -16.31 29.39
N CYS C 274 15.07 -16.79 28.39
CA CYS C 274 15.59 -16.87 27.04
C CYS C 274 15.60 -15.50 26.38
N ASP C 275 16.45 -15.37 25.36
CA ASP C 275 16.59 -14.15 24.57
C ASP C 275 15.96 -14.35 23.20
N THR C 276 15.56 -13.24 22.57
CA THR C 276 14.90 -13.31 21.28
C THR C 276 15.08 -12.00 20.53
N LYS C 277 14.78 -12.03 19.23
CA LYS C 277 14.78 -10.84 18.39
C LYS C 277 13.38 -10.40 18.02
N CYS C 278 12.42 -11.31 18.00
CA CYS C 278 11.03 -11.01 17.67
C CYS C 278 10.12 -11.58 18.75
N GLN C 279 9.09 -10.82 19.09
CA GLN C 279 8.16 -11.22 20.15
C GLN C 279 6.73 -10.92 19.70
N THR C 280 5.84 -11.85 20.00
CA THR C 280 4.42 -11.73 19.74
C THR C 280 3.66 -12.09 21.00
N PRO C 281 2.39 -11.66 21.12
CA PRO C 281 1.61 -12.07 22.28
C PRO C 281 1.57 -13.57 22.49
N GLN C 282 1.63 -14.34 21.40
CA GLN C 282 1.68 -15.80 21.51
C GLN C 282 3.01 -16.27 22.06
N GLY C 283 4.10 -15.75 21.51
CA GLY C 283 5.42 -16.17 21.93
C GLY C 283 6.48 -15.70 20.94
N ALA C 284 7.72 -16.05 21.24
CA ALA C 284 8.84 -15.59 20.43
C ALA C 284 8.95 -16.41 19.15
N ILE C 285 9.63 -15.82 18.17
CA ILE C 285 9.79 -16.39 16.84
C ILE C 285 11.29 -16.45 16.54
N ASN C 286 11.76 -17.66 16.21
CA ASN C 286 13.15 -18.05 16.15
C ASN C 286 13.59 -18.42 14.72
N SER C 287 12.94 -17.84 13.69
CA SER C 287 13.19 -18.18 12.29
C SER C 287 13.36 -16.92 11.46
N SER C 288 14.04 -17.06 10.32
CA SER C 288 14.33 -15.97 9.40
C SER C 288 13.51 -16.06 8.12
N LEU C 289 12.43 -16.84 8.13
CA LEU C 289 11.59 -16.97 6.95
C LEU C 289 10.84 -15.67 6.68
N PRO C 290 10.50 -15.41 5.42
CA PRO C 290 9.96 -14.09 5.07
C PRO C 290 8.54 -13.84 5.57
N PHE C 291 7.76 -14.88 5.85
CA PHE C 291 6.35 -14.70 6.21
C PHE C 291 6.05 -15.33 7.56
N GLN C 292 4.83 -15.10 8.01
CA GLN C 292 4.40 -15.41 9.37
C GLN C 292 2.88 -15.44 9.38
N ASN C 293 2.31 -16.32 10.20
CA ASN C 293 0.87 -16.38 10.36
C ASN C 293 0.50 -16.67 11.80
N ILE C 294 1.27 -16.11 12.72
CA ILE C 294 1.07 -16.30 14.15
C ILE C 294 0.23 -15.18 14.74
N HIS C 295 0.67 -13.93 14.57
CA HIS C 295 -0.07 -12.81 15.13
C HIS C 295 0.30 -11.55 14.37
N PRO C 296 -0.66 -10.65 14.09
CA PRO C 296 -0.29 -9.38 13.46
C PRO C 296 0.61 -8.50 14.32
N ILE C 297 0.45 -8.53 15.64
CA ILE C 297 1.22 -7.66 16.52
C ILE C 297 2.65 -8.19 16.61
N THR C 298 3.61 -7.27 16.53
CA THR C 298 5.02 -7.62 16.52
C THR C 298 5.82 -6.59 17.29
N ILE C 299 6.89 -7.05 17.93
CA ILE C 299 7.90 -6.17 18.52
C ILE C 299 9.26 -6.70 18.08
N GLY C 300 10.07 -5.83 17.51
CA GLY C 300 11.35 -6.23 16.98
C GLY C 300 11.26 -6.66 15.53
N GLU C 301 12.40 -7.13 15.02
CA GLU C 301 12.48 -7.51 13.62
C GLU C 301 11.74 -8.82 13.37
N CYS C 302 10.44 -8.73 13.11
CA CYS C 302 9.59 -9.90 12.96
C CYS C 302 9.27 -10.16 11.49
N PRO C 303 9.04 -11.41 11.10
CA PRO C 303 8.61 -11.69 9.73
C PRO C 303 7.20 -11.16 9.45
N LYS C 304 6.93 -10.90 8.18
CA LYS C 304 5.68 -10.27 7.78
C LYS C 304 4.50 -11.20 7.97
N TYR C 305 3.36 -10.64 8.34
CA TYR C 305 2.16 -11.40 8.65
C TYR C 305 1.29 -11.55 7.41
N VAL C 306 0.71 -12.75 7.25
CA VAL C 306 -0.19 -13.07 6.15
C VAL C 306 -1.19 -14.10 6.63
N ARG C 307 -2.37 -14.08 6.03
CA ARG C 307 -3.45 -14.98 6.44
C ARG C 307 -3.33 -16.36 5.84
N SER C 308 -2.30 -16.63 5.04
CA SER C 308 -2.18 -17.91 4.36
C SER C 308 -1.99 -19.04 5.37
N THR C 309 -2.37 -20.24 4.94
CA THR C 309 -2.14 -21.45 5.72
C THR C 309 -0.93 -22.25 5.25
N LYS C 310 -0.51 -22.07 4.01
CA LYS C 310 0.70 -22.72 3.50
C LYS C 310 1.24 -21.93 2.33
N LEU C 311 2.56 -21.74 2.31
CA LEU C 311 3.22 -20.96 1.26
C LEU C 311 4.46 -21.70 0.78
N ARG C 312 4.34 -23.01 0.55
CA ARG C 312 5.49 -23.77 0.08
C ARG C 312 5.92 -23.29 -1.30
N MET C 313 7.23 -23.34 -1.55
CA MET C 313 7.79 -23.01 -2.84
C MET C 313 8.60 -24.20 -3.35
N VAL C 314 8.68 -24.31 -4.67
CA VAL C 314 9.36 -25.45 -5.29
C VAL C 314 10.84 -25.13 -5.42
N THR C 315 11.68 -26.00 -4.85
CA THR C 315 13.12 -25.94 -5.01
C THR C 315 13.63 -27.30 -5.42
N GLY C 316 12.84 -28.03 -6.20
CA GLY C 316 13.19 -29.38 -6.61
C GLY C 316 12.34 -29.79 -7.80
N LEU C 317 12.70 -30.94 -8.35
CA LEU C 317 12.08 -31.44 -9.57
C LEU C 317 10.67 -31.97 -9.30
N ARG C 318 9.95 -32.25 -10.39
CA ARG C 318 8.66 -32.92 -10.30
C ARG C 318 8.85 -34.40 -10.02
N ASN C 319 7.96 -34.96 -9.20
CA ASN C 319 8.11 -36.32 -8.68
C ASN C 319 7.16 -37.23 -9.46
N ILE C 320 7.72 -38.04 -10.36
CA ILE C 320 6.93 -38.97 -11.17
C ILE C 320 7.64 -40.32 -11.18
N PRO C 321 7.60 -41.09 -10.08
CA PRO C 321 8.25 -42.41 -10.11
C PRO C 321 7.65 -43.33 -11.17
N ASP D 1 -3.79 -40.49 -49.03
CA ASP D 1 -4.43 -40.47 -47.69
C ASP D 1 -3.62 -39.60 -46.74
N THR D 2 -4.30 -38.82 -45.90
CA THR D 2 -3.62 -37.92 -45.00
C THR D 2 -4.48 -37.62 -43.79
N ILE D 3 -3.82 -37.47 -42.64
CA ILE D 3 -4.44 -37.03 -41.39
C ILE D 3 -3.61 -35.86 -40.89
N CYS D 4 -4.24 -34.97 -40.12
CA CYS D 4 -3.42 -33.93 -39.51
C CYS D 4 -4.12 -33.19 -38.41
N ILE D 5 -3.30 -32.46 -37.65
CA ILE D 5 -3.68 -31.77 -36.42
C ILE D 5 -4.15 -30.37 -36.74
N GLY D 6 -4.79 -29.73 -35.78
CA GLY D 6 -5.21 -28.36 -35.94
C GLY D 6 -5.81 -27.85 -34.65
N TYR D 7 -6.57 -26.76 -34.74
CA TYR D 7 -7.25 -26.24 -33.57
C TYR D 7 -8.49 -25.47 -34.01
N HIS D 8 -9.36 -25.23 -33.05
CA HIS D 8 -10.69 -24.68 -33.34
C HIS D 8 -10.59 -23.22 -33.74
N ALA D 9 -11.30 -22.86 -34.82
CA ALA D 9 -11.42 -21.47 -35.23
C ALA D 9 -12.86 -21.21 -35.61
N ASN D 10 -13.38 -20.05 -35.21
CA ASN D 10 -14.78 -19.73 -35.43
C ASN D 10 -14.93 -18.23 -35.55
N ASN D 11 -16.12 -17.80 -36.00
CA ASN D 11 -16.38 -16.39 -36.25
C ASN D 11 -16.95 -15.73 -34.99
N SER D 12 -16.05 -15.54 -34.03
CA SER D 12 -16.30 -14.75 -32.84
C SER D 12 -15.62 -13.39 -32.98
N THR D 13 -15.92 -12.50 -32.04
CA THR D 13 -15.44 -11.12 -32.10
C THR D 13 -14.70 -10.68 -30.84
N ASP D 14 -14.76 -11.45 -29.76
CA ASP D 14 -14.17 -11.03 -28.50
C ASP D 14 -12.69 -10.74 -28.67
N THR D 15 -12.20 -9.74 -27.95
CA THR D 15 -10.80 -9.35 -27.98
C THR D 15 -10.28 -9.23 -26.56
N VAL D 16 -8.99 -9.52 -26.39
CA VAL D 16 -8.33 -9.50 -25.10
C VAL D 16 -6.99 -8.80 -25.24
N ASP D 17 -6.35 -8.55 -24.09
CA ASP D 17 -5.08 -7.84 -24.04
C ASP D 17 -4.05 -8.69 -23.30
N THR D 18 -2.87 -8.81 -23.88
CA THR D 18 -1.74 -9.45 -23.24
C THR D 18 -0.64 -8.42 -23.00
N VAL D 19 0.44 -8.85 -22.36
CA VAL D 19 1.52 -7.93 -22.03
C VAL D 19 2.23 -7.47 -23.29
N LEU D 20 2.51 -8.39 -24.21
CA LEU D 20 3.18 -8.05 -25.45
C LEU D 20 2.22 -7.64 -26.57
N GLU D 21 0.97 -8.12 -26.56
CA GLU D 21 0.03 -7.88 -27.63
C GLU D 21 -1.21 -7.14 -27.12
N LYS D 22 -1.88 -6.46 -28.04
CA LYS D 22 -3.10 -5.71 -27.74
C LYS D 22 -4.14 -5.96 -28.82
N ASN D 23 -5.41 -5.96 -28.41
CA ASN D 23 -6.53 -6.12 -29.34
C ASN D 23 -6.41 -7.43 -30.13
N VAL D 24 -6.12 -8.51 -29.43
CA VAL D 24 -6.00 -9.83 -30.03
C VAL D 24 -7.35 -10.52 -29.98
N THR D 25 -7.79 -11.07 -31.12
CA THR D 25 -9.09 -11.71 -31.20
C THR D 25 -9.01 -13.14 -30.71
N VAL D 26 -10.04 -13.57 -29.97
CA VAL D 26 -10.09 -14.90 -29.38
C VAL D 26 -11.45 -15.53 -29.65
N THR D 27 -11.52 -16.85 -29.48
CA THR D 27 -12.75 -17.59 -29.73
C THR D 27 -13.75 -17.38 -28.59
N HIS D 28 -13.34 -17.71 -27.37
CA HIS D 28 -14.19 -17.62 -26.20
C HIS D 28 -13.46 -16.86 -25.10
N SER D 29 -14.15 -15.92 -24.45
CA SER D 29 -13.58 -15.13 -23.38
C SER D 29 -14.62 -14.92 -22.29
N VAL D 30 -14.15 -14.75 -21.05
CA VAL D 30 -15.02 -14.53 -19.90
C VAL D 30 -14.92 -13.05 -19.53
N ASN D 31 -16.06 -12.37 -19.52
CA ASN D 31 -16.08 -10.99 -19.02
C ASN D 31 -15.95 -10.99 -17.51
N LEU D 32 -14.83 -10.52 -17.01
CA LEU D 32 -14.56 -10.50 -15.58
C LEU D 32 -14.96 -9.20 -14.91
N LEU D 33 -15.55 -8.27 -15.65
CA LEU D 33 -15.96 -6.98 -15.11
C LEU D 33 -17.45 -6.80 -15.33
N GLU D 34 -18.18 -6.55 -14.25
CA GLU D 34 -19.60 -6.21 -14.37
C GLU D 34 -19.75 -4.75 -14.75
N ASP D 35 -20.75 -4.45 -15.58
CA ASP D 35 -21.04 -3.08 -15.98
C ASP D 35 -22.52 -2.80 -16.07
N SER D 36 -23.37 -3.67 -15.52
CA SER D 36 -24.80 -3.48 -15.62
C SER D 36 -25.42 -3.68 -14.25
N HIS D 37 -26.62 -3.15 -14.11
CA HIS D 37 -27.31 -3.17 -12.84
C HIS D 37 -28.80 -3.01 -13.12
N ASN D 38 -29.58 -3.47 -12.17
CA ASN D 38 -31.03 -3.47 -12.32
C ASN D 38 -31.64 -2.12 -11.99
N GLY D 39 -30.96 -1.32 -11.17
CA GLY D 39 -31.36 0.04 -10.89
C GLY D 39 -32.56 0.19 -9.99
N LYS D 40 -32.52 -0.45 -8.82
CA LYS D 40 -33.62 -0.38 -7.87
C LYS D 40 -33.09 -0.65 -6.47
N LEU D 41 -33.93 -0.34 -5.47
CA LEU D 41 -33.69 -0.79 -4.10
C LEU D 41 -34.41 -2.11 -3.88
N CYS D 42 -33.74 -3.04 -3.19
CA CYS D 42 -34.20 -4.41 -3.13
C CYS D 42 -34.15 -4.92 -1.69
N ARG D 43 -34.86 -6.02 -1.46
CA ARG D 43 -34.88 -6.67 -0.15
C ARG D 43 -33.58 -7.45 0.02
N LEU D 44 -32.65 -6.93 0.82
CA LEU D 44 -31.35 -7.58 1.03
C LEU D 44 -31.54 -8.77 1.97
N LYS D 45 -31.57 -9.98 1.39
CA LYS D 45 -31.72 -11.21 2.15
C LYS D 45 -33.01 -11.20 2.98
N GLY D 46 -34.09 -10.71 2.37
CA GLY D 46 -35.41 -10.85 2.95
C GLY D 46 -35.81 -9.79 3.95
N ILE D 47 -34.94 -8.83 4.25
CA ILE D 47 -35.26 -7.73 5.16
C ILE D 47 -35.22 -6.43 4.39
N ALA D 48 -36.29 -5.65 4.50
CA ALA D 48 -36.42 -4.40 3.77
C ALA D 48 -35.54 -3.32 4.39
N PRO D 49 -35.20 -2.27 3.64
CA PRO D 49 -34.37 -1.20 4.17
C PRO D 49 -35.19 -0.17 4.94
N LEU D 50 -34.49 0.82 5.49
CA LEU D 50 -35.12 1.99 6.08
C LEU D 50 -35.10 3.09 5.05
N GLN D 51 -36.27 3.51 4.58
CA GLN D 51 -36.38 4.46 3.48
C GLN D 51 -36.61 5.86 4.05
N LEU D 52 -35.51 6.53 4.41
CA LEU D 52 -35.61 7.91 4.87
C LEU D 52 -35.92 8.80 3.67
N GLY D 53 -37.02 9.55 3.76
CA GLY D 53 -37.51 10.29 2.62
C GLY D 53 -37.05 11.73 2.61
N LYS D 54 -37.92 12.63 3.06
CA LYS D 54 -37.56 14.05 3.09
C LYS D 54 -36.45 14.33 4.09
N CYS D 55 -36.37 13.55 5.18
CA CYS D 55 -35.52 13.88 6.31
C CYS D 55 -34.31 12.97 6.38
N ASN D 56 -33.26 13.50 6.97
CA ASN D 56 -31.97 12.81 7.12
C ASN D 56 -31.88 12.19 8.51
N ILE D 57 -30.67 11.74 8.89
CA ILE D 57 -30.50 11.06 10.17
C ILE D 57 -30.90 11.98 11.32
N ALA D 58 -30.61 13.29 11.20
CA ALA D 58 -30.92 14.21 12.27
C ALA D 58 -32.42 14.37 12.47
N GLY D 59 -33.18 14.49 11.38
CA GLY D 59 -34.63 14.55 11.48
C GLY D 59 -35.27 13.22 11.82
N TRP D 60 -34.61 12.11 11.48
CA TRP D 60 -35.14 10.80 11.83
C TRP D 60 -34.99 10.53 13.32
N ILE D 61 -33.81 10.82 13.89
CA ILE D 61 -33.58 10.57 15.31
C ILE D 61 -34.36 11.56 16.17
N LEU D 62 -34.33 12.84 15.81
CA LEU D 62 -34.99 13.85 16.63
C LEU D 62 -36.50 13.85 16.48
N GLY D 63 -37.02 13.30 15.39
CA GLY D 63 -38.46 13.18 15.24
C GLY D 63 -39.05 14.39 14.56
N ASN D 64 -38.45 14.80 13.46
CA ASN D 64 -38.93 15.96 12.73
C ASN D 64 -40.36 15.73 12.26
N PRO D 65 -41.26 16.72 12.38
CA PRO D 65 -42.66 16.46 12.02
C PRO D 65 -42.87 16.07 10.57
N GLU D 66 -41.98 16.48 9.67
CA GLU D 66 -42.21 16.25 8.25
C GLU D 66 -42.01 14.80 7.83
N CYS D 67 -41.47 13.94 8.69
CA CYS D 67 -41.31 12.52 8.40
C CYS D 67 -41.76 11.67 9.58
N GLU D 68 -42.98 11.92 10.05
CA GLU D 68 -43.57 11.11 11.12
C GLU D 68 -43.88 9.69 10.68
N SER D 69 -43.80 9.39 9.38
CA SER D 69 -44.09 8.05 8.89
C SER D 69 -43.01 7.04 9.26
N LEU D 70 -41.87 7.48 9.76
CA LEU D 70 -40.76 6.59 10.10
C LEU D 70 -40.88 5.97 11.49
N LEU D 71 -41.92 6.32 12.24
CA LEU D 71 -42.04 5.88 13.63
C LEU D 71 -42.56 4.45 13.75
N SER D 72 -43.04 3.85 12.67
CA SER D 72 -43.49 2.47 12.69
C SER D 72 -42.41 1.49 12.28
N GLU D 73 -41.32 1.95 11.66
CA GLU D 73 -40.24 1.06 11.28
C GLU D 73 -39.45 0.65 12.51
N ARG D 74 -39.07 -0.63 12.56
CA ARG D 74 -38.39 -1.19 13.70
C ARG D 74 -37.14 -1.98 13.36
N SER D 75 -37.00 -2.47 12.13
CA SER D 75 -35.82 -3.23 11.73
C SER D 75 -35.55 -2.98 10.25
N TRP D 76 -34.29 -3.16 9.86
CA TRP D 76 -33.88 -2.89 8.50
C TRP D 76 -32.54 -3.57 8.23
N SER D 77 -32.15 -3.55 6.96
CA SER D 77 -30.85 -4.05 6.54
C SER D 77 -29.86 -2.94 6.24
N TYR D 78 -30.34 -1.82 5.71
CA TYR D 78 -29.48 -0.67 5.49
C TYR D 78 -30.35 0.58 5.41
N ILE D 79 -29.75 1.70 5.75
CA ILE D 79 -30.43 2.99 5.74
C ILE D 79 -30.11 3.66 4.42
N VAL D 80 -31.15 4.13 3.72
CA VAL D 80 -31.01 4.75 2.42
C VAL D 80 -31.56 6.17 2.52
N GLU D 81 -30.70 7.15 2.28
CA GLU D 81 -31.13 8.53 2.22
C GLU D 81 -31.33 8.94 0.76
N THR D 82 -31.69 10.20 0.56
CA THR D 82 -31.85 10.77 -0.76
C THR D 82 -31.07 12.07 -0.85
N PRO D 83 -30.66 12.48 -2.04
CA PRO D 83 -30.03 13.80 -2.17
C PRO D 83 -30.95 14.95 -1.81
N ASN D 84 -32.27 14.73 -1.82
CA ASN D 84 -33.25 15.73 -1.44
C ASN D 84 -33.54 15.71 0.06
N SER D 85 -32.68 15.07 0.84
CA SER D 85 -32.85 15.03 2.29
C SER D 85 -32.38 16.35 2.88
N GLU D 86 -33.31 17.08 3.49
CA GLU D 86 -33.02 18.36 4.12
C GLU D 86 -33.74 18.59 5.43
N ASN D 87 -34.79 17.83 5.74
CA ASN D 87 -35.62 18.07 6.92
C ASN D 87 -34.98 17.41 8.14
N GLY D 88 -33.83 17.96 8.52
CA GLY D 88 -33.15 17.53 9.72
C GLY D 88 -33.59 18.36 10.90
N THR D 89 -32.66 19.12 11.48
CA THR D 89 -32.99 19.98 12.60
C THR D 89 -33.74 21.21 12.07
N CYS D 90 -35.04 21.27 12.39
CA CYS D 90 -35.86 22.39 11.93
C CYS D 90 -35.50 23.68 12.65
N PHE D 91 -35.12 23.60 13.95
CA PHE D 91 -34.69 24.77 14.70
C PHE D 91 -33.18 24.90 14.65
N PRO D 92 -32.64 26.06 14.27
CA PRO D 92 -31.20 26.17 14.02
C PRO D 92 -30.36 25.89 15.27
N GLY D 93 -29.16 25.37 15.04
CA GLY D 93 -28.27 25.00 16.12
C GLY D 93 -27.18 24.09 15.61
N ASP D 94 -26.49 23.46 16.55
CA ASP D 94 -25.41 22.53 16.26
C ASP D 94 -25.67 21.19 16.93
N PHE D 95 -25.65 20.11 16.13
CA PHE D 95 -25.78 18.75 16.63
C PHE D 95 -24.37 18.27 17.01
N ILE D 96 -24.11 18.20 18.31
CA ILE D 96 -22.76 17.89 18.79
C ILE D 96 -22.49 16.41 18.64
N ASP D 97 -21.32 16.08 18.10
CA ASP D 97 -20.95 14.69 17.85
C ASP D 97 -21.98 14.01 16.97
N TYR D 98 -22.38 14.70 15.90
CA TYR D 98 -23.37 14.17 14.98
C TYR D 98 -22.76 13.12 14.06
N GLU D 99 -21.52 13.32 13.61
CA GLU D 99 -20.87 12.32 12.78
C GLU D 99 -20.63 11.04 13.55
N GLU D 100 -20.33 11.14 14.85
CA GLU D 100 -20.19 9.94 15.66
C GLU D 100 -21.51 9.18 15.77
N LEU D 101 -22.63 9.90 15.91
CA LEU D 101 -23.91 9.22 15.97
C LEU D 101 -24.20 8.48 14.68
N ARG D 102 -23.82 9.06 13.55
CA ARG D 102 -23.99 8.37 12.27
C ARG D 102 -23.15 7.11 12.20
N GLU D 103 -21.93 7.16 12.75
CA GLU D 103 -21.10 5.97 12.80
C GLU D 103 -21.73 4.90 13.69
N GLN D 104 -22.25 5.29 14.84
CA GLN D 104 -22.90 4.33 15.74
C GLN D 104 -24.12 3.71 15.08
N LEU D 105 -24.93 4.53 14.42
CA LEU D 105 -26.17 4.04 13.81
C LEU D 105 -25.93 3.21 12.56
N SER D 106 -24.72 3.23 12.00
CA SER D 106 -24.44 2.43 10.81
C SER D 106 -24.32 0.95 11.14
N SER D 107 -24.26 0.59 12.42
CA SER D 107 -24.10 -0.80 12.83
C SER D 107 -25.32 -1.32 13.59
N VAL D 108 -26.43 -0.60 13.53
CA VAL D 108 -27.66 -0.99 14.22
C VAL D 108 -28.58 -1.66 13.22
N SER D 109 -29.08 -2.84 13.58
CA SER D 109 -30.00 -3.58 12.71
C SER D 109 -31.46 -3.29 13.04
N SER D 110 -31.76 -2.95 14.29
CA SER D 110 -33.11 -2.75 14.77
C SER D 110 -33.04 -1.93 16.04
N PHE D 111 -34.18 -1.40 16.45
CA PHE D 111 -34.29 -0.80 17.77
C PHE D 111 -35.72 -0.85 18.26
N GLU D 112 -35.90 -0.56 19.55
CA GLU D 112 -37.22 -0.40 20.16
C GLU D 112 -37.32 1.04 20.65
N ARG D 113 -38.12 1.84 19.95
CA ARG D 113 -38.34 3.23 20.33
C ARG D 113 -39.37 3.29 21.44
N PHE D 114 -38.98 3.79 22.60
CA PHE D 114 -39.83 3.78 23.78
C PHE D 114 -39.83 5.15 24.44
N GLU D 115 -40.77 5.35 25.36
CA GLU D 115 -40.95 6.62 26.06
C GLU D 115 -40.10 6.60 27.33
N ILE D 116 -38.93 7.22 27.26
CA ILE D 116 -38.02 7.22 28.41
C ILE D 116 -38.61 8.02 29.56
N PHE D 117 -39.16 9.20 29.27
CA PHE D 117 -39.80 10.02 30.29
C PHE D 117 -41.23 10.32 29.87
N SER D 118 -42.18 9.92 30.71
CA SER D 118 -43.59 10.11 30.40
C SER D 118 -43.92 11.59 30.44
N LYS D 119 -44.36 12.13 29.31
CA LYS D 119 -44.67 13.55 29.21
C LYS D 119 -45.81 13.94 30.15
N GLU D 120 -46.79 13.06 30.32
CA GLU D 120 -47.98 13.41 31.08
C GLU D 120 -47.72 13.49 32.58
N SER D 121 -46.76 12.71 33.10
CA SER D 121 -46.57 12.61 34.55
C SER D 121 -45.15 12.81 35.03
N SER D 122 -44.15 12.84 34.15
CA SER D 122 -42.77 12.92 34.63
C SER D 122 -42.38 14.33 35.07
N TRP D 123 -42.94 15.36 34.44
CA TRP D 123 -42.64 16.75 34.79
C TRP D 123 -43.86 17.38 35.45
N PRO D 124 -44.14 17.10 36.72
CA PRO D 124 -45.39 17.62 37.31
C PRO D 124 -45.38 19.12 37.53
N LYS D 125 -44.22 19.73 37.73
CA LYS D 125 -44.12 21.13 38.11
C LYS D 125 -43.44 21.95 37.01
N HIS D 126 -43.78 21.68 35.76
CA HIS D 126 -43.32 22.49 34.64
C HIS D 126 -44.41 22.52 33.58
N THR D 127 -44.16 23.31 32.53
CA THR D 127 -45.05 23.38 31.39
C THR D 127 -44.42 22.62 30.24
N THR D 128 -45.12 21.60 29.75
CA THR D 128 -44.60 20.64 28.79
C THR D 128 -45.18 20.92 27.41
N GLY D 129 -44.31 20.94 26.39
CA GLY D 129 -44.77 20.98 25.02
C GLY D 129 -44.79 22.35 24.37
N GLY D 130 -43.69 23.09 24.47
CA GLY D 130 -43.58 24.34 23.73
C GLY D 130 -43.38 24.10 22.25
N VAL D 131 -43.91 25.01 21.44
CA VAL D 131 -43.94 24.86 19.99
C VAL D 131 -43.21 26.03 19.36
N THR D 132 -42.59 25.77 18.20
CA THR D 132 -41.83 26.76 17.47
C THR D 132 -42.29 26.83 16.02
N ALA D 133 -42.36 28.04 15.47
CA ALA D 133 -42.81 28.25 14.10
C ALA D 133 -41.79 27.80 13.06
N ALA D 134 -40.55 27.50 13.47
CA ALA D 134 -39.59 26.92 12.54
C ALA D 134 -39.85 25.45 12.28
N CYS D 135 -40.65 24.80 13.13
CA CYS D 135 -40.95 23.39 13.01
C CYS D 135 -42.46 23.21 12.79
N SER D 136 -43.01 23.98 11.86
CA SER D 136 -44.45 23.97 11.61
C SER D 136 -44.86 22.70 10.85
N HIS D 137 -46.07 22.22 11.16
CA HIS D 137 -46.59 21.01 10.55
C HIS D 137 -48.09 21.18 10.31
N ALA D 138 -48.52 20.93 9.08
CA ALA D 138 -49.92 21.04 8.68
C ALA D 138 -50.45 22.46 8.90
N GLY D 139 -49.55 23.44 8.84
CA GLY D 139 -49.93 24.84 8.97
C GLY D 139 -49.89 25.37 10.38
N LYS D 140 -49.85 24.50 11.39
CA LYS D 140 -49.79 24.90 12.78
C LYS D 140 -48.34 24.79 13.27
N SER D 141 -48.05 25.52 14.34
CA SER D 141 -46.73 25.45 14.95
C SER D 141 -46.60 24.15 15.72
N SER D 142 -45.43 23.52 15.62
CA SER D 142 -45.22 22.22 16.22
C SER D 142 -43.76 22.12 16.65
N PHE D 143 -43.32 20.91 16.97
CA PHE D 143 -41.99 20.67 17.50
C PHE D 143 -41.65 19.21 17.22
N TYR D 144 -40.41 18.84 17.51
CA TYR D 144 -39.98 17.45 17.36
C TYR D 144 -40.93 16.52 18.11
N ARG D 145 -40.90 15.23 17.77
CA ARG D 145 -41.67 14.23 18.50
C ARG D 145 -40.86 13.50 19.54
N ASN D 146 -39.54 13.43 19.37
CA ASN D 146 -38.68 12.73 20.30
C ASN D 146 -38.08 13.63 21.37
N LEU D 147 -38.30 14.94 21.31
CA LEU D 147 -37.81 15.85 22.32
C LEU D 147 -38.92 16.76 22.83
N LEU D 148 -38.89 17.03 24.13
CA LEU D 148 -39.91 17.79 24.82
C LEU D 148 -39.29 19.10 25.28
N TRP D 149 -39.97 20.21 24.99
CA TRP D 149 -39.49 21.54 25.38
C TRP D 149 -40.19 21.95 26.66
N LEU D 150 -39.41 22.20 27.70
CA LEU D 150 -39.92 22.53 29.03
C LEU D 150 -39.75 24.01 29.30
N THR D 151 -40.72 24.59 30.02
CA THR D 151 -40.71 25.99 30.38
C THR D 151 -41.32 26.16 31.77
N GLU D 152 -41.58 27.41 32.15
CA GLU D 152 -42.06 27.71 33.48
C GLU D 152 -43.58 27.48 33.58
N LYS D 153 -44.04 27.27 34.81
CA LYS D 153 -45.45 27.09 35.14
C LYS D 153 -45.76 27.93 36.37
N ASP D 154 -46.86 28.69 36.30
CA ASP D 154 -47.34 29.45 37.45
C ASP D 154 -46.30 30.45 37.96
N GLY D 155 -45.43 30.91 37.08
CA GLY D 155 -44.49 31.97 37.42
C GLY D 155 -43.17 31.51 38.00
N SER D 156 -42.81 30.24 37.85
CA SER D 156 -41.55 29.75 38.38
C SER D 156 -41.07 28.57 37.55
N TYR D 157 -39.76 28.32 37.61
CA TYR D 157 -39.11 27.23 36.90
C TYR D 157 -38.28 26.46 37.91
N PRO D 158 -38.87 25.49 38.62
CA PRO D 158 -38.12 24.78 39.66
C PRO D 158 -37.00 23.92 39.08
N ASN D 159 -36.21 23.32 39.96
CA ASN D 159 -35.10 22.47 39.53
C ASN D 159 -35.61 21.13 39.03
N LEU D 160 -34.90 20.58 38.03
CA LEU D 160 -35.23 19.30 37.46
C LEU D 160 -34.34 18.21 38.04
N ASN D 161 -34.93 17.06 38.33
CA ASN D 161 -34.26 15.95 39.01
C ASN D 161 -34.91 14.66 38.53
N ASN D 162 -34.35 14.08 37.47
CA ASN D 162 -34.89 12.89 36.85
C ASN D 162 -33.75 11.97 36.39
N SER D 163 -34.01 10.67 36.43
CA SER D 163 -33.01 9.67 36.06
C SER D 163 -33.73 8.49 35.43
N TYR D 164 -32.97 7.69 34.66
CA TYR D 164 -33.50 6.49 34.04
C TYR D 164 -32.52 5.34 34.25
N VAL D 165 -33.03 4.22 34.76
CA VAL D 165 -32.23 3.01 34.96
C VAL D 165 -32.49 2.10 33.77
N ASN D 166 -31.43 1.73 33.07
CA ASN D 166 -31.53 0.96 31.82
C ASN D 166 -31.75 -0.52 32.17
N LYS D 167 -33.01 -0.87 32.44
CA LYS D 167 -33.37 -2.26 32.65
C LYS D 167 -33.71 -2.98 31.36
N LYS D 168 -33.54 -2.32 30.22
CA LYS D 168 -33.52 -3.06 28.96
C LYS D 168 -32.23 -3.88 28.86
N GLY D 169 -32.26 -4.87 27.99
CA GLY D 169 -31.11 -5.72 27.77
C GLY D 169 -30.14 -5.21 26.74
N LYS D 170 -30.29 -3.95 26.29
CA LYS D 170 -29.53 -3.42 25.17
C LYS D 170 -29.16 -1.98 25.44
N GLU D 171 -28.22 -1.47 24.65
CA GLU D 171 -27.85 -0.06 24.74
C GLU D 171 -29.03 0.83 24.40
N VAL D 172 -29.18 1.91 25.14
CA VAL D 172 -30.27 2.87 24.96
C VAL D 172 -29.67 4.20 24.54
N LEU D 173 -30.13 4.74 23.42
CA LEU D 173 -29.62 6.00 22.90
C LEU D 173 -30.49 7.14 23.41
N VAL D 174 -29.90 8.00 24.23
CA VAL D 174 -30.62 9.11 24.87
C VAL D 174 -30.20 10.39 24.18
N LEU D 175 -31.17 11.24 23.85
CA LEU D 175 -30.94 12.51 23.18
C LEU D 175 -31.64 13.63 23.93
N TRP D 176 -31.01 14.81 23.93
CA TRP D 176 -31.58 15.99 24.56
C TRP D 176 -30.99 17.22 23.89
N GLY D 177 -31.39 18.39 24.39
CA GLY D 177 -30.90 19.65 23.85
C GLY D 177 -30.84 20.72 24.92
N VAL D 178 -30.14 21.81 24.59
CA VAL D 178 -29.99 22.97 25.47
C VAL D 178 -30.21 24.23 24.65
N HIS D 179 -30.95 25.18 25.23
CA HIS D 179 -31.41 26.36 24.50
C HIS D 179 -30.52 27.56 24.80
N HIS D 180 -30.31 28.39 23.78
CA HIS D 180 -29.43 29.57 23.84
C HIS D 180 -30.20 30.78 23.33
N PRO D 181 -31.04 31.40 24.16
CA PRO D 181 -31.85 32.52 23.68
C PRO D 181 -30.98 33.60 23.06
N SER D 182 -31.65 34.59 22.46
CA SER D 182 -30.95 35.67 21.79
C SER D 182 -30.87 36.94 22.64
N ASN D 183 -31.66 37.02 23.71
CA ASN D 183 -31.68 38.18 24.58
C ASN D 183 -32.15 37.73 25.95
N ILE D 184 -31.92 38.60 26.95
CA ILE D 184 -32.28 38.24 28.33
C ILE D 184 -33.79 38.28 28.54
N LYS D 185 -34.52 39.03 27.71
CA LYS D 185 -35.97 39.07 27.87
C LYS D 185 -36.60 37.71 27.61
N ASP D 186 -36.14 37.01 26.57
CA ASP D 186 -36.65 35.67 26.32
C ASP D 186 -36.25 34.71 27.44
N GLN D 187 -35.03 34.84 27.95
CA GLN D 187 -34.60 33.99 29.05
C GLN D 187 -35.49 34.19 30.27
N GLN D 188 -35.83 35.44 30.58
CA GLN D 188 -36.67 35.70 31.75
C GLN D 188 -38.10 35.22 31.54
N THR D 189 -38.66 35.42 30.34
CA THR D 189 -40.03 34.99 30.10
C THR D 189 -40.15 33.47 30.14
N LEU D 190 -39.13 32.77 29.65
CA LEU D 190 -39.19 31.32 29.58
C LEU D 190 -38.81 30.67 30.91
N TYR D 191 -37.62 30.99 31.41
CA TYR D 191 -37.04 30.29 32.56
C TYR D 191 -36.97 31.12 33.82
N GLN D 192 -37.33 32.40 33.77
CA GLN D 192 -37.46 33.22 34.97
C GLN D 192 -36.14 33.34 35.72
N LYS D 193 -35.01 33.23 35.02
CA LYS D 193 -33.71 33.42 35.65
C LYS D 193 -32.64 33.55 34.58
N GLU D 194 -31.74 34.50 34.77
CA GLU D 194 -30.74 34.81 33.75
C GLU D 194 -29.60 33.79 33.73
N ASN D 195 -29.22 33.27 34.89
CA ASN D 195 -28.18 32.26 35.01
C ASN D 195 -28.82 30.90 35.23
N ALA D 196 -28.49 29.93 34.38
CA ALA D 196 -29.03 28.59 34.49
C ALA D 196 -27.98 27.60 34.02
N TYR D 197 -28.13 26.34 34.44
CA TYR D 197 -27.20 25.30 34.06
C TYR D 197 -27.97 24.06 33.64
N VAL D 198 -27.28 23.14 32.97
CA VAL D 198 -27.79 21.81 32.70
C VAL D 198 -26.68 20.81 32.97
N SER D 199 -26.98 19.79 33.76
CA SER D 199 -26.01 18.79 34.18
C SER D 199 -26.51 17.41 33.78
N VAL D 200 -25.65 16.61 33.15
CA VAL D 200 -25.97 15.25 32.77
C VAL D 200 -24.80 14.36 33.18
N VAL D 201 -25.11 13.30 33.92
CA VAL D 201 -24.08 12.42 34.48
C VAL D 201 -24.55 10.98 34.39
N SER D 202 -23.59 10.07 34.26
CA SER D 202 -23.86 8.64 34.29
C SER D 202 -22.61 7.95 34.84
N SER D 203 -22.62 6.62 34.82
CA SER D 203 -21.46 5.87 35.27
C SER D 203 -20.26 6.04 34.36
N ASN D 204 -20.47 6.61 33.17
CA ASN D 204 -19.42 6.79 32.17
C ASN D 204 -19.42 8.17 31.55
N TYR D 205 -20.51 8.92 31.62
CA TYR D 205 -20.65 10.23 31.01
C TYR D 205 -20.77 11.29 32.11
N ASN D 206 -20.21 12.47 31.87
CA ASN D 206 -20.27 13.57 32.84
C ASN D 206 -20.02 14.87 32.10
N ARG D 207 -20.98 15.80 32.15
CA ARG D 207 -20.81 17.05 31.45
C ARG D 207 -21.77 18.11 32.02
N ARG D 208 -21.37 19.38 31.89
CA ARG D 208 -22.14 20.50 32.39
C ARG D 208 -22.25 21.56 31.31
N PHE D 209 -23.45 22.12 31.15
CA PHE D 209 -23.74 23.07 30.08
C PHE D 209 -24.26 24.37 30.68
N THR D 210 -23.96 25.48 30.01
CA THR D 210 -24.45 26.79 30.44
C THR D 210 -24.95 27.56 29.23
N PRO D 211 -26.10 28.23 29.34
CA PRO D 211 -26.64 28.96 28.19
C PRO D 211 -25.81 30.20 27.87
N GLU D 212 -25.88 30.62 26.61
CA GLU D 212 -25.15 31.79 26.14
C GLU D 212 -26.12 32.70 25.37
N ILE D 213 -26.39 33.87 25.92
CA ILE D 213 -27.37 34.80 25.38
C ILE D 213 -26.64 35.87 24.57
N ALA D 214 -26.91 35.93 23.28
CA ALA D 214 -26.30 36.92 22.39
C ALA D 214 -27.11 37.03 21.11
N GLU D 215 -27.12 38.22 20.51
CA GLU D 215 -27.85 38.41 19.27
C GLU D 215 -27.07 37.79 18.10
N ARG D 216 -27.79 37.05 17.27
CA ARG D 216 -27.21 36.23 16.21
C ARG D 216 -27.96 36.49 14.92
N PRO D 217 -27.37 36.13 13.77
CA PRO D 217 -28.11 36.21 12.51
C PRO D 217 -29.29 35.23 12.49
N LYS D 218 -30.32 35.60 11.73
CA LYS D 218 -31.52 34.78 11.66
C LYS D 218 -31.32 33.61 10.70
N VAL D 219 -31.65 32.40 11.16
CA VAL D 219 -31.60 31.18 10.37
C VAL D 219 -32.93 30.47 10.54
N ARG D 220 -33.55 30.07 9.42
CA ARG D 220 -34.91 29.51 9.42
C ARG D 220 -35.92 30.50 9.98
N GLY D 221 -35.53 31.76 10.15
CA GLY D 221 -36.39 32.77 10.75
C GLY D 221 -36.19 32.99 12.23
N GLN D 222 -35.30 32.24 12.88
CA GLN D 222 -35.13 32.28 14.32
C GLN D 222 -33.76 32.84 14.68
N ALA D 223 -33.72 33.61 15.76
CA ALA D 223 -32.48 34.20 16.26
C ALA D 223 -31.85 33.41 17.40
N GLY D 224 -32.58 32.43 17.96
CA GLY D 224 -32.04 31.59 19.01
C GLY D 224 -31.27 30.42 18.44
N ARG D 225 -30.84 29.53 19.34
CA ARG D 225 -30.13 28.32 18.95
C ARG D 225 -30.46 27.22 19.94
N ILE D 226 -30.53 25.98 19.43
CA ILE D 226 -30.65 24.79 20.25
C ILE D 226 -29.52 23.85 19.89
N ASN D 227 -28.77 23.40 20.90
CA ASN D 227 -27.67 22.46 20.70
C ASN D 227 -28.13 21.08 21.17
N TYR D 228 -27.92 20.07 20.32
CA TYR D 228 -28.39 18.72 20.61
C TYR D 228 -27.21 17.81 20.95
N TYR D 229 -27.45 16.90 21.88
CA TYR D 229 -26.42 16.03 22.42
C TYR D 229 -26.95 14.60 22.44
N TRP D 230 -26.07 13.66 22.83
CA TRP D 230 -26.48 12.27 22.91
C TRP D 230 -25.44 11.47 23.67
N THR D 231 -25.88 10.36 24.26
CA THR D 231 -25.02 9.39 24.90
C THR D 231 -25.64 8.01 24.70
N LEU D 232 -24.84 6.98 24.91
CA LEU D 232 -25.28 5.59 24.87
C LEU D 232 -25.20 5.01 26.27
N LEU D 233 -26.33 4.55 26.79
CA LEU D 233 -26.37 3.93 28.12
C LEU D 233 -26.05 2.45 28.02
N LYS D 234 -25.11 1.98 28.84
CA LYS D 234 -24.84 0.56 28.92
C LYS D 234 -25.88 -0.13 29.80
N PRO D 235 -26.12 -1.42 29.59
CA PRO D 235 -27.16 -2.11 30.37
C PRO D 235 -26.91 -2.01 31.86
N GLY D 236 -27.98 -1.86 32.62
CA GLY D 236 -27.88 -1.71 34.06
C GLY D 236 -27.38 -0.37 34.51
N ASP D 237 -27.07 0.54 33.59
CA ASP D 237 -26.49 1.82 33.92
C ASP D 237 -27.61 2.86 34.05
N THR D 238 -27.31 3.91 34.82
CA THR D 238 -28.27 4.95 35.15
C THR D 238 -27.80 6.27 34.56
N ILE D 239 -28.73 7.05 34.02
CA ILE D 239 -28.45 8.37 33.48
C ILE D 239 -29.27 9.38 34.26
N MET D 240 -28.61 10.42 34.76
CA MET D 240 -29.23 11.41 35.62
C MET D 240 -29.22 12.77 34.93
N PHE D 241 -30.36 13.46 34.98
CA PHE D 241 -30.54 14.78 34.40
C PHE D 241 -30.86 15.77 35.49
N GLU D 242 -30.09 16.85 35.59
CA GLU D 242 -30.37 17.94 36.50
C GLU D 242 -30.16 19.26 35.76
N ALA D 243 -31.10 20.19 35.92
CA ALA D 243 -31.09 21.42 35.16
C ALA D 243 -31.84 22.50 35.93
N ASN D 244 -31.26 23.70 35.95
CA ASN D 244 -31.94 24.88 36.49
C ASN D 244 -32.72 25.62 35.43
N GLY D 245 -32.35 25.46 34.16
CA GLY D 245 -33.06 26.08 33.06
C GLY D 245 -32.36 25.74 31.77
N ASN D 246 -33.06 26.03 30.66
CA ASN D 246 -32.54 25.84 29.31
C ASN D 246 -32.46 24.37 28.91
N LEU D 247 -33.31 23.51 29.47
CA LEU D 247 -33.32 22.10 29.13
C LEU D 247 -34.39 21.82 28.08
N ILE D 248 -34.06 20.97 27.12
CA ILE D 248 -35.04 20.40 26.20
C ILE D 248 -35.02 18.89 26.39
N ALA D 249 -35.84 18.40 27.31
CA ALA D 249 -35.65 17.07 27.85
C ALA D 249 -35.94 16.00 26.81
N PRO D 250 -35.45 14.79 27.03
CA PRO D 250 -35.82 13.69 26.15
C PRO D 250 -37.29 13.33 26.30
N TRP D 251 -37.84 12.76 25.24
CA TRP D 251 -39.16 12.13 25.31
C TRP D 251 -39.13 10.69 24.83
N TYR D 252 -38.39 10.38 23.76
CA TYR D 252 -38.30 9.02 23.26
C TYR D 252 -36.83 8.65 23.07
N ALA D 253 -36.49 7.43 23.48
CA ALA D 253 -35.15 6.89 23.34
C ALA D 253 -35.23 5.60 22.54
N PHE D 254 -34.07 5.07 22.16
CA PHE D 254 -33.99 3.88 21.31
C PHE D 254 -33.14 2.82 21.98
N ALA D 255 -33.72 1.64 22.22
CA ALA D 255 -32.94 0.48 22.62
C ALA D 255 -32.38 -0.17 21.36
N LEU D 256 -31.06 -0.21 21.25
CA LEU D 256 -30.41 -0.55 19.98
C LEU D 256 -30.00 -2.01 19.95
N SER D 257 -30.27 -2.65 18.81
CA SER D 257 -29.79 -4.00 18.54
C SER D 257 -28.72 -3.91 17.47
N ARG D 258 -27.52 -4.36 17.80
CA ARG D 258 -26.38 -4.25 16.90
C ARG D 258 -26.44 -5.34 15.84
N GLY D 259 -25.62 -5.18 14.81
CA GLY D 259 -25.56 -6.16 13.75
C GLY D 259 -24.30 -6.00 12.94
N PHE D 260 -24.26 -6.70 11.80
CA PHE D 260 -23.13 -6.66 10.89
C PHE D 260 -23.61 -6.48 9.47
N GLY D 261 -22.78 -5.85 8.65
CA GLY D 261 -23.07 -5.71 7.23
C GLY D 261 -24.00 -4.57 6.87
N SER D 262 -24.40 -3.74 7.83
CA SER D 262 -25.33 -2.65 7.56
C SER D 262 -24.56 -1.39 7.20
N GLY D 263 -25.28 -0.32 6.88
CA GLY D 263 -24.64 0.93 6.56
C GLY D 263 -25.65 1.95 6.09
N ILE D 264 -25.14 3.12 5.71
CA ILE D 264 -25.94 4.25 5.26
C ILE D 264 -25.49 4.61 3.86
N ILE D 265 -26.44 4.68 2.92
CA ILE D 265 -26.16 5.04 1.54
C ILE D 265 -27.14 6.12 1.11
N THR D 266 -26.76 6.88 0.09
CA THR D 266 -27.58 7.95 -0.47
C THR D 266 -27.89 7.60 -1.93
N SER D 267 -29.17 7.51 -2.26
CA SER D 267 -29.58 7.03 -3.57
C SER D 267 -30.88 7.70 -3.99
N ASN D 268 -31.01 7.87 -5.31
CA ASN D 268 -32.20 8.41 -5.93
C ASN D 268 -33.15 7.32 -6.44
N ALA D 269 -32.71 6.06 -6.39
CA ALA D 269 -33.48 4.97 -6.97
C ALA D 269 -34.77 4.73 -6.19
N SER D 270 -35.63 3.89 -6.78
CA SER D 270 -36.89 3.50 -6.18
C SER D 270 -36.76 2.11 -5.56
N MET D 271 -37.80 1.67 -4.86
CA MET D 271 -37.82 0.38 -4.20
C MET D 271 -38.84 -0.54 -4.86
N HIS D 272 -38.54 -1.84 -4.84
CA HIS D 272 -39.45 -2.85 -5.34
C HIS D 272 -39.17 -4.15 -4.60
N GLU D 273 -40.15 -5.05 -4.65
CA GLU D 273 -40.07 -6.32 -3.91
C GLU D 273 -39.18 -7.28 -4.70
N CYS D 274 -37.87 -7.17 -4.48
CA CYS D 274 -36.91 -8.04 -5.16
C CYS D 274 -35.76 -8.38 -4.23
N ASP D 275 -35.37 -9.65 -4.21
CA ASP D 275 -34.23 -10.09 -3.40
C ASP D 275 -32.95 -9.93 -4.20
N THR D 276 -31.89 -9.55 -3.51
CA THR D 276 -30.59 -9.34 -4.11
C THR D 276 -29.51 -9.68 -3.09
N LYS D 277 -28.31 -9.95 -3.60
CA LYS D 277 -27.16 -10.24 -2.75
C LYS D 277 -26.18 -9.08 -2.66
N CYS D 278 -26.18 -8.19 -3.65
CA CYS D 278 -25.29 -7.03 -3.67
C CYS D 278 -26.09 -5.81 -4.12
N GLN D 279 -25.83 -4.67 -3.47
CA GLN D 279 -26.60 -3.45 -3.69
C GLN D 279 -25.67 -2.26 -3.66
N THR D 280 -25.57 -1.59 -4.77
CA THR D 280 -24.96 -0.28 -4.90
C THR D 280 -26.04 0.80 -4.79
N PRO D 281 -25.66 2.05 -4.52
CA PRO D 281 -26.68 3.12 -4.49
C PRO D 281 -27.40 3.28 -5.80
N GLN D 282 -26.81 2.76 -6.87
CA GLN D 282 -27.37 2.86 -8.22
C GLN D 282 -28.35 1.74 -8.51
N GLY D 283 -27.97 0.51 -8.20
CA GLY D 283 -28.84 -0.63 -8.44
C GLY D 283 -28.11 -1.89 -8.04
N ALA D 284 -28.85 -3.00 -8.09
CA ALA D 284 -28.30 -4.27 -7.65
C ALA D 284 -27.33 -4.81 -8.69
N ILE D 285 -26.09 -5.04 -8.29
CA ILE D 285 -25.17 -5.83 -9.10
C ILE D 285 -25.40 -7.27 -8.69
N ASN D 286 -26.43 -7.88 -9.27
CA ASN D 286 -26.75 -9.29 -9.00
C ASN D 286 -26.05 -10.16 -10.05
N SER D 287 -24.74 -10.25 -9.91
CA SER D 287 -23.90 -11.00 -10.82
C SER D 287 -22.71 -11.53 -10.05
N SER D 288 -22.02 -12.49 -10.66
CA SER D 288 -21.02 -13.33 -10.02
C SER D 288 -19.62 -13.07 -10.54
N LEU D 289 -19.41 -11.97 -11.27
CA LEU D 289 -18.09 -11.70 -11.77
C LEU D 289 -17.24 -11.08 -10.66
N PRO D 290 -15.92 -11.23 -10.76
CA PRO D 290 -15.05 -10.79 -9.66
C PRO D 290 -14.92 -9.30 -9.53
N PHE D 291 -15.05 -8.55 -10.63
CA PHE D 291 -14.85 -7.11 -10.60
C PHE D 291 -16.05 -6.40 -11.14
N GLN D 292 -16.20 -5.16 -10.68
CA GLN D 292 -17.21 -4.26 -11.17
C GLN D 292 -16.66 -2.86 -11.14
N ASN D 293 -17.22 -2.02 -12.00
CA ASN D 293 -16.84 -0.62 -12.12
C ASN D 293 -18.03 0.31 -11.93
N ILE D 294 -19.04 -0.10 -11.15
CA ILE D 294 -20.27 0.66 -11.13
C ILE D 294 -20.23 1.75 -10.06
N HIS D 295 -19.89 1.37 -8.83
CA HIS D 295 -19.81 2.32 -7.73
C HIS D 295 -18.91 1.73 -6.67
N PRO D 296 -18.21 2.56 -5.88
CA PRO D 296 -17.40 2.00 -4.79
C PRO D 296 -18.21 1.64 -3.55
N ILE D 297 -19.32 2.33 -3.28
CA ILE D 297 -20.10 2.05 -2.08
C ILE D 297 -20.91 0.78 -2.28
N THR D 298 -20.91 -0.09 -1.27
CA THR D 298 -21.54 -1.39 -1.37
C THR D 298 -22.17 -1.74 -0.03
N ILE D 299 -23.14 -2.65 -0.09
CA ILE D 299 -23.70 -3.29 1.10
C ILE D 299 -23.98 -4.73 0.75
N GLY D 300 -23.37 -5.64 1.49
CA GLY D 300 -23.46 -7.05 1.19
C GLY D 300 -22.17 -7.56 0.56
N GLU D 301 -22.25 -8.80 0.07
CA GLU D 301 -21.11 -9.45 -0.56
C GLU D 301 -21.05 -8.98 -2.00
N CYS D 302 -20.37 -7.95 -2.20
CA CYS D 302 -20.35 -7.37 -3.52
C CYS D 302 -19.04 -7.64 -4.24
N PRO D 303 -19.05 -7.59 -5.57
CA PRO D 303 -17.78 -7.67 -6.30
C PRO D 303 -16.87 -6.49 -5.99
N LYS D 304 -15.57 -6.72 -6.18
CA LYS D 304 -14.58 -5.69 -5.92
C LYS D 304 -14.61 -4.61 -6.98
N TYR D 305 -14.56 -3.35 -6.53
CA TYR D 305 -14.62 -2.21 -7.43
C TYR D 305 -13.24 -1.90 -8.01
N VAL D 306 -13.18 -1.72 -9.32
CA VAL D 306 -11.98 -1.27 -10.03
C VAL D 306 -12.39 -0.22 -11.05
N ARG D 307 -11.58 0.83 -11.19
CA ARG D 307 -11.86 1.88 -12.18
C ARG D 307 -11.77 1.39 -13.62
N SER D 308 -11.42 0.12 -13.84
CA SER D 308 -11.26 -0.38 -15.20
C SER D 308 -12.56 -0.28 -15.98
N THR D 309 -12.42 -0.11 -17.30
CA THR D 309 -13.55 -0.15 -18.20
C THR D 309 -13.85 -1.54 -18.73
N LYS D 310 -12.86 -2.45 -18.71
CA LYS D 310 -13.13 -3.83 -19.10
C LYS D 310 -12.03 -4.74 -18.56
N LEU D 311 -12.41 -5.98 -18.28
CA LEU D 311 -11.46 -7.01 -17.89
C LEU D 311 -11.94 -8.34 -18.47
N ARG D 312 -11.35 -8.75 -19.59
CA ARG D 312 -11.70 -10.01 -20.24
C ARG D 312 -10.54 -10.97 -20.19
N MET D 313 -10.84 -12.21 -19.81
CA MET D 313 -9.87 -13.29 -19.72
C MET D 313 -10.08 -14.26 -20.88
N VAL D 314 -9.00 -14.90 -21.29
CA VAL D 314 -9.06 -15.91 -22.34
C VAL D 314 -9.45 -17.24 -21.70
N THR D 315 -10.57 -17.82 -22.15
CA THR D 315 -10.92 -19.20 -21.87
C THR D 315 -11.06 -19.98 -23.17
N GLY D 316 -10.29 -19.60 -24.18
CA GLY D 316 -10.37 -20.23 -25.47
C GLY D 316 -9.11 -20.03 -26.27
N LEU D 317 -9.22 -20.26 -27.57
CA LEU D 317 -8.08 -20.23 -28.49
C LEU D 317 -8.02 -18.91 -29.25
N ARG D 318 -6.88 -18.68 -29.89
CA ARG D 318 -6.79 -17.63 -30.91
C ARG D 318 -7.59 -18.07 -32.12
N ASN D 319 -8.21 -17.11 -32.80
CA ASN D 319 -8.99 -17.40 -34.00
C ASN D 319 -8.35 -16.70 -35.19
N ILE D 320 -8.12 -17.46 -36.26
CA ILE D 320 -7.45 -16.98 -37.46
C ILE D 320 -8.00 -17.80 -38.63
N PRO D 321 -9.25 -17.58 -39.04
CA PRO D 321 -9.88 -18.38 -40.11
C PRO D 321 -9.03 -18.45 -41.37
N VAL E 5 1.90 7.40 -30.87
CA VAL E 5 3.30 7.57 -31.24
C VAL E 5 3.38 8.03 -32.68
N GLN E 6 3.97 9.19 -32.87
CA GLN E 6 3.97 9.80 -34.18
C GLN E 6 4.95 10.95 -34.13
N LEU E 7 5.18 11.54 -35.30
CA LEU E 7 6.11 12.63 -35.41
C LEU E 7 5.66 13.50 -36.56
N VAL E 8 6.06 14.75 -36.50
CA VAL E 8 5.66 15.73 -37.49
C VAL E 8 6.89 16.55 -37.84
N GLU E 9 7.05 16.85 -39.11
CA GLU E 9 8.22 17.54 -39.61
C GLU E 9 7.79 18.66 -40.55
N SER E 10 8.70 19.60 -40.72
CA SER E 10 8.57 20.63 -41.74
C SER E 10 9.92 21.22 -42.09
N VAL E 15 15.51 23.63 -51.66
CA VAL E 15 16.95 23.50 -51.89
C VAL E 15 17.39 24.44 -52.99
N GLN E 16 18.69 24.72 -53.05
CA GLN E 16 19.28 25.59 -54.05
C GLN E 16 20.74 25.23 -54.19
N PRO E 17 21.39 25.65 -55.28
CA PRO E 17 22.82 25.36 -55.42
C PRO E 17 23.68 26.20 -54.50
N GLY E 18 23.34 26.23 -53.22
CA GLY E 18 24.12 26.97 -52.25
C GLY E 18 23.53 27.03 -50.87
N GLY E 19 24.40 27.04 -49.87
CA GLY E 19 23.90 27.21 -48.54
C GLY E 19 23.26 25.93 -48.05
N SER E 20 22.55 26.06 -46.94
CA SER E 20 21.98 24.93 -46.24
C SER E 20 20.66 25.38 -45.67
N LEU E 21 19.75 24.43 -45.50
CA LEU E 21 18.37 24.72 -45.15
C LEU E 21 18.01 24.04 -43.84
N ARG E 22 17.45 24.80 -42.92
CA ARG E 22 17.04 24.24 -41.64
C ARG E 22 15.66 23.60 -41.74
N LEU E 23 15.50 22.47 -41.04
CA LEU E 23 14.21 21.82 -40.92
C LEU E 23 14.13 21.14 -39.56
N SER E 24 12.90 20.93 -39.11
CA SER E 24 12.64 20.52 -37.73
C SER E 24 11.64 19.38 -37.72
N CYS E 25 11.72 18.54 -36.70
CA CYS E 25 10.79 17.45 -36.46
C CYS E 25 10.31 17.54 -35.02
N ALA E 26 9.03 17.29 -34.80
CA ALA E 26 8.40 17.48 -33.50
C ALA E 26 7.70 16.19 -33.08
N ALA E 27 7.81 15.86 -31.80
CA ALA E 27 7.17 14.65 -31.29
C ALA E 27 5.66 14.82 -31.30
N SER E 28 4.95 13.71 -31.49
CA SER E 28 3.50 13.70 -31.45
C SER E 28 3.04 12.38 -30.88
N GLY E 29 1.80 12.37 -30.39
CA GLY E 29 1.26 11.12 -29.91
C GLY E 29 1.76 10.83 -28.50
N LYS E 30 1.37 9.65 -28.02
CA LYS E 30 1.51 9.32 -26.60
C LYS E 30 2.96 9.38 -26.15
N TYR E 31 3.29 10.32 -25.26
CA TYR E 31 4.59 10.32 -24.58
C TYR E 31 5.66 9.72 -25.49
N VAL E 32 5.82 10.32 -26.67
CA VAL E 32 6.96 9.99 -27.48
C VAL E 32 8.23 10.56 -26.87
N ASN E 33 8.10 11.42 -25.86
CA ASN E 33 9.30 12.01 -25.27
C ASN E 33 10.29 10.94 -24.86
N LEU E 34 9.79 9.75 -24.51
CA LEU E 34 10.63 8.67 -24.04
C LEU E 34 11.48 8.06 -25.16
N MET E 35 11.25 8.45 -26.41
CA MET E 35 11.70 7.72 -27.57
C MET E 35 12.78 8.46 -28.34
N SER E 36 13.78 7.71 -28.81
CA SER E 36 14.80 8.27 -29.66
C SER E 36 14.24 8.61 -31.03
N LEU E 37 14.83 9.61 -31.67
CA LEU E 37 14.31 10.20 -32.90
C LEU E 37 15.45 10.37 -33.90
N GLY E 38 15.10 10.34 -35.18
CA GLY E 38 16.09 10.38 -36.22
C GLY E 38 15.50 10.91 -37.50
N TRP E 39 16.36 11.14 -38.49
CA TRP E 39 15.98 11.68 -39.77
C TRP E 39 16.23 10.66 -40.86
N PHE E 40 15.42 10.73 -41.92
CA PHE E 40 15.56 9.84 -43.05
C PHE E 40 15.24 10.57 -44.34
N ARG E 41 15.66 9.98 -45.44
CA ARG E 41 15.51 10.56 -46.75
C ARG E 41 15.36 9.45 -47.78
N GLN E 42 14.68 9.80 -48.86
CA GLN E 42 14.46 8.89 -49.97
C GLN E 42 14.62 9.69 -51.26
N ALA E 43 15.21 9.06 -52.27
CA ALA E 43 15.32 9.71 -53.57
C ALA E 43 14.04 9.51 -54.38
N GLY E 47 16.56 5.31 -53.00
CA GLY E 47 15.88 4.51 -52.00
C GLY E 47 15.93 5.12 -50.62
N LEU E 48 15.29 4.46 -49.66
CA LEU E 48 15.23 5.00 -48.31
C LEU E 48 16.57 4.80 -47.60
N GLU E 49 16.97 5.81 -46.83
CA GLU E 49 18.24 5.76 -46.12
C GLU E 49 18.19 6.71 -44.94
N ALA E 50 19.01 6.43 -43.94
CA ALA E 50 19.06 7.25 -42.75
C ALA E 50 20.01 8.42 -42.97
N VAL E 51 19.86 9.45 -42.13
CA VAL E 51 20.71 10.62 -42.23
C VAL E 51 21.29 10.94 -40.87
N ALA E 52 20.42 11.09 -39.88
CA ALA E 52 20.89 11.47 -38.57
C ALA E 52 19.89 11.03 -37.53
N ALA E 53 20.39 10.97 -36.29
CA ALA E 53 19.63 10.49 -35.16
C ALA E 53 20.27 11.09 -33.92
N ILE E 54 19.47 11.14 -32.86
CA ILE E 54 19.89 11.73 -31.60
C ILE E 54 19.17 10.98 -30.49
N SER E 55 19.82 10.87 -29.34
CA SER E 55 19.30 10.04 -28.26
C SER E 55 18.28 10.81 -27.42
N PHE E 56 17.71 10.10 -26.44
CA PHE E 56 16.96 10.77 -25.39
C PHE E 56 17.90 11.67 -24.60
N ASP E 57 17.37 12.80 -24.14
CA ASP E 57 18.17 13.72 -23.34
C ASP E 57 19.40 14.19 -24.11
N GLY E 58 19.41 13.99 -25.43
CA GLY E 58 20.53 14.41 -26.24
C GLY E 58 21.85 13.82 -25.81
N LYS E 59 21.83 12.61 -25.26
CA LYS E 59 23.06 12.06 -24.70
C LYS E 59 24.09 11.84 -25.80
N LYS E 60 23.67 11.30 -26.93
CA LYS E 60 24.60 10.98 -28.01
C LYS E 60 23.94 11.27 -29.35
N THR E 61 24.79 11.40 -30.36
CA THR E 61 24.37 11.71 -31.71
C THR E 61 25.06 10.76 -32.67
N TYR E 62 24.38 10.48 -33.78
CA TYR E 62 24.89 9.58 -34.79
C TYR E 62 24.57 10.18 -36.15
N TYR E 63 25.34 9.77 -37.15
CA TYR E 63 25.22 10.36 -38.47
C TYR E 63 25.45 9.30 -39.53
N ALA E 64 24.94 9.57 -40.72
CA ALA E 64 25.28 8.75 -41.87
C ALA E 64 26.67 9.14 -42.39
N ASP E 65 27.13 8.41 -43.41
CA ASP E 65 28.44 8.67 -43.98
C ASP E 65 28.52 10.03 -44.67
N SER E 66 27.41 10.47 -45.27
CA SER E 66 27.43 11.71 -46.05
C SER E 66 27.59 12.93 -45.17
N VAL E 67 27.13 12.86 -43.93
CA VAL E 67 27.19 14.03 -43.03
C VAL E 67 28.64 14.43 -42.79
N LYS E 68 29.51 13.45 -42.55
CA LYS E 68 30.92 13.73 -42.29
C LYS E 68 31.10 14.55 -41.03
N GLY E 69 30.21 14.35 -40.06
CA GLY E 69 30.26 15.09 -38.81
C GLY E 69 29.66 16.48 -38.86
N ARG E 70 29.15 16.91 -40.02
CA ARG E 70 28.55 18.24 -40.10
C ARG E 70 27.11 18.15 -39.65
N PHE E 71 26.37 19.26 -39.76
CA PHE E 71 24.93 19.24 -39.53
C PHE E 71 24.63 18.85 -38.09
N THR E 72 25.04 19.72 -37.17
CA THR E 72 24.83 19.51 -35.74
C THR E 72 23.35 19.40 -35.41
N ILE E 73 22.99 18.28 -34.80
CA ILE E 73 21.61 17.99 -34.45
C ILE E 73 21.40 18.27 -32.97
N SER E 74 20.17 18.61 -32.62
CA SER E 74 19.86 18.95 -31.25
C SER E 74 18.36 18.90 -31.06
N ARG E 75 17.96 18.88 -29.80
CA ARG E 75 16.56 18.92 -29.43
C ARG E 75 16.46 19.51 -28.04
N ASP E 76 15.26 19.91 -27.67
CA ASP E 76 15.05 20.60 -26.41
C ASP E 76 13.56 20.52 -26.08
N ASN E 77 13.21 21.16 -24.97
CA ASN E 77 11.88 20.98 -24.40
C ASN E 77 10.78 21.52 -25.29
N SER E 78 10.97 22.71 -25.85
CA SER E 78 9.88 23.43 -26.49
C SER E 78 9.20 22.57 -27.55
N LYS E 79 7.94 22.21 -27.29
CA LYS E 79 7.18 21.42 -28.25
C LYS E 79 7.89 20.13 -28.59
N ASN E 80 8.80 19.70 -27.72
CA ASN E 80 9.51 18.43 -27.90
C ASN E 80 10.10 18.36 -29.30
N THR E 81 10.75 19.44 -29.68
CA THR E 81 11.19 19.62 -31.05
C THR E 81 12.67 19.26 -31.17
N LEU E 82 13.05 18.85 -32.36
CA LEU E 82 14.45 18.68 -32.70
C LEU E 82 14.69 19.29 -34.07
N TYR E 83 15.94 19.65 -34.32
CA TYR E 83 16.27 20.50 -35.43
C TYR E 83 17.48 19.92 -36.15
N LEU E 84 17.52 20.17 -37.45
CA LEU E 84 18.61 19.75 -38.30
C LEU E 84 19.02 20.95 -39.14
N GLN E 85 20.29 21.36 -39.03
CA GLN E 85 20.81 22.42 -39.87
C GLN E 85 22.33 22.30 -39.87
N MET E 86 22.94 22.89 -40.91
CA MET E 86 24.40 22.90 -41.06
C MET E 86 25.10 23.31 -39.77
N VAL E 96 12.59 13.54 -50.80
CA VAL E 96 11.76 13.84 -49.64
C VAL E 96 12.41 13.32 -48.36
N TYR E 97 12.28 14.11 -47.30
CA TYR E 97 12.92 13.85 -46.01
C TYR E 97 11.87 13.48 -44.98
N TYR E 98 12.21 12.51 -44.14
CA TYR E 98 11.30 12.03 -43.11
C TYR E 98 12.03 11.93 -41.78
N CYS E 99 11.25 11.83 -40.72
CA CYS E 99 11.77 11.59 -39.39
C CYS E 99 10.93 10.52 -38.71
N ALA E 100 11.57 9.79 -37.81
CA ALA E 100 10.93 8.63 -37.21
C ALA E 100 11.48 8.44 -35.81
N ALA E 101 10.86 7.53 -35.08
CA ALA E 101 11.17 7.32 -33.68
C ALA E 101 11.45 5.84 -33.45
N SER E 102 12.22 5.57 -32.39
CA SER E 102 12.56 4.21 -32.04
C SER E 102 12.86 4.13 -30.55
N VAL E 103 12.55 2.98 -29.97
CA VAL E 103 12.85 2.78 -28.57
C VAL E 103 14.34 2.59 -28.37
N VAL E 104 15.05 2.23 -29.43
CA VAL E 104 16.43 1.78 -29.34
C VAL E 104 17.34 2.97 -29.59
N ASP E 105 18.44 3.04 -28.82
CA ASP E 105 19.37 4.16 -28.93
C ASP E 105 20.39 3.89 -30.02
N SER E 106 19.91 3.89 -31.26
CA SER E 106 20.80 3.59 -32.36
C SER E 106 20.28 4.21 -33.64
N LEU E 107 21.20 4.33 -34.59
CA LEU E 107 20.90 4.91 -35.89
C LEU E 107 20.39 3.88 -36.87
N GLY E 108 20.48 2.60 -36.52
CA GLY E 108 20.16 1.55 -37.47
C GLY E 108 18.81 1.78 -38.08
N VAL E 109 18.68 1.49 -39.37
CA VAL E 109 17.42 1.67 -40.07
C VAL E 109 16.35 0.75 -39.49
N GLY E 110 16.70 -0.49 -39.18
CA GLY E 110 15.72 -1.49 -38.80
C GLY E 110 14.98 -1.18 -37.52
N PHE E 111 15.53 -0.31 -36.67
CA PHE E 111 15.01 -0.10 -35.33
C PHE E 111 13.80 0.80 -35.29
N TYR E 112 13.51 1.49 -36.39
CA TYR E 112 12.59 2.60 -36.39
C TYR E 112 11.26 2.14 -36.97
N SER E 113 10.18 2.49 -36.30
CA SER E 113 8.86 1.94 -36.57
C SER E 113 7.83 2.99 -36.93
N TYR E 114 7.90 4.19 -36.34
CA TYR E 114 6.83 5.17 -36.43
C TYR E 114 7.38 6.38 -37.16
N TRP E 115 6.66 6.82 -38.18
CA TRP E 115 7.21 7.68 -39.20
C TRP E 115 6.35 8.91 -39.38
N GLY E 116 6.98 9.97 -39.89
CA GLY E 116 6.28 11.18 -40.21
C GLY E 116 5.75 11.20 -41.62
N GLN E 117 5.23 12.36 -42.01
CA GLN E 117 4.55 12.50 -43.28
C GLN E 117 5.47 12.85 -44.44
N GLY E 118 6.71 13.27 -44.16
CA GLY E 118 7.62 13.63 -45.23
C GLY E 118 7.47 15.08 -45.63
N THR E 119 8.58 15.72 -45.94
CA THR E 119 8.58 17.12 -46.33
C THR E 119 9.74 17.39 -47.27
N PHE F 14 22.44 -22.60 -29.26
CA PHE F 14 22.87 -22.98 -30.64
C PHE F 14 24.03 -22.10 -31.09
N ILE F 15 23.77 -20.80 -31.19
CA ILE F 15 24.79 -19.84 -31.60
C ILE F 15 25.70 -19.58 -30.41
N GLU F 16 27.02 -19.57 -30.66
CA GLU F 16 27.96 -19.41 -29.56
C GLU F 16 27.80 -18.06 -28.86
N GLY F 17 27.63 -16.99 -29.63
CA GLY F 17 27.50 -15.67 -29.02
C GLY F 17 26.97 -14.66 -30.01
N GLY F 18 26.66 -13.48 -29.48
CA GLY F 18 26.17 -12.40 -30.32
C GLY F 18 27.25 -11.84 -31.22
N TRP F 19 26.79 -11.12 -32.25
CA TRP F 19 27.67 -10.48 -33.22
C TRP F 19 27.90 -9.02 -32.85
N THR F 20 29.10 -8.54 -33.15
CA THR F 20 29.48 -7.16 -32.89
C THR F 20 29.51 -6.30 -34.15
N GLY F 21 29.67 -6.93 -35.31
CA GLY F 21 29.73 -6.17 -36.55
C GLY F 21 28.36 -5.77 -37.07
N MET F 22 27.33 -6.55 -36.75
CA MET F 22 25.98 -6.24 -37.21
C MET F 22 25.43 -5.06 -36.42
N ILE F 23 24.93 -4.07 -37.15
CA ILE F 23 24.41 -2.84 -36.55
C ILE F 23 23.06 -2.45 -37.11
N ASP F 24 22.56 -3.14 -38.13
CA ASP F 24 21.30 -2.74 -38.76
C ASP F 24 20.08 -3.11 -37.93
N GLY F 25 20.24 -4.02 -36.96
CA GLY F 25 19.12 -4.44 -36.15
C GLY F 25 19.53 -5.47 -35.12
N TRP F 26 18.53 -5.85 -34.33
CA TRP F 26 18.69 -6.93 -33.36
C TRP F 26 19.00 -8.25 -34.06
N TYR F 27 18.07 -8.71 -34.88
CA TYR F 27 18.17 -9.99 -35.55
C TYR F 27 18.66 -9.82 -36.98
N GLY F 28 19.49 -10.74 -37.42
CA GLY F 28 20.09 -10.64 -38.74
C GLY F 28 20.77 -11.93 -39.13
N TYR F 29 21.19 -11.97 -40.39
CA TYR F 29 21.93 -13.08 -40.95
C TYR F 29 23.39 -12.67 -41.15
N HIS F 30 24.26 -13.66 -41.27
CA HIS F 30 25.59 -13.48 -41.80
C HIS F 30 25.84 -14.55 -42.85
N TRP F 31 26.49 -14.17 -43.94
CA TRP F 31 26.62 -15.06 -45.08
C TRP F 31 27.99 -14.91 -45.72
N GLN F 32 28.39 -15.95 -46.45
CA GLN F 32 29.64 -15.95 -47.20
C GLN F 32 29.46 -16.77 -48.47
N ASN F 33 30.00 -16.26 -49.57
CA ASN F 33 30.03 -17.00 -50.82
C ASN F 33 31.17 -16.47 -51.66
N GLU F 34 31.26 -16.97 -52.89
CA GLU F 34 32.32 -16.53 -53.80
C GLU F 34 32.21 -15.05 -54.14
N GLN F 35 31.02 -14.46 -54.01
CA GLN F 35 30.81 -13.08 -54.43
C GLN F 35 30.98 -12.08 -53.30
N GLY F 36 30.91 -12.50 -52.04
CA GLY F 36 31.12 -11.59 -50.94
C GLY F 36 30.55 -12.15 -49.65
N SER F 37 30.62 -11.31 -48.62
CA SER F 37 30.15 -11.68 -47.29
C SER F 37 29.82 -10.40 -46.53
N GLY F 38 29.07 -10.56 -45.45
CA GLY F 38 28.70 -9.40 -44.64
C GLY F 38 27.58 -9.75 -43.68
N TYR F 39 26.98 -8.71 -43.13
CA TYR F 39 25.89 -8.83 -42.17
C TYR F 39 24.64 -8.13 -42.70
N ALA F 40 23.52 -8.43 -42.08
CA ALA F 40 22.25 -7.79 -42.40
C ALA F 40 21.26 -8.15 -41.31
N ALA F 41 20.30 -7.27 -41.07
CA ALA F 41 19.29 -7.46 -40.05
C ALA F 41 17.94 -7.75 -40.68
N ASP F 42 17.19 -8.68 -40.09
CA ASP F 42 15.85 -9.01 -40.57
C ASP F 42 14.90 -7.93 -40.11
N GLN F 43 14.50 -7.06 -41.03
CA GLN F 43 13.68 -5.91 -40.66
C GLN F 43 12.32 -6.34 -40.11
N LYS F 44 11.69 -7.33 -40.75
CA LYS F 44 10.38 -7.79 -40.27
C LYS F 44 10.47 -8.25 -38.83
N SER F 45 11.45 -9.10 -38.52
CA SER F 45 11.55 -9.69 -37.20
C SER F 45 11.75 -8.64 -36.12
N THR F 46 12.74 -7.76 -36.34
CA THR F 46 13.07 -6.74 -35.34
C THR F 46 11.94 -5.73 -35.18
N GLN F 47 11.15 -5.50 -36.23
CA GLN F 47 9.98 -4.65 -36.11
C GLN F 47 8.94 -5.31 -35.22
N ASN F 48 8.65 -6.57 -35.48
CA ASN F 48 7.71 -7.32 -34.66
C ASN F 48 8.17 -7.38 -33.22
N ALA F 49 9.48 -7.34 -32.99
CA ALA F 49 10.01 -7.38 -31.63
C ALA F 49 9.84 -6.04 -30.95
N ILE F 50 10.31 -4.97 -31.58
CA ILE F 50 10.24 -3.64 -30.97
C ILE F 50 8.81 -3.13 -30.87
N ASN F 51 7.87 -3.68 -31.63
CA ASN F 51 6.46 -3.43 -31.34
C ASN F 51 6.11 -3.97 -29.97
N GLY F 52 6.55 -5.20 -29.68
CA GLY F 52 6.28 -5.79 -28.38
C GLY F 52 6.88 -4.99 -27.25
N ILE F 53 8.11 -4.51 -27.43
CA ILE F 53 8.76 -3.70 -26.41
C ILE F 53 7.99 -2.42 -26.19
N THR F 54 7.55 -1.79 -27.28
CA THR F 54 6.79 -0.56 -27.15
C THR F 54 5.50 -0.80 -26.39
N ASN F 55 4.83 -1.93 -26.66
CA ASN F 55 3.60 -2.25 -25.94
C ASN F 55 3.86 -2.37 -24.44
N ILE F 56 4.94 -3.06 -24.06
CA ILE F 56 5.32 -3.15 -22.66
C ILE F 56 5.51 -1.75 -22.09
N VAL F 57 6.29 -0.92 -22.78
CA VAL F 57 6.54 0.44 -22.28
C VAL F 57 5.22 1.20 -22.18
N ASN F 58 4.36 1.05 -23.18
CA ASN F 58 3.08 1.73 -23.16
C ASN F 58 2.25 1.29 -21.96
N SER F 59 2.22 -0.02 -21.68
CA SER F 59 1.45 -0.51 -20.55
C SER F 59 1.94 0.09 -19.24
N VAL F 60 3.26 0.13 -19.05
CA VAL F 60 3.82 0.63 -17.79
C VAL F 60 3.37 2.07 -17.54
N ILE F 61 3.55 2.93 -18.53
CA ILE F 61 3.19 4.34 -18.38
C ILE F 61 1.69 4.53 -18.21
N GLU F 62 0.88 3.58 -18.68
CA GLU F 62 -0.57 3.74 -18.58
C GLU F 62 -1.08 3.31 -17.21
N LYS F 63 -0.61 2.16 -16.73
CA LYS F 63 -1.04 1.66 -15.44
C LYS F 63 -0.55 2.54 -14.31
N MET F 64 0.62 3.15 -14.46
CA MET F 64 1.20 3.97 -13.41
C MET F 64 0.59 5.36 -13.51
N ASN F 65 -0.52 5.56 -12.81
CA ASN F 65 -1.18 6.85 -12.88
C ASN F 65 -0.29 7.94 -12.32
N THR F 66 -0.53 9.16 -12.79
CA THR F 66 0.21 10.30 -12.31
C THR F 66 -0.03 10.50 -10.82
N GLN F 67 1.03 10.82 -10.09
CA GLN F 67 0.94 11.16 -8.68
C GLN F 67 0.77 12.67 -8.56
N PHE F 68 -0.38 13.10 -8.05
CA PHE F 68 -0.67 14.53 -7.90
C PHE F 68 -0.08 15.03 -6.57
N THR F 69 -0.49 16.21 -6.13
CA THR F 69 0.07 16.82 -4.93
C THR F 69 0.02 15.85 -3.75
N ALA F 70 1.14 15.72 -3.06
CA ALA F 70 1.30 14.79 -1.94
C ALA F 70 2.07 15.46 -0.81
N VAL F 71 1.63 16.66 -0.42
CA VAL F 71 2.24 17.40 0.67
C VAL F 71 1.88 16.76 2.00
N GLY F 72 2.61 17.13 3.06
CA GLY F 72 2.42 16.54 4.36
C GLY F 72 1.35 17.25 5.17
N LYS F 73 1.25 16.86 6.44
CA LYS F 73 0.31 17.48 7.36
C LYS F 73 1.02 17.77 8.68
N GLU F 74 0.52 18.77 9.39
CA GLU F 74 1.02 19.14 10.70
C GLU F 74 0.03 18.68 11.77
N PHE F 75 0.55 18.25 12.92
CA PHE F 75 -0.28 17.71 13.99
C PHE F 75 0.14 18.31 15.32
N ASN F 76 -0.85 18.62 16.14
CA ASN F 76 -0.63 19.15 17.48
C ASN F 76 0.12 18.13 18.32
N ASN F 77 0.64 18.57 19.46
CA ASN F 77 1.33 17.65 20.35
C ASN F 77 0.37 16.63 20.98
N LEU F 78 -0.93 16.94 21.02
CA LEU F 78 -1.95 16.03 21.50
C LEU F 78 -2.63 15.28 20.35
N GLU F 79 -1.95 15.15 19.21
CA GLU F 79 -2.43 14.43 18.05
C GLU F 79 -1.35 13.50 17.51
N LYS F 80 -0.72 12.73 18.41
CA LYS F 80 0.33 11.82 17.99
C LYS F 80 -0.23 10.54 17.37
N ARG F 81 -1.38 10.06 17.86
CA ARG F 81 -2.00 8.88 17.27
C ARG F 81 -2.33 9.12 15.80
N MET F 82 -2.96 10.26 15.50
CA MET F 82 -3.31 10.57 14.12
C MET F 82 -2.05 10.80 13.29
N GLU F 83 -1.01 11.37 13.90
CA GLU F 83 0.26 11.54 13.20
C GLU F 83 0.87 10.20 12.83
N ASN F 84 0.86 9.24 13.76
CA ASN F 84 1.41 7.92 13.47
C ASN F 84 0.57 7.18 12.43
N LEU F 85 -0.75 7.33 12.50
CA LEU F 85 -1.62 6.70 11.51
C LEU F 85 -1.33 7.25 10.12
N ASN F 86 -1.14 8.57 10.00
CA ASN F 86 -0.75 9.15 8.72
C ASN F 86 0.61 8.64 8.28
N LYS F 87 1.54 8.51 9.22
CA LYS F 87 2.86 7.98 8.90
C LYS F 87 2.77 6.53 8.45
N LYS F 88 1.91 5.74 9.10
CA LYS F 88 1.73 4.34 8.72
C LYS F 88 1.17 4.21 7.32
N VAL F 89 0.19 5.05 6.97
CA VAL F 89 -0.41 5.01 5.63
C VAL F 89 0.64 5.36 4.59
N ASP F 90 1.42 6.42 4.82
CA ASP F 90 2.43 6.83 3.86
C ASP F 90 3.50 5.76 3.69
N ASP F 91 3.99 5.19 4.80
CA ASP F 91 5.00 4.16 4.72
C ASP F 91 4.46 2.90 4.06
N GLY F 92 3.21 2.53 4.37
CA GLY F 92 2.65 1.31 3.82
C GLY F 92 2.48 1.38 2.32
N PHE F 93 1.94 2.49 1.82
CA PHE F 93 1.80 2.65 0.37
C PHE F 93 3.16 2.68 -0.31
N LEU F 94 4.15 3.32 0.34
CA LEU F 94 5.48 3.40 -0.25
C LEU F 94 6.12 2.02 -0.35
N ASP F 95 5.93 1.18 0.67
CA ASP F 95 6.46 -0.18 0.63
C ASP F 95 5.77 -1.00 -0.45
N ILE F 96 4.45 -0.84 -0.58
CA ILE F 96 3.69 -1.59 -1.57
C ILE F 96 4.11 -1.19 -2.98
N TRP F 97 4.27 0.10 -3.23
CA TRP F 97 4.59 0.58 -4.58
C TRP F 97 6.05 0.31 -4.94
N THR F 98 6.95 0.32 -3.96
CA THR F 98 8.33 -0.07 -4.22
C THR F 98 8.38 -1.55 -4.59
N TYR F 99 7.60 -2.37 -3.90
CA TYR F 99 7.55 -3.80 -4.22
C TYR F 99 6.95 -4.02 -5.61
N ASN F 100 5.87 -3.32 -5.93
CA ASN F 100 5.22 -3.48 -7.23
C ASN F 100 6.18 -3.08 -8.35
N ALA F 101 6.91 -1.98 -8.16
CA ALA F 101 7.81 -1.49 -9.20
C ALA F 101 8.94 -2.48 -9.45
N GLU F 102 9.56 -2.98 -8.39
CA GLU F 102 10.67 -3.91 -8.54
C GLU F 102 10.21 -5.24 -9.11
N LEU F 103 9.09 -5.76 -8.63
CA LEU F 103 8.57 -7.02 -9.16
C LEU F 103 8.21 -6.88 -10.63
N LEU F 104 7.55 -5.78 -11.00
CA LEU F 104 7.16 -5.57 -12.39
C LEU F 104 8.39 -5.55 -13.29
N VAL F 105 9.45 -4.85 -12.87
CA VAL F 105 10.67 -4.79 -13.66
C VAL F 105 11.24 -6.18 -13.87
N LEU F 106 11.30 -6.98 -12.80
CA LEU F 106 11.84 -8.33 -12.90
C LEU F 106 11.02 -9.18 -13.87
N LEU F 107 9.68 -9.13 -13.76
CA LEU F 107 8.83 -9.90 -14.66
C LEU F 107 9.02 -9.46 -16.10
N ILE F 108 9.04 -8.14 -16.33
CA ILE F 108 9.19 -7.62 -17.69
C ILE F 108 10.54 -8.04 -18.28
N ASN F 109 11.61 -7.91 -17.49
CA ASN F 109 12.94 -8.28 -17.98
C ASN F 109 12.99 -9.76 -18.37
N GLU F 110 12.42 -10.63 -17.54
CA GLU F 110 12.44 -12.07 -17.83
C GLU F 110 11.68 -12.38 -19.10
N ARG F 111 10.51 -11.76 -19.27
CA ARG F 111 9.69 -12.02 -20.46
C ARG F 111 10.35 -11.48 -21.71
N THR F 112 10.94 -10.29 -21.63
CA THR F 112 11.61 -9.71 -22.79
C THR F 112 12.76 -10.60 -23.25
N LEU F 113 13.57 -11.09 -22.31
CA LEU F 113 14.71 -11.91 -22.68
C LEU F 113 14.27 -13.27 -23.20
N ASP F 114 13.22 -13.86 -22.60
CA ASP F 114 12.63 -15.06 -23.17
C ASP F 114 12.05 -14.77 -24.56
N PHE F 115 11.39 -13.62 -24.71
CA PHE F 115 10.84 -13.24 -26.01
C PHE F 115 11.93 -13.17 -27.06
N HIS F 116 13.06 -12.56 -26.72
CA HIS F 116 14.14 -12.43 -27.70
C HIS F 116 14.70 -13.80 -28.08
N ASP F 117 14.88 -14.67 -27.09
CA ASP F 117 15.34 -16.03 -27.37
C ASP F 117 14.36 -16.75 -28.30
N SER F 118 13.06 -16.60 -28.05
CA SER F 118 12.08 -17.24 -28.91
C SER F 118 12.18 -16.75 -30.34
N ASN F 119 12.35 -15.44 -30.53
CA ASN F 119 12.43 -14.90 -31.88
C ASN F 119 13.64 -15.44 -32.63
N VAL F 120 14.80 -15.48 -31.98
CA VAL F 120 15.98 -16.02 -32.64
C VAL F 120 15.71 -17.45 -33.10
N LYS F 121 15.12 -18.26 -32.22
CA LYS F 121 14.78 -19.64 -32.56
C LYS F 121 13.79 -19.69 -33.72
N ASN F 122 12.75 -18.86 -33.67
CA ASN F 122 11.78 -18.82 -34.76
C ASN F 122 12.43 -18.42 -36.08
N LEU F 123 13.31 -17.43 -36.04
CA LEU F 123 14.03 -17.03 -37.25
C LEU F 123 14.89 -18.17 -37.76
N TYR F 124 15.54 -18.91 -36.85
CA TYR F 124 16.39 -20.02 -37.24
C TYR F 124 15.58 -21.13 -37.89
N GLU F 125 14.42 -21.46 -37.31
CA GLU F 125 13.55 -22.46 -37.91
C GLU F 125 13.03 -22.01 -39.27
N LYS F 126 12.68 -20.72 -39.38
CA LYS F 126 12.20 -20.17 -40.64
C LYS F 126 13.21 -20.41 -41.76
N VAL F 127 14.49 -20.17 -41.49
CA VAL F 127 15.53 -20.41 -42.49
C VAL F 127 15.62 -21.89 -42.82
N LYS F 128 15.53 -22.75 -41.79
CA LYS F 128 15.62 -24.19 -42.03
C LYS F 128 14.46 -24.69 -42.89
N ASN F 129 13.24 -24.29 -42.54
CA ASN F 129 12.07 -24.74 -43.31
C ASN F 129 12.09 -24.20 -44.72
N GLN F 130 12.47 -22.92 -44.89
CA GLN F 130 12.55 -22.34 -46.22
C GLN F 130 13.49 -23.13 -47.12
N LEU F 131 14.56 -23.68 -46.55
CA LEU F 131 15.51 -24.48 -47.32
C LEU F 131 15.05 -25.91 -47.53
N ARG F 132 13.94 -26.33 -46.92
CA ARG F 132 13.35 -27.64 -47.17
C ARG F 132 14.35 -28.75 -46.87
N ASN F 133 15.16 -28.55 -45.83
CA ASN F 133 16.16 -29.54 -45.41
C ASN F 133 17.09 -29.88 -46.56
N ASN F 134 17.40 -28.89 -47.39
CA ASN F 134 18.30 -29.05 -48.52
C ASN F 134 19.73 -28.70 -48.18
N ALA F 135 20.00 -28.25 -46.95
CA ALA F 135 21.34 -27.90 -46.50
C ALA F 135 21.61 -28.57 -45.16
N LYS F 136 22.86 -29.00 -44.98
CA LYS F 136 23.23 -29.71 -43.77
C LYS F 136 23.29 -28.75 -42.58
N GLU F 137 22.72 -29.16 -41.46
CA GLU F 137 22.77 -28.38 -40.22
C GLU F 137 24.07 -28.68 -39.49
N ILE F 138 24.92 -27.66 -39.33
CA ILE F 138 26.21 -27.83 -38.68
C ILE F 138 26.12 -27.77 -37.17
N GLY F 139 24.93 -27.58 -36.61
CA GLY F 139 24.91 -27.19 -35.23
C GLY F 139 25.54 -25.81 -35.17
N ASN F 140 25.89 -25.39 -33.95
CA ASN F 140 26.57 -24.12 -33.77
C ASN F 140 25.69 -22.95 -34.21
N GLY F 141 24.43 -23.24 -34.54
CA GLY F 141 23.50 -22.25 -35.03
C GLY F 141 23.58 -21.97 -36.51
N CYS F 142 24.50 -22.61 -37.24
CA CYS F 142 24.76 -22.25 -38.62
C CYS F 142 24.51 -23.41 -39.57
N PHE F 143 24.27 -23.06 -40.83
CA PHE F 143 23.97 -24.00 -41.90
C PHE F 143 25.11 -24.02 -42.91
N GLU F 144 25.28 -25.16 -43.57
CA GLU F 144 26.19 -25.31 -44.69
C GLU F 144 25.42 -25.89 -45.86
N PHE F 145 25.42 -25.19 -46.99
CA PHE F 145 24.62 -25.59 -48.13
C PHE F 145 25.28 -26.72 -48.90
N TYR F 146 24.45 -27.65 -49.38
CA TYR F 146 24.89 -28.68 -50.30
C TYR F 146 24.97 -28.18 -51.74
N HIS F 147 24.59 -26.93 -51.99
CA HIS F 147 24.60 -26.34 -53.31
C HIS F 147 25.21 -24.95 -53.23
N LYS F 148 25.77 -24.48 -54.34
CA LYS F 148 26.29 -23.12 -54.38
C LYS F 148 25.15 -22.12 -54.48
N CYS F 149 25.25 -21.07 -53.67
CA CYS F 149 24.18 -20.08 -53.50
C CYS F 149 24.77 -18.69 -53.75
N ASN F 150 24.53 -18.17 -54.95
CA ASN F 150 25.03 -16.85 -55.30
C ASN F 150 24.25 -15.77 -54.55
N ASN F 151 24.59 -14.50 -54.82
CA ASN F 151 23.93 -13.40 -54.14
C ASN F 151 22.43 -13.39 -54.39
N GLU F 152 22.00 -13.77 -55.59
CA GLU F 152 20.57 -13.84 -55.88
C GLU F 152 19.89 -14.86 -54.97
N CYS F 153 20.49 -16.05 -54.82
CA CYS F 153 19.95 -17.04 -53.90
C CYS F 153 20.07 -16.56 -52.46
N MET F 154 21.18 -15.90 -52.12
CA MET F 154 21.36 -15.42 -50.76
C MET F 154 20.31 -14.38 -50.41
N GLU F 155 19.91 -13.54 -51.37
CA GLU F 155 18.82 -12.61 -51.15
C GLU F 155 17.47 -13.33 -51.12
N SER F 156 17.33 -14.42 -51.87
CA SER F 156 16.07 -15.13 -51.94
C SER F 156 15.69 -15.72 -50.58
N VAL F 157 16.66 -16.31 -49.88
CA VAL F 157 16.40 -16.88 -48.56
C VAL F 157 15.94 -15.80 -47.59
N LYS F 158 16.40 -14.56 -47.78
CA LYS F 158 15.97 -13.48 -46.91
C LYS F 158 14.54 -13.05 -47.22
N ASN F 159 14.21 -12.97 -48.51
CA ASN F 159 12.87 -12.57 -48.93
C ASN F 159 11.79 -13.57 -48.54
N GLY F 160 12.17 -14.80 -48.19
CA GLY F 160 11.19 -15.81 -47.86
C GLY F 160 10.52 -16.44 -49.06
N THR F 161 11.22 -16.49 -50.19
CA THR F 161 10.68 -17.06 -51.43
C THR F 161 11.71 -17.97 -52.07
N TYR F 162 12.37 -18.79 -51.24
CA TYR F 162 13.34 -19.75 -51.74
C TYR F 162 12.64 -20.82 -52.57
N ASP F 163 13.18 -21.10 -53.76
CA ASP F 163 12.60 -22.05 -54.70
C ASP F 163 13.40 -23.34 -54.60
N TYR F 164 12.89 -24.31 -53.84
CA TYR F 164 13.61 -25.57 -53.67
C TYR F 164 13.83 -26.32 -54.98
N PRO F 165 12.84 -26.49 -55.85
CA PRO F 165 13.08 -27.27 -57.08
C PRO F 165 14.15 -26.67 -57.98
N LYS F 166 14.42 -25.37 -57.88
CA LYS F 166 15.45 -24.76 -58.70
C LYS F 166 16.85 -25.25 -58.36
N TYR F 167 17.04 -25.87 -57.20
CA TYR F 167 18.34 -26.38 -56.78
C TYR F 167 18.32 -27.84 -56.35
N SER F 168 17.15 -28.49 -56.31
CA SER F 168 17.06 -29.84 -55.76
C SER F 168 17.92 -30.82 -56.54
N GLU F 169 17.87 -30.75 -57.87
CA GLU F 169 18.61 -31.70 -58.68
C GLU F 169 20.11 -31.59 -58.41
N GLU F 170 20.65 -30.37 -58.38
CA GLU F 170 22.07 -30.20 -58.10
C GLU F 170 22.40 -30.65 -56.69
N SER F 171 21.55 -30.33 -55.72
CA SER F 171 21.80 -30.69 -54.33
C SER F 171 21.83 -32.20 -54.16
N LYS F 172 20.89 -32.91 -54.79
CA LYS F 172 20.88 -34.37 -54.73
C LYS F 172 22.12 -34.94 -55.41
N LEU F 173 22.51 -34.38 -56.56
CA LEU F 173 23.69 -34.88 -57.27
C LEU F 173 24.94 -34.74 -56.42
N ASN F 174 25.08 -33.62 -55.71
CA ASN F 174 26.26 -33.38 -54.89
C ASN F 174 26.24 -34.23 -53.63
N ARG F 175 25.05 -34.55 -53.11
CA ARG F 175 24.94 -35.36 -51.90
C ARG F 175 25.53 -36.75 -52.09
N GLU F 176 25.66 -37.22 -53.33
CA GLU F 176 26.20 -38.56 -53.54
C GLU F 176 27.64 -38.67 -53.06
N LYS F 177 28.43 -37.61 -53.22
CA LYS F 177 29.82 -37.63 -52.79
C LYS F 177 29.99 -37.50 -51.29
N ILE F 178 28.95 -37.13 -50.56
CA ILE F 178 29.03 -36.99 -49.12
C ILE F 178 29.43 -38.32 -48.49
N PHE G 14 8.27 -37.10 -23.30
CA PHE G 14 9.20 -38.08 -23.92
C PHE G 14 9.74 -39.02 -22.86
N ILE G 15 10.54 -38.46 -21.94
CA ILE G 15 11.10 -39.26 -20.86
C ILE G 15 9.98 -39.82 -20.00
N GLU G 16 10.04 -41.13 -19.72
CA GLU G 16 8.97 -41.82 -19.00
C GLU G 16 9.26 -41.81 -17.50
N GLY G 17 9.13 -40.62 -16.91
CA GLY G 17 9.30 -40.47 -15.48
C GLY G 17 10.75 -40.32 -15.06
N GLY G 18 10.93 -40.07 -13.76
CA GLY G 18 12.25 -39.87 -13.20
C GLY G 18 12.91 -41.18 -12.79
N TRP G 19 14.07 -41.04 -12.18
CA TRP G 19 14.86 -42.18 -11.70
C TRP G 19 14.87 -42.21 -10.19
N THR G 20 14.52 -43.35 -9.61
CA THR G 20 14.68 -43.56 -8.18
C THR G 20 16.03 -44.16 -7.81
N GLY G 21 16.76 -44.71 -8.79
CA GLY G 21 18.05 -45.31 -8.50
C GLY G 21 19.15 -44.29 -8.29
N MET G 22 19.04 -43.13 -8.94
CA MET G 22 20.04 -42.08 -8.80
C MET G 22 19.87 -41.37 -7.47
N ILE G 23 20.99 -41.11 -6.79
CA ILE G 23 20.99 -40.50 -5.48
C ILE G 23 21.62 -39.11 -5.50
N ASP G 24 22.72 -38.93 -6.23
CA ASP G 24 23.39 -37.64 -6.32
C ASP G 24 22.86 -36.86 -7.52
N GLY G 25 22.72 -35.55 -7.34
CA GLY G 25 22.38 -34.66 -8.43
C GLY G 25 20.91 -34.69 -8.78
N TRP G 26 20.48 -33.64 -9.47
CA TRP G 26 19.12 -33.51 -9.98
C TRP G 26 18.98 -34.14 -11.37
N TYR G 27 19.81 -33.72 -12.30
CA TYR G 27 19.84 -34.26 -13.65
C TYR G 27 21.07 -35.14 -13.81
N GLY G 28 20.87 -36.35 -14.31
CA GLY G 28 21.95 -37.32 -14.38
C GLY G 28 21.85 -38.18 -15.62
N TYR G 29 22.85 -39.04 -15.78
CA TYR G 29 22.94 -39.95 -16.90
C TYR G 29 22.81 -41.38 -16.40
N HIS G 30 22.52 -42.29 -17.32
CA HIS G 30 22.53 -43.71 -17.03
C HIS G 30 23.23 -44.43 -18.17
N TRP G 31 23.94 -45.50 -17.85
CA TRP G 31 24.71 -46.21 -18.84
C TRP G 31 24.87 -47.67 -18.44
N GLN G 32 24.92 -48.54 -19.44
CA GLN G 32 25.31 -49.93 -19.26
C GLN G 32 26.07 -50.40 -20.50
N ASN G 33 27.18 -51.09 -20.27
CA ASN G 33 28.02 -51.57 -21.35
C ASN G 33 28.60 -52.91 -20.93
N GLU G 34 29.65 -53.34 -21.64
CA GLU G 34 30.25 -54.65 -21.38
C GLU G 34 31.07 -54.67 -20.10
N GLN G 35 31.31 -53.51 -19.48
CA GLN G 35 32.22 -53.44 -18.33
C GLN G 35 31.56 -52.80 -17.12
N GLY G 36 30.28 -52.51 -17.16
CA GLY G 36 29.60 -52.00 -15.98
C GLY G 36 28.27 -51.38 -16.32
N SER G 37 27.60 -50.91 -15.28
CA SER G 37 26.34 -50.19 -15.40
C SER G 37 26.13 -49.38 -14.14
N GLY G 38 25.22 -48.43 -14.23
CA GLY G 38 24.90 -47.61 -13.08
C GLY G 38 24.47 -46.23 -13.52
N TYR G 39 24.71 -45.26 -12.64
CA TYR G 39 24.27 -43.89 -12.84
C TYR G 39 25.43 -42.95 -12.55
N ALA G 40 25.24 -41.69 -12.95
CA ALA G 40 26.21 -40.65 -12.62
C ALA G 40 25.55 -39.30 -12.86
N ALA G 41 25.73 -38.39 -11.91
CA ALA G 41 25.12 -37.06 -12.01
C ALA G 41 26.01 -36.14 -12.83
N ASP G 42 25.42 -35.03 -13.26
CA ASP G 42 26.13 -33.97 -13.98
C ASP G 42 26.31 -32.81 -13.03
N GLN G 43 27.55 -32.54 -12.63
CA GLN G 43 27.79 -31.49 -11.64
C GLN G 43 27.54 -30.10 -12.22
N LYS G 44 27.96 -29.88 -13.46
CA LYS G 44 27.89 -28.54 -14.03
C LYS G 44 26.45 -28.04 -14.08
N SER G 45 25.51 -28.90 -14.50
CA SER G 45 24.13 -28.48 -14.61
C SER G 45 23.49 -28.28 -13.25
N THR G 46 23.74 -29.20 -12.32
CA THR G 46 23.09 -29.12 -11.01
C THR G 46 23.53 -27.86 -10.26
N GLN G 47 24.84 -27.54 -10.31
CA GLN G 47 25.34 -26.37 -9.61
C GLN G 47 24.72 -25.09 -10.16
N ASN G 48 24.61 -24.98 -11.48
CA ASN G 48 23.98 -23.79 -12.06
C ASN G 48 22.53 -23.67 -11.63
N ALA G 49 21.81 -24.79 -11.63
CA ALA G 49 20.42 -24.76 -11.18
C ALA G 49 20.33 -24.34 -9.72
N ILE G 50 21.23 -24.86 -8.88
CA ILE G 50 21.22 -24.49 -7.46
C ILE G 50 21.45 -22.99 -7.31
N ASN G 51 22.36 -22.43 -8.10
CA ASN G 51 22.58 -20.98 -8.07
C ASN G 51 21.33 -20.24 -8.47
N GLY G 52 20.59 -20.75 -9.46
CA GLY G 52 19.37 -20.08 -9.87
C GLY G 52 18.31 -20.08 -8.78
N ILE G 53 18.13 -21.22 -8.12
CA ILE G 53 17.14 -21.31 -7.05
C ILE G 53 17.56 -20.45 -5.86
N THR G 54 18.85 -20.51 -5.49
CA THR G 54 19.32 -19.69 -4.39
C THR G 54 19.11 -18.20 -4.69
N ASN G 55 19.29 -17.81 -5.95
CA ASN G 55 19.04 -16.43 -6.35
C ASN G 55 17.59 -16.04 -6.10
N ILE G 56 16.66 -16.93 -6.45
CA ILE G 56 15.24 -16.67 -6.19
C ILE G 56 15.00 -16.55 -4.70
N VAL G 57 15.59 -17.45 -3.91
CA VAL G 57 15.37 -17.43 -2.46
C VAL G 57 15.86 -16.11 -1.88
N ASN G 58 17.05 -15.66 -2.31
CA ASN G 58 17.57 -14.39 -1.82
C ASN G 58 16.67 -13.23 -2.26
N SER G 59 16.15 -13.29 -3.48
CA SER G 59 15.30 -12.21 -3.98
C SER G 59 14.04 -12.09 -3.15
N VAL G 60 13.40 -13.21 -2.81
CA VAL G 60 12.15 -13.16 -2.08
C VAL G 60 12.37 -12.67 -0.65
N ILE G 61 13.49 -13.07 -0.04
CA ILE G 61 13.77 -12.64 1.33
C ILE G 61 14.13 -11.16 1.36
N GLU G 62 14.93 -10.69 0.42
CA GLU G 62 15.37 -9.30 0.46
C GLU G 62 14.27 -8.34 0.04
N LYS G 63 13.48 -8.69 -0.98
CA LYS G 63 12.46 -7.78 -1.47
C LYS G 63 11.28 -7.65 -0.52
N MET G 64 11.19 -8.46 0.52
CA MET G 64 10.14 -8.34 1.53
C MET G 64 10.72 -7.72 2.79
N ASN G 65 10.07 -6.67 3.27
CA ASN G 65 10.54 -5.92 4.43
C ASN G 65 10.10 -6.58 5.73
N THR G 66 10.81 -6.23 6.80
CA THR G 66 10.53 -6.75 8.13
C THR G 66 9.46 -5.90 8.81
N GLN G 67 8.58 -6.56 9.55
CA GLN G 67 7.55 -5.87 10.34
C GLN G 67 8.21 -5.41 11.64
N PHE G 68 8.81 -4.22 11.60
CA PHE G 68 9.65 -3.77 12.71
C PHE G 68 8.83 -3.66 14.00
N THR G 69 7.67 -3.04 13.94
CA THR G 69 6.80 -2.97 15.12
C THR G 69 5.41 -2.51 14.70
N ALA G 70 4.39 -3.28 15.06
CA ALA G 70 3.02 -3.01 14.66
C ALA G 70 2.06 -3.24 15.82
N VAL G 71 2.41 -2.70 16.99
CA VAL G 71 1.57 -2.85 18.17
C VAL G 71 0.22 -2.18 17.94
N GLY G 72 -0.74 -2.48 18.80
CA GLY G 72 -2.10 -2.02 18.63
C GLY G 72 -2.28 -0.56 19.01
N LYS G 73 -3.55 -0.15 19.11
CA LYS G 73 -3.89 1.24 19.39
C LYS G 73 -5.24 1.28 20.06
N GLU G 74 -5.41 2.21 21.00
CA GLU G 74 -6.64 2.37 21.74
C GLU G 74 -7.34 3.66 21.33
N PHE G 75 -8.67 3.62 21.32
CA PHE G 75 -9.48 4.76 20.92
C PHE G 75 -10.63 4.95 21.90
N ASN G 76 -11.00 6.20 22.11
CA ASN G 76 -12.04 6.59 23.06
C ASN G 76 -13.41 6.25 22.51
N ASN G 77 -14.40 6.24 23.40
CA ASN G 77 -15.77 5.94 23.00
C ASN G 77 -16.21 6.81 21.84
N LEU G 78 -15.87 8.10 21.89
CA LEU G 78 -16.28 9.07 20.88
C LEU G 78 -15.24 9.23 19.77
N GLU G 79 -14.46 8.20 19.47
CA GLU G 79 -13.49 8.22 18.39
C GLU G 79 -13.61 6.94 17.56
N LYS G 80 -14.85 6.52 17.30
CA LYS G 80 -15.05 5.26 16.58
C LYS G 80 -14.74 5.41 15.10
N ARG G 81 -14.87 6.62 14.56
CA ARG G 81 -14.52 6.86 13.16
C ARG G 81 -13.03 6.64 12.93
N MET G 82 -12.20 7.12 13.86
CA MET G 82 -10.77 6.88 13.75
C MET G 82 -10.43 5.42 13.97
N GLU G 83 -11.17 4.75 14.86
CA GLU G 83 -10.94 3.34 15.12
C GLU G 83 -11.25 2.51 13.87
N ASN G 84 -12.36 2.82 13.20
CA ASN G 84 -12.69 2.11 11.97
C ASN G 84 -11.72 2.43 10.84
N LEU G 85 -11.24 3.68 10.77
CA LEU G 85 -10.25 4.02 9.77
C LEU G 85 -8.94 3.28 10.01
N ASN G 86 -8.50 3.19 11.26
CA ASN G 86 -7.30 2.42 11.57
C ASN G 86 -7.52 0.94 11.26
N LYS G 87 -8.68 0.41 11.62
CA LYS G 87 -9.00 -0.98 11.31
C LYS G 87 -9.03 -1.21 9.81
N LYS G 88 -9.58 -0.25 9.06
CA LYS G 88 -9.62 -0.37 7.62
C LYS G 88 -8.21 -0.35 7.01
N VAL G 89 -7.33 0.48 7.56
CA VAL G 89 -5.95 0.53 7.06
C VAL G 89 -5.25 -0.80 7.32
N ASP G 90 -5.41 -1.34 8.53
CA ASP G 90 -4.76 -2.60 8.88
C ASP G 90 -5.27 -3.75 8.01
N ASP G 91 -6.59 -3.85 7.87
CA ASP G 91 -7.16 -4.93 7.07
C ASP G 91 -6.78 -4.80 5.61
N GLY G 92 -6.73 -3.57 5.10
CA GLY G 92 -6.41 -3.37 3.69
C GLY G 92 -4.99 -3.77 3.35
N PHE G 93 -4.03 -3.43 4.22
CA PHE G 93 -2.65 -3.83 3.99
C PHE G 93 -2.49 -5.34 4.13
N LEU G 94 -3.18 -5.94 5.09
CA LEU G 94 -3.10 -7.39 5.28
C LEU G 94 -3.63 -8.13 4.05
N ASP G 95 -4.72 -7.62 3.48
CA ASP G 95 -5.29 -8.25 2.29
C ASP G 95 -4.37 -8.11 1.09
N ILE G 96 -3.72 -6.96 0.96
CA ILE G 96 -2.80 -6.74 -0.16
C ILE G 96 -1.58 -7.63 -0.03
N TRP G 97 -1.04 -7.75 1.18
CA TRP G 97 0.19 -8.54 1.36
C TRP G 97 -0.11 -10.04 1.29
N THR G 98 -1.29 -10.45 1.74
CA THR G 98 -1.67 -11.85 1.57
C THR G 98 -1.78 -12.20 0.10
N TYR G 99 -2.37 -11.30 -0.68
CA TYR G 99 -2.50 -11.51 -2.12
C TYR G 99 -1.13 -11.50 -2.81
N ASN G 100 -0.26 -10.57 -2.42
CA ASN G 100 1.08 -10.52 -3.02
C ASN G 100 1.87 -11.78 -2.72
N ALA G 101 1.79 -12.26 -1.47
CA ALA G 101 2.56 -13.43 -1.08
C ALA G 101 2.13 -14.67 -1.85
N GLU G 102 0.81 -14.89 -1.94
CA GLU G 102 0.32 -16.06 -2.65
C GLU G 102 0.61 -16.00 -4.14
N LEU G 103 0.41 -14.83 -4.75
CA LEU G 103 0.68 -14.71 -6.19
C LEU G 103 2.17 -14.87 -6.49
N LEU G 104 3.03 -14.32 -5.63
CA LEU G 104 4.46 -14.47 -5.84
C LEU G 104 4.87 -15.94 -5.79
N VAL G 105 4.31 -16.68 -4.84
CA VAL G 105 4.64 -18.11 -4.71
C VAL G 105 4.23 -18.86 -5.97
N LEU G 106 3.05 -18.54 -6.51
CA LEU G 106 2.60 -19.20 -7.74
C LEU G 106 3.53 -18.88 -8.90
N LEU G 107 3.97 -17.62 -9.02
CA LEU G 107 4.83 -17.22 -10.12
C LEU G 107 6.19 -17.90 -10.05
N ILE G 108 6.78 -17.95 -8.85
CA ILE G 108 8.11 -18.56 -8.70
C ILE G 108 8.03 -20.06 -8.92
N ASN G 109 6.95 -20.69 -8.45
CA ASN G 109 6.78 -22.13 -8.66
C ASN G 109 6.69 -22.46 -10.14
N GLU G 110 5.92 -21.66 -10.89
CA GLU G 110 5.78 -21.91 -12.32
C GLU G 110 7.10 -21.73 -13.05
N ARG G 111 7.84 -20.68 -12.70
CA ARG G 111 9.14 -20.43 -13.32
C ARG G 111 10.15 -21.51 -12.95
N THR G 112 10.15 -21.95 -11.69
CA THR G 112 11.11 -22.95 -11.25
C THR G 112 10.88 -24.28 -11.96
N LEU G 113 9.62 -24.70 -12.07
CA LEU G 113 9.31 -25.97 -12.72
C LEU G 113 9.63 -25.91 -14.21
N ASP G 114 9.31 -24.78 -14.87
CA ASP G 114 9.74 -24.60 -16.25
C ASP G 114 11.26 -24.57 -16.36
N PHE G 115 11.93 -23.99 -15.36
CA PHE G 115 13.39 -23.94 -15.38
C PHE G 115 13.98 -25.35 -15.34
N HIS G 116 13.43 -26.22 -14.50
CA HIS G 116 13.90 -27.59 -14.45
C HIS G 116 13.70 -28.31 -15.78
N ASP G 117 12.53 -28.11 -16.39
CA ASP G 117 12.24 -28.76 -17.66
C ASP G 117 13.16 -28.27 -18.77
N SER G 118 13.44 -26.97 -18.80
CA SER G 118 14.36 -26.43 -19.80
C SER G 118 15.75 -27.00 -19.62
N ASN G 119 16.19 -27.14 -18.36
CA ASN G 119 17.53 -27.64 -18.09
C ASN G 119 17.70 -29.07 -18.59
N VAL G 120 16.70 -29.92 -18.38
CA VAL G 120 16.78 -31.30 -18.86
C VAL G 120 16.83 -31.32 -20.38
N LYS G 121 16.01 -30.49 -21.04
CA LYS G 121 15.99 -30.46 -22.48
C LYS G 121 17.31 -29.95 -23.05
N ASN G 122 17.92 -28.96 -22.39
CA ASN G 122 19.21 -28.43 -22.86
C ASN G 122 20.28 -29.51 -22.82
N LEU G 123 20.34 -30.27 -21.73
CA LEU G 123 21.32 -31.35 -21.64
C LEU G 123 21.04 -32.43 -22.69
N TYR G 124 19.76 -32.72 -22.93
CA TYR G 124 19.42 -33.69 -23.96
C TYR G 124 19.91 -33.23 -25.33
N GLU G 125 19.76 -31.94 -25.63
CA GLU G 125 20.27 -31.42 -26.90
C GLU G 125 21.80 -31.48 -26.93
N LYS G 126 22.45 -31.22 -25.80
CA LYS G 126 23.91 -31.30 -25.75
C LYS G 126 24.38 -32.71 -26.07
N VAL G 127 23.69 -33.73 -25.56
CA VAL G 127 24.07 -35.10 -25.87
C VAL G 127 23.89 -35.37 -27.36
N LYS G 128 22.79 -34.88 -27.94
CA LYS G 128 22.55 -35.08 -29.37
C LYS G 128 23.66 -34.45 -30.21
N ASN G 129 24.01 -33.20 -29.90
CA ASN G 129 25.05 -32.50 -30.66
C ASN G 129 26.38 -33.24 -30.57
N GLN G 130 26.68 -33.81 -29.41
CA GLN G 130 27.94 -34.54 -29.23
C GLN G 130 27.96 -35.81 -30.06
N LEU G 131 26.89 -36.61 -29.99
CA LEU G 131 26.89 -37.90 -30.68
C LEU G 131 26.75 -37.73 -32.18
N ARG G 132 25.85 -36.86 -32.62
CA ARG G 132 25.70 -36.50 -34.02
C ARG G 132 25.42 -37.74 -34.89
N ASN G 133 24.29 -38.38 -34.57
CA ASN G 133 23.71 -39.47 -35.36
C ASN G 133 24.56 -40.73 -35.35
N ASN G 134 25.44 -40.88 -34.35
CA ASN G 134 26.14 -42.14 -34.15
C ASN G 134 25.31 -43.16 -33.39
N ALA G 135 24.14 -42.76 -32.87
CA ALA G 135 23.28 -43.62 -32.09
C ALA G 135 21.84 -43.43 -32.57
N LYS G 136 21.02 -44.46 -32.36
CA LYS G 136 19.62 -44.43 -32.75
C LYS G 136 18.79 -43.84 -31.61
N GLU G 137 18.34 -42.59 -31.79
CA GLU G 137 17.57 -41.93 -30.74
C GLU G 137 16.22 -42.60 -30.58
N ILE G 138 15.77 -42.72 -29.32
CA ILE G 138 14.53 -43.40 -28.98
C ILE G 138 13.65 -42.41 -28.20
N GLY G 139 12.34 -42.66 -28.26
CA GLY G 139 11.39 -41.72 -27.69
C GLY G 139 11.57 -41.53 -26.19
N ASN G 140 11.96 -42.59 -25.49
CA ASN G 140 12.05 -42.55 -24.03
C ASN G 140 13.18 -41.62 -23.58
N GLY G 141 13.96 -41.12 -24.54
CA GLY G 141 15.03 -40.19 -24.27
C GLY G 141 16.40 -40.80 -24.26
N CYS G 142 16.51 -42.12 -24.40
CA CYS G 142 17.80 -42.79 -24.35
C CYS G 142 18.43 -42.84 -25.75
N PHE G 143 19.74 -43.01 -25.75
CA PHE G 143 20.53 -43.07 -26.98
C PHE G 143 21.18 -44.44 -27.06
N GLU G 144 20.88 -45.18 -28.12
CA GLU G 144 21.45 -46.52 -28.33
C GLU G 144 22.46 -46.43 -29.45
N PHE G 145 23.73 -46.73 -29.14
CA PHE G 145 24.80 -46.53 -30.09
C PHE G 145 24.80 -47.65 -31.14
N TYR G 146 25.44 -47.36 -32.27
CA TYR G 146 25.71 -48.34 -33.31
C TYR G 146 27.13 -48.89 -33.21
N HIS G 147 27.85 -48.58 -32.14
CA HIS G 147 29.25 -48.92 -32.01
C HIS G 147 29.55 -49.28 -30.57
N LYS G 148 30.70 -49.92 -30.37
CA LYS G 148 31.16 -50.23 -29.02
C LYS G 148 31.57 -48.95 -28.30
N CYS G 149 31.20 -48.85 -27.03
CA CYS G 149 31.42 -47.63 -26.25
C CYS G 149 31.72 -48.06 -24.81
N ASN G 150 33.01 -48.08 -24.46
CA ASN G 150 33.45 -48.59 -23.18
C ASN G 150 33.38 -47.47 -22.13
N ASN G 151 33.95 -47.72 -20.96
CA ASN G 151 33.91 -46.73 -19.88
C ASN G 151 34.59 -45.43 -20.29
N GLU G 152 35.74 -45.53 -20.95
CA GLU G 152 36.41 -44.33 -21.46
C GLU G 152 35.51 -43.61 -22.46
N CYS G 153 34.85 -44.35 -23.35
CA CYS G 153 33.91 -43.72 -24.26
C CYS G 153 32.75 -43.09 -23.49
N MET G 154 32.19 -43.83 -22.52
CA MET G 154 31.07 -43.30 -21.75
C MET G 154 31.48 -42.07 -20.95
N GLU G 155 32.65 -42.11 -20.31
CA GLU G 155 33.11 -40.96 -19.54
C GLU G 155 33.31 -39.75 -20.45
N SER G 156 33.83 -39.97 -21.65
CA SER G 156 34.03 -38.87 -22.59
C SER G 156 32.70 -38.22 -22.96
N VAL G 157 31.64 -39.01 -23.05
CA VAL G 157 30.33 -38.45 -23.40
C VAL G 157 29.89 -37.45 -22.35
N LYS G 158 30.04 -37.79 -21.07
CA LYS G 158 29.62 -36.90 -20.01
C LYS G 158 30.56 -35.71 -19.87
N ASN G 159 31.86 -35.94 -20.03
CA ASN G 159 32.86 -34.87 -19.91
C ASN G 159 32.82 -33.89 -21.08
N GLY G 160 32.12 -34.22 -22.16
CA GLY G 160 32.03 -33.31 -23.28
C GLY G 160 33.19 -33.42 -24.25
N THR G 161 33.80 -34.59 -24.35
CA THR G 161 34.97 -34.82 -25.21
C THR G 161 34.77 -36.08 -26.03
N TYR G 162 33.59 -36.20 -26.62
CA TYR G 162 33.25 -37.35 -27.46
C TYR G 162 33.80 -37.10 -28.87
N ASP G 163 34.86 -37.82 -29.22
CA ASP G 163 35.49 -37.67 -30.53
C ASP G 163 34.65 -38.39 -31.57
N TYR G 164 34.15 -37.65 -32.56
CA TYR G 164 33.21 -38.22 -33.53
C TYR G 164 33.84 -39.30 -34.40
N PRO G 165 34.88 -39.02 -35.19
CA PRO G 165 35.42 -40.06 -36.08
C PRO G 165 35.92 -41.30 -35.34
N LYS G 166 36.39 -41.16 -34.10
CA LYS G 166 36.87 -42.31 -33.36
C LYS G 166 35.78 -43.35 -33.10
N TYR G 167 34.51 -43.02 -33.37
CA TYR G 167 33.40 -43.96 -33.21
C TYR G 167 32.46 -44.03 -34.40
N SER G 168 32.54 -43.09 -35.35
CA SER G 168 31.52 -43.00 -36.41
C SER G 168 31.77 -44.00 -37.52
N GLU G 169 32.96 -43.96 -38.13
CA GLU G 169 33.20 -44.69 -39.37
C GLU G 169 32.87 -46.17 -39.23
N GLU G 170 33.34 -46.80 -38.14
CA GLU G 170 33.13 -48.23 -37.98
C GLU G 170 31.65 -48.59 -37.91
N SER G 171 30.78 -47.65 -37.56
CA SER G 171 29.36 -47.94 -37.41
C SER G 171 28.60 -47.88 -38.74
N LYS G 172 29.26 -47.50 -39.83
CA LYS G 172 28.56 -47.35 -41.11
C LYS G 172 27.94 -48.67 -41.56
N LEU G 173 28.75 -49.73 -41.60
CA LEU G 173 28.22 -51.03 -42.04
C LEU G 173 27.19 -51.56 -41.07
N ASN G 174 27.42 -51.40 -39.77
CA ASN G 174 26.50 -51.92 -38.77
C ASN G 174 25.13 -51.26 -38.90
N ARG G 175 25.11 -49.95 -39.12
CA ARG G 175 23.84 -49.24 -39.30
C ARG G 175 23.16 -49.64 -40.60
N GLU G 176 23.94 -49.80 -41.68
CA GLU G 176 23.36 -50.17 -42.95
C GLU G 176 22.77 -51.58 -42.92
N LYS G 177 23.33 -52.47 -42.09
CA LYS G 177 22.81 -53.83 -42.01
C LYS G 177 21.36 -53.87 -41.53
N ILE G 178 20.90 -52.81 -40.86
CA ILE G 178 19.53 -52.75 -40.36
C ILE G 178 18.53 -52.92 -41.50
N PHE H 14 3.91 -22.45 -37.88
CA PHE H 14 3.80 -23.61 -38.81
C PHE H 14 2.36 -23.77 -39.27
N ILE H 15 1.49 -24.18 -38.35
CA ILE H 15 0.08 -24.36 -38.68
C ILE H 15 -0.48 -23.00 -39.10
N GLU H 16 -0.99 -22.93 -40.33
CA GLU H 16 -1.46 -21.66 -40.90
C GLU H 16 -2.95 -21.46 -40.62
N GLY H 17 -3.25 -21.12 -39.36
CA GLY H 17 -4.60 -20.84 -38.96
C GLY H 17 -5.37 -22.09 -38.56
N GLY H 18 -6.47 -21.88 -37.84
CA GLY H 18 -7.29 -22.99 -37.40
C GLY H 18 -8.24 -23.47 -38.47
N TRP H 19 -8.81 -24.66 -38.23
CA TRP H 19 -9.82 -25.22 -39.11
C TRP H 19 -11.20 -24.77 -38.64
N THR H 20 -12.02 -24.29 -39.58
CA THR H 20 -13.39 -23.87 -39.28
C THR H 20 -14.39 -25.02 -39.34
N GLY H 21 -13.99 -26.17 -39.87
CA GLY H 21 -14.86 -27.32 -39.95
C GLY H 21 -14.89 -28.19 -38.71
N MET H 22 -14.18 -27.80 -37.65
CA MET H 22 -14.12 -28.57 -36.41
C MET H 22 -15.24 -28.07 -35.51
N ILE H 23 -16.40 -28.71 -35.63
CA ILE H 23 -17.56 -28.27 -34.87
C ILE H 23 -17.35 -28.48 -33.38
N ASP H 24 -16.64 -29.54 -32.99
CA ASP H 24 -16.47 -29.91 -31.60
C ASP H 24 -15.00 -29.94 -31.23
N GLY H 25 -14.70 -29.52 -30.01
CA GLY H 25 -13.35 -29.63 -29.47
C GLY H 25 -12.43 -28.50 -29.86
N TRP H 26 -11.65 -28.00 -28.88
CA TRP H 26 -10.62 -27.02 -29.18
C TRP H 26 -9.60 -27.57 -30.16
N TYR H 27 -9.16 -28.80 -29.93
CA TYR H 27 -8.15 -29.45 -30.75
C TYR H 27 -8.71 -30.75 -31.31
N GLY H 28 -8.21 -31.14 -32.46
CA GLY H 28 -8.68 -32.36 -33.09
C GLY H 28 -7.89 -32.68 -34.33
N TYR H 29 -8.45 -33.56 -35.15
CA TYR H 29 -7.78 -34.04 -36.34
C TYR H 29 -8.64 -33.76 -37.56
N HIS H 30 -8.09 -34.07 -38.73
CA HIS H 30 -8.83 -33.97 -39.98
C HIS H 30 -8.16 -34.92 -40.97
N TRP H 31 -8.97 -35.68 -41.70
CA TRP H 31 -8.43 -36.73 -42.54
C TRP H 31 -9.29 -36.92 -43.77
N GLN H 32 -8.69 -37.53 -44.79
CA GLN H 32 -9.39 -37.90 -46.01
C GLN H 32 -8.78 -39.18 -46.56
N ASN H 33 -9.62 -40.13 -46.95
CA ASN H 33 -9.17 -41.37 -47.54
C ASN H 33 -10.29 -41.92 -48.42
N GLU H 34 -10.15 -43.18 -48.85
CA GLU H 34 -11.14 -43.79 -49.73
C GLU H 34 -12.52 -43.83 -49.09
N GLN H 35 -12.61 -43.84 -47.76
CA GLN H 35 -13.90 -43.93 -47.07
C GLN H 35 -14.52 -42.57 -46.80
N GLY H 36 -13.87 -41.48 -47.19
CA GLY H 36 -14.42 -40.16 -47.00
C GLY H 36 -13.51 -39.23 -46.23
N SER H 37 -14.07 -38.14 -45.70
CA SER H 37 -13.31 -37.16 -44.95
C SER H 37 -14.20 -36.53 -43.90
N GLY H 38 -13.58 -35.94 -42.89
CA GLY H 38 -14.33 -35.31 -41.83
C GLY H 38 -13.42 -34.77 -40.75
N TYR H 39 -14.04 -34.32 -39.66
CA TYR H 39 -13.32 -33.76 -38.53
C TYR H 39 -13.77 -34.46 -37.26
N ALA H 40 -12.90 -34.42 -36.25
CA ALA H 40 -13.19 -35.04 -34.97
C ALA H 40 -12.25 -34.47 -33.91
N ALA H 41 -12.82 -34.20 -32.74
CA ALA H 41 -12.07 -33.66 -31.63
C ALA H 41 -11.21 -34.74 -30.98
N ASP H 42 -10.29 -34.30 -30.12
CA ASP H 42 -9.45 -35.20 -29.34
C ASP H 42 -9.85 -35.04 -27.87
N GLN H 43 -10.28 -36.13 -27.24
CA GLN H 43 -10.86 -36.04 -25.90
C GLN H 43 -9.81 -35.65 -24.86
N LYS H 44 -8.67 -36.35 -24.85
CA LYS H 44 -7.71 -36.16 -23.77
C LYS H 44 -7.05 -34.79 -23.83
N SER H 45 -6.66 -34.35 -25.02
CA SER H 45 -6.02 -33.04 -25.14
C SER H 45 -6.98 -31.93 -24.72
N THR H 46 -8.23 -32.01 -25.18
CA THR H 46 -9.22 -31.00 -24.79
C THR H 46 -9.48 -31.05 -23.29
N GLN H 47 -9.56 -32.25 -22.71
CA GLN H 47 -9.78 -32.37 -21.28
C GLN H 47 -8.65 -31.72 -20.48
N ASN H 48 -7.40 -31.96 -20.89
CA ASN H 48 -6.27 -31.35 -20.20
C ASN H 48 -6.33 -29.83 -20.31
N ALA H 49 -6.67 -29.32 -21.49
CA ALA H 49 -6.71 -27.88 -21.67
C ALA H 49 -7.79 -27.23 -20.83
N ILE H 50 -9.00 -27.79 -20.86
CA ILE H 50 -10.10 -27.19 -20.11
C ILE H 50 -9.83 -27.31 -18.61
N ASN H 51 -9.19 -28.40 -18.18
CA ASN H 51 -8.81 -28.53 -16.77
C ASN H 51 -7.83 -27.44 -16.36
N GLY H 52 -6.84 -27.18 -17.21
CA GLY H 52 -5.86 -26.15 -16.86
C GLY H 52 -6.47 -24.77 -16.77
N ILE H 53 -7.37 -24.44 -17.69
CA ILE H 53 -7.98 -23.11 -17.69
C ILE H 53 -8.98 -22.98 -16.55
N THR H 54 -9.74 -24.03 -16.26
CA THR H 54 -10.66 -23.98 -15.14
C THR H 54 -9.93 -23.71 -13.83
N ASN H 55 -8.69 -24.19 -13.71
CA ASN H 55 -7.88 -23.91 -12.53
C ASN H 55 -7.59 -22.42 -12.41
N ILE H 56 -7.27 -21.76 -13.52
CA ILE H 56 -7.00 -20.33 -13.49
C ILE H 56 -8.25 -19.56 -13.09
N VAL H 57 -9.40 -19.94 -13.65
CA VAL H 57 -10.64 -19.25 -13.31
C VAL H 57 -10.96 -19.43 -11.83
N ASN H 58 -10.80 -20.65 -11.33
CA ASN H 58 -11.08 -20.91 -9.92
C ASN H 58 -10.12 -20.13 -9.01
N SER H 59 -8.83 -20.08 -9.38
CA SER H 59 -7.87 -19.32 -8.59
C SER H 59 -8.23 -17.84 -8.56
N VAL H 60 -8.62 -17.30 -9.70
CA VAL H 60 -9.03 -15.90 -9.77
C VAL H 60 -10.22 -15.65 -8.85
N ILE H 61 -11.20 -16.57 -8.87
CA ILE H 61 -12.39 -16.37 -8.06
C ILE H 61 -12.10 -16.62 -6.60
N GLU H 62 -11.18 -17.54 -6.30
CA GLU H 62 -10.93 -17.91 -4.92
C GLU H 62 -10.04 -16.89 -4.22
N LYS H 63 -8.95 -16.49 -4.85
CA LYS H 63 -7.97 -15.63 -4.20
C LYS H 63 -8.42 -14.18 -4.08
N MET H 64 -9.53 -13.80 -4.71
CA MET H 64 -10.02 -12.43 -4.65
C MET H 64 -11.23 -12.41 -3.73
N ASN H 65 -11.03 -11.93 -2.52
CA ASN H 65 -12.09 -11.96 -1.53
C ASN H 65 -13.17 -10.93 -1.86
N THR H 66 -14.24 -10.98 -1.07
CA THR H 66 -15.39 -10.13 -1.26
C THR H 66 -15.17 -8.77 -0.60
N GLN H 67 -15.92 -7.78 -1.06
CA GLN H 67 -15.85 -6.40 -0.57
C GLN H 67 -17.08 -6.15 0.32
N PHE H 68 -16.89 -6.25 1.62
CA PHE H 68 -18.02 -6.15 2.56
C PHE H 68 -18.23 -4.70 2.99
N THR H 69 -19.40 -4.14 2.65
CA THR H 69 -19.91 -2.92 3.25
C THR H 69 -18.86 -1.81 3.26
N ALA H 70 -18.54 -1.35 2.05
CA ALA H 70 -17.61 -0.23 1.87
C ALA H 70 -18.36 1.10 1.80
N VAL H 71 -19.07 1.40 2.90
CA VAL H 71 -19.87 2.60 3.02
C VAL H 71 -18.98 3.79 3.39
N GLY H 72 -19.51 5.01 3.28
CA GLY H 72 -18.72 6.21 3.43
C GLY H 72 -18.67 6.73 4.86
N LYS H 73 -18.17 7.96 4.99
CA LYS H 73 -18.04 8.59 6.29
C LYS H 73 -18.21 10.11 6.14
N GLU H 74 -18.57 10.76 7.24
CA GLU H 74 -18.90 12.17 7.25
C GLU H 74 -18.01 12.89 8.25
N PHE H 75 -17.70 14.15 7.96
CA PHE H 75 -16.77 14.94 8.78
C PHE H 75 -17.28 16.37 8.89
N ASN H 76 -16.88 17.02 9.97
CA ASN H 76 -17.24 18.41 10.20
C ASN H 76 -16.40 19.32 9.32
N ASN H 77 -16.56 20.62 9.49
CA ASN H 77 -15.74 21.60 8.78
C ASN H 77 -14.39 21.80 9.44
N LEU H 78 -14.22 21.32 10.67
CA LEU H 78 -12.96 21.41 11.39
C LEU H 78 -12.23 20.08 11.42
N GLU H 79 -12.61 19.14 10.56
CA GLU H 79 -12.03 17.80 10.47
C GLU H 79 -11.55 17.55 9.04
N LYS H 80 -11.01 18.59 8.41
CA LYS H 80 -10.56 18.48 7.03
C LYS H 80 -9.36 17.55 6.92
N ARG H 81 -8.48 17.55 7.92
CA ARG H 81 -7.31 16.67 7.89
C ARG H 81 -7.73 15.21 7.93
N MET H 82 -8.64 14.84 8.84
CA MET H 82 -9.13 13.48 8.89
C MET H 82 -9.83 13.11 7.59
N GLU H 83 -10.62 14.04 7.04
CA GLU H 83 -11.34 13.77 5.81
C GLU H 83 -10.39 13.50 4.65
N ASN H 84 -9.30 14.27 4.56
CA ASN H 84 -8.31 14.04 3.51
C ASN H 84 -7.56 12.73 3.74
N LEU H 85 -7.33 12.37 5.00
CA LEU H 85 -6.67 11.10 5.30
C LEU H 85 -7.55 9.93 4.88
N ASN H 86 -8.85 9.98 5.19
CA ASN H 86 -9.75 8.92 4.76
C ASN H 86 -9.84 8.85 3.24
N LYS H 87 -9.85 10.01 2.59
CA LYS H 87 -9.88 10.04 1.13
C LYS H 87 -8.60 9.46 0.54
N LYS H 88 -7.46 9.74 1.17
CA LYS H 88 -6.19 9.20 0.70
C LYS H 88 -6.14 7.69 0.83
N VAL H 89 -6.66 7.16 1.95
CA VAL H 89 -6.72 5.72 2.14
C VAL H 89 -7.57 5.08 1.05
N ASP H 90 -8.78 5.62 0.83
CA ASP H 90 -9.68 5.03 -0.15
C ASP H 90 -9.10 5.08 -1.56
N ASP H 91 -8.52 6.21 -1.94
CA ASP H 91 -7.96 6.34 -3.29
C ASP H 91 -6.74 5.44 -3.47
N GLY H 92 -5.91 5.32 -2.44
CA GLY H 92 -4.73 4.47 -2.55
C GLY H 92 -5.08 3.01 -2.75
N PHE H 93 -6.03 2.51 -1.94
CA PHE H 93 -6.45 1.12 -2.09
C PHE H 93 -7.10 0.87 -3.44
N LEU H 94 -7.92 1.81 -3.91
CA LEU H 94 -8.57 1.64 -5.20
C LEU H 94 -7.54 1.57 -6.31
N ASP H 95 -6.50 2.39 -6.23
CA ASP H 95 -5.47 2.41 -7.26
C ASP H 95 -4.62 1.15 -7.23
N ILE H 96 -4.35 0.62 -6.03
CA ILE H 96 -3.55 -0.60 -5.91
C ILE H 96 -4.31 -1.78 -6.51
N TRP H 97 -5.60 -1.90 -6.16
CA TRP H 97 -6.38 -3.05 -6.59
C TRP H 97 -6.78 -2.96 -8.05
N THR H 98 -6.88 -1.75 -8.60
CA THR H 98 -7.05 -1.61 -10.04
C THR H 98 -5.80 -2.07 -10.77
N TYR H 99 -4.63 -1.74 -10.23
CA TYR H 99 -3.37 -2.17 -10.82
C TYR H 99 -3.21 -3.68 -10.71
N ASN H 100 -3.56 -4.26 -9.56
CA ASN H 100 -3.50 -5.71 -9.39
C ASN H 100 -4.45 -6.42 -10.35
N ALA H 101 -5.67 -5.90 -10.49
CA ALA H 101 -6.65 -6.56 -11.35
C ALA H 101 -6.20 -6.59 -12.80
N GLU H 102 -5.65 -5.47 -13.28
CA GLU H 102 -5.23 -5.40 -14.69
C GLU H 102 -3.99 -6.24 -14.94
N LEU H 103 -3.03 -6.22 -14.02
CA LEU H 103 -1.83 -7.04 -14.18
C LEU H 103 -2.20 -8.53 -14.15
N LEU H 104 -3.06 -8.92 -13.22
CA LEU H 104 -3.47 -10.32 -13.14
C LEU H 104 -4.08 -10.79 -14.46
N VAL H 105 -4.96 -9.98 -15.03
CA VAL H 105 -5.65 -10.39 -16.25
C VAL H 105 -4.67 -10.54 -17.40
N LEU H 106 -3.67 -9.66 -17.46
CA LEU H 106 -2.65 -9.77 -18.51
C LEU H 106 -1.81 -11.02 -18.33
N LEU H 107 -1.41 -11.31 -17.09
CA LEU H 107 -0.58 -12.48 -16.82
C LEU H 107 -1.29 -13.77 -17.21
N ILE H 108 -2.51 -13.95 -16.69
CA ILE H 108 -3.25 -15.19 -16.95
C ILE H 108 -3.61 -15.31 -18.42
N ASN H 109 -3.72 -14.19 -19.14
CA ASN H 109 -4.06 -14.25 -20.56
C ASN H 109 -2.92 -14.88 -21.37
N GLU H 110 -1.69 -14.43 -21.12
CA GLU H 110 -0.55 -14.90 -21.93
C GLU H 110 -0.23 -16.36 -21.64
N ARG H 111 -0.38 -16.79 -20.39
CA ARG H 111 -0.16 -18.20 -20.06
C ARG H 111 -1.13 -19.09 -20.82
N THR H 112 -2.40 -18.68 -20.87
CA THR H 112 -3.42 -19.44 -21.60
C THR H 112 -3.03 -19.58 -23.07
N LEU H 113 -2.61 -18.48 -23.70
CA LEU H 113 -2.18 -18.55 -25.09
C LEU H 113 -0.88 -19.32 -25.24
N ASP H 114 -0.04 -19.32 -24.20
CA ASP H 114 1.13 -20.19 -24.19
C ASP H 114 0.75 -21.63 -23.89
N PHE H 115 -0.23 -21.83 -23.00
CA PHE H 115 -0.68 -23.18 -22.70
C PHE H 115 -1.34 -23.82 -23.91
N HIS H 116 -2.17 -23.06 -24.63
CA HIS H 116 -2.81 -23.59 -25.82
C HIS H 116 -1.80 -23.96 -26.89
N ASP H 117 -0.79 -23.11 -27.10
CA ASP H 117 0.22 -23.40 -28.10
C ASP H 117 1.02 -24.65 -27.74
N SER H 118 1.38 -24.81 -26.47
CA SER H 118 2.10 -26.00 -26.04
C SER H 118 1.28 -27.26 -26.27
N ASN H 119 -0.02 -27.19 -25.98
CA ASN H 119 -0.88 -28.37 -26.12
C ASN H 119 -0.95 -28.82 -27.58
N VAL H 120 -1.09 -27.87 -28.50
CA VAL H 120 -1.18 -28.23 -29.92
C VAL H 120 0.14 -28.81 -30.39
N LYS H 121 1.26 -28.20 -30.00
CA LYS H 121 2.57 -28.71 -30.40
C LYS H 121 2.80 -30.10 -29.82
N ASN H 122 2.37 -30.34 -28.59
CA ASN H 122 2.49 -31.67 -28.01
C ASN H 122 1.72 -32.70 -28.83
N LEU H 123 0.52 -32.32 -29.29
CA LEU H 123 -0.25 -33.22 -30.14
C LEU H 123 0.49 -33.52 -31.44
N TYR H 124 1.10 -32.50 -32.04
CA TYR H 124 1.80 -32.69 -33.31
C TYR H 124 2.98 -33.64 -33.14
N GLU H 125 3.78 -33.45 -32.09
CA GLU H 125 4.91 -34.34 -31.85
C GLU H 125 4.45 -35.75 -31.53
N LYS H 126 3.37 -35.89 -30.76
CA LYS H 126 2.87 -37.21 -30.41
C LYS H 126 2.42 -37.97 -31.65
N VAL H 127 1.76 -37.27 -32.59
CA VAL H 127 1.37 -37.91 -33.84
C VAL H 127 2.59 -38.31 -34.64
N LYS H 128 3.60 -37.44 -34.69
CA LYS H 128 4.82 -37.76 -35.44
C LYS H 128 5.49 -39.01 -34.89
N ASN H 129 5.64 -39.08 -33.56
CA ASN H 129 6.27 -40.24 -32.95
C ASN H 129 5.45 -41.51 -33.19
N GLN H 130 4.12 -41.39 -33.15
CA GLN H 130 3.27 -42.53 -33.43
C GLN H 130 3.48 -43.06 -34.84
N LEU H 131 3.57 -42.15 -35.81
CA LEU H 131 3.78 -42.56 -37.19
C LEU H 131 5.19 -43.07 -37.44
N ARG H 132 6.15 -42.64 -36.63
CA ARG H 132 7.52 -43.19 -36.67
C ARG H 132 8.12 -43.06 -38.06
N ASN H 133 8.12 -41.83 -38.57
CA ASN H 133 8.75 -41.49 -39.85
C ASN H 133 8.37 -42.49 -40.94
N ASN H 134 7.09 -42.87 -40.95
CA ASN H 134 6.49 -43.63 -42.03
C ASN H 134 5.61 -42.76 -42.91
N ALA H 135 5.69 -41.44 -42.76
CA ALA H 135 4.87 -40.51 -43.53
C ALA H 135 5.67 -39.25 -43.83
N LYS H 136 5.42 -38.69 -45.01
CA LYS H 136 6.04 -37.42 -45.37
C LYS H 136 5.46 -36.31 -44.50
N GLU H 137 6.34 -35.41 -44.04
CA GLU H 137 5.95 -34.31 -43.15
C GLU H 137 5.88 -33.01 -43.95
N ILE H 138 4.81 -32.25 -43.72
CA ILE H 138 4.57 -30.98 -44.38
C ILE H 138 4.50 -29.89 -43.32
N GLY H 139 5.00 -28.70 -43.66
CA GLY H 139 5.13 -27.66 -42.66
C GLY H 139 3.82 -27.18 -42.11
N ASN H 140 2.74 -27.25 -42.91
CA ASN H 140 1.43 -26.80 -42.46
C ASN H 140 0.86 -27.67 -41.35
N GLY H 141 1.59 -28.71 -40.92
CA GLY H 141 1.17 -29.56 -39.84
C GLY H 141 0.52 -30.85 -40.28
N CYS H 142 0.53 -31.17 -41.57
CA CYS H 142 -0.21 -32.31 -42.10
C CYS H 142 0.72 -33.38 -42.64
N PHE H 143 0.48 -34.62 -42.23
CA PHE H 143 1.30 -35.76 -42.63
C PHE H 143 0.67 -36.46 -43.82
N GLU H 144 1.51 -37.02 -44.69
CA GLU H 144 1.07 -37.82 -45.82
C GLU H 144 1.69 -39.21 -45.72
N PHE H 145 0.84 -40.22 -45.60
CA PHE H 145 1.32 -41.59 -45.47
C PHE H 145 2.02 -42.04 -46.75
N TYR H 146 2.93 -43.00 -46.60
CA TYR H 146 3.54 -43.69 -47.73
C TYR H 146 2.80 -44.98 -48.07
N HIS H 147 1.57 -45.14 -47.58
CA HIS H 147 0.83 -46.38 -47.73
C HIS H 147 -0.66 -46.07 -47.65
N LYS H 148 -1.47 -47.08 -47.96
CA LYS H 148 -2.92 -46.93 -47.86
C LYS H 148 -3.35 -46.95 -46.40
N CYS H 149 -4.22 -46.00 -46.04
CA CYS H 149 -4.60 -45.79 -44.64
C CYS H 149 -6.12 -45.60 -44.60
N ASN H 150 -6.82 -46.64 -44.15
CA ASN H 150 -8.28 -46.62 -44.13
C ASN H 150 -8.76 -46.01 -42.81
N ASN H 151 -10.05 -46.13 -42.52
CA ASN H 151 -10.58 -45.59 -41.27
C ASN H 151 -9.96 -46.26 -40.06
N GLU H 152 -9.73 -47.58 -40.15
CA GLU H 152 -9.06 -48.28 -39.05
C GLU H 152 -7.67 -47.72 -38.81
N CYS H 153 -6.94 -47.42 -39.89
CA CYS H 153 -5.63 -46.79 -39.73
C CYS H 153 -5.75 -45.41 -39.10
N MET H 154 -6.73 -44.63 -39.55
CA MET H 154 -6.91 -43.29 -38.98
C MET H 154 -7.28 -43.36 -37.51
N GLU H 155 -8.21 -44.25 -37.16
CA GLU H 155 -8.58 -44.41 -35.76
C GLU H 155 -7.40 -44.91 -34.94
N SER H 156 -6.55 -45.76 -35.52
CA SER H 156 -5.37 -46.23 -34.81
C SER H 156 -4.45 -45.06 -34.47
N VAL H 157 -4.29 -44.12 -35.40
CA VAL H 157 -3.52 -42.92 -35.12
C VAL H 157 -4.17 -42.11 -34.00
N LYS H 158 -5.49 -41.97 -34.04
CA LYS H 158 -6.20 -41.29 -32.96
C LYS H 158 -6.08 -42.06 -31.65
N ASN H 159 -6.18 -43.39 -31.71
CA ASN H 159 -6.12 -44.21 -30.50
C ASN H 159 -4.72 -44.28 -29.89
N GLY H 160 -3.75 -43.58 -30.45
CA GLY H 160 -2.41 -43.63 -29.90
C GLY H 160 -1.73 -44.97 -30.03
N THR H 161 -2.22 -45.83 -30.92
CA THR H 161 -1.71 -47.18 -31.09
C THR H 161 -1.49 -47.48 -32.57
N TYR H 162 -0.89 -46.54 -33.28
CA TYR H 162 -0.56 -46.76 -34.68
C TYR H 162 0.36 -47.98 -34.80
N ASP H 163 -0.08 -48.98 -35.56
CA ASP H 163 0.63 -50.25 -35.66
C ASP H 163 1.74 -50.11 -36.71
N TYR H 164 2.88 -49.58 -36.25
CA TYR H 164 4.01 -49.39 -37.14
C TYR H 164 4.48 -50.68 -37.80
N PRO H 165 4.68 -51.79 -37.09
CA PRO H 165 5.26 -52.98 -37.75
C PRO H 165 4.43 -53.52 -38.90
N LYS H 166 3.10 -53.48 -38.78
CA LYS H 166 2.26 -54.02 -39.85
C LYS H 166 2.24 -53.12 -41.07
N TYR H 167 2.15 -51.80 -40.88
CA TYR H 167 2.09 -50.87 -42.00
C TYR H 167 3.46 -50.63 -42.62
N SER H 168 4.55 -50.89 -41.88
CA SER H 168 5.88 -50.62 -42.40
C SER H 168 6.26 -51.57 -43.54
N GLU H 169 5.53 -52.68 -43.70
CA GLU H 169 5.88 -53.63 -44.74
C GLU H 169 5.81 -52.99 -46.12
N GLU H 170 4.72 -52.27 -46.40
CA GLU H 170 4.62 -51.57 -47.68
C GLU H 170 5.60 -50.41 -47.75
N SER H 171 5.68 -49.61 -46.69
CA SER H 171 6.55 -48.44 -46.71
C SER H 171 7.98 -48.80 -47.09
N LYS H 172 8.46 -49.95 -46.63
CA LYS H 172 9.81 -50.40 -46.95
C LYS H 172 10.08 -50.32 -48.45
N LEU H 173 9.02 -50.47 -49.25
CA LEU H 173 9.13 -50.40 -50.70
C LEU H 173 8.71 -49.05 -51.26
N ASN H 174 7.50 -48.59 -50.93
CA ASN H 174 6.95 -47.39 -51.55
C ASN H 174 7.74 -46.14 -51.17
N ARG H 175 8.41 -46.13 -50.02
CA ARG H 175 9.21 -44.97 -49.65
C ARG H 175 10.40 -44.78 -50.58
N GLU H 176 10.87 -45.86 -51.21
CA GLU H 176 11.89 -45.73 -52.24
C GLU H 176 11.38 -45.01 -53.48
N LYS H 177 10.06 -44.87 -53.61
CA LYS H 177 9.51 -44.15 -54.76
C LYS H 177 9.92 -42.68 -54.77
N ILE H 178 10.34 -42.15 -53.63
CA ILE H 178 10.77 -40.76 -53.54
C ILE H 178 12.12 -40.59 -54.24
C1 NAG I . 11.76 37.39 14.54
C2 NAG I . 11.52 38.20 15.83
C3 NAG I . 12.85 38.60 16.46
C4 NAG I . 13.73 37.38 16.67
C5 NAG I . 13.90 36.62 15.35
C6 NAG I . 14.67 35.34 15.50
C7 NAG I . 9.37 39.38 15.66
C8 NAG I . 8.70 40.69 15.36
N2 NAG I . 10.71 39.38 15.56
O3 NAG I . 12.61 39.25 17.70
O4 NAG I . 15.01 37.79 17.14
O5 NAG I . 12.61 36.28 14.83
O6 NAG I . 14.57 34.53 14.34
O7 NAG I . 8.74 38.39 15.96
H1 NAG I . 12.19 37.97 13.88
H2 NAG I . 11.05 37.63 16.46
H3 NAG I . 13.31 39.22 15.86
H4 NAG I . 13.31 36.79 17.33
H5 NAG I . 14.35 37.20 14.70
H61 NAG I . 15.62 35.56 15.65
H62 NAG I . 14.33 34.85 16.27
H81 NAG I . 8.30 41.04 16.18
H82 NAG I . 8.00 40.55 14.69
H83 NAG I . 9.36 41.34 15.02
HN2 NAG I . 11.13 40.16 15.34
HO3 NAG I . 13.23 38.99 18.29
HO6 NAG I . 14.59 35.04 13.62
C1 NAG I . 15.45 36.92 18.22
C2 NAG I . 16.97 37.04 18.36
C3 NAG I . 17.46 36.18 19.53
C4 NAG I . 16.70 36.52 20.80
C5 NAG I . 15.19 36.41 20.55
C6 NAG I . 14.36 36.82 21.74
C7 NAG I . 18.06 37.50 16.20
C8 NAG I . 18.72 36.89 14.99
N2 NAG I . 17.63 36.63 17.13
O3 NAG I . 18.84 36.43 19.72
O4 NAG I . 17.06 35.61 21.83
O5 NAG I . 14.83 37.29 19.47
O6 NAG I . 14.30 38.23 21.90
O7 NAG I . 17.92 38.71 16.33
H1 NAG I . 15.22 36.00 18.01
H2 NAG I . 17.20 37.97 18.54
H3 NAG I . 17.33 35.25 19.31
H4 NAG I . 16.91 37.44 21.08
H5 NAG I . 14.98 35.50 20.30
H61 NAG I . 13.46 36.48 21.62
H62 NAG I . 14.76 36.43 22.55
H81 NAG I . 18.97 37.61 14.37
H82 NAG I . 19.50 36.38 15.26
H83 NAG I . 18.08 36.30 14.55
HN2 NAG I . 17.75 35.74 16.97
HO3 NAG I . 18.96 37.03 20.37
HO6 NAG I . 13.77 38.43 22.58
C1 BMA I . 17.61 36.33 22.95
C2 BMA I . 17.81 35.30 24.09
C3 BMA I . 18.60 35.90 25.24
C4 BMA I . 19.87 36.59 24.72
C5 BMA I . 19.48 37.65 23.68
C6 BMA I . 20.68 38.39 23.13
O2 BMA I . 18.54 34.17 23.63
O3 BMA I . 18.96 34.90 26.19
O4 BMA I . 20.54 37.22 25.79
O5 BMA I . 18.83 36.96 22.59
O6 BMA I . 20.22 39.60 22.53
H1 BMA I . 16.89 37.10 23.28
H2 BMA I . 16.81 34.98 24.44
H3 BMA I . 17.99 36.64 25.77
H4 BMA I . 20.50 35.84 24.23
H5 BMA I . 18.78 38.38 24.13
H61 BMA I . 21.37 38.60 23.96
H62 BMA I . 21.18 37.74 22.40
HO2 BMA I . 18.06 33.81 22.88
HO3 BMA I . 19.52 34.28 25.71
HO4 BMA I . 20.77 36.50 26.41
HO6 BMA I . 20.99 40.07 22.18
C1 NAG J . 15.94 19.57 -18.92
C2 NAG J . 17.27 19.99 -18.29
C3 NAG J . 18.17 20.68 -19.31
C4 NAG J . 18.34 19.81 -20.55
C5 NAG J . 16.96 19.41 -21.08
C6 NAG J . 17.03 18.47 -22.26
C7 NAG J . 16.46 22.06 -17.20
C8 NAG J . 16.31 22.80 -15.90
N2 NAG J . 17.04 20.85 -17.13
O3 NAG J . 19.45 20.91 -18.73
O4 NAG J . 19.07 20.57 -21.52
O5 NAG J . 16.20 18.75 -20.07
O6 NAG J . 17.27 17.14 -21.80
O7 NAG J . 16.06 22.52 -18.25
H1 NAG J . 15.40 20.33 -19.17
H2 NAG J . 17.74 19.20 -17.98
H3 NAG J . 17.78 21.53 -19.56
H4 NAG J . 18.86 19.01 -20.33
H5 NAG J . 16.46 20.20 -21.36
H61 NAG J . 16.17 18.45 -22.72
H62 NAG J . 17.70 18.76 -22.90
H81 NAG J . 15.94 23.68 -16.07
H82 NAG J . 15.74 22.31 -15.27
H83 NAG J . 17.20 22.91 -15.48
HN2 NAG J . 17.30 20.55 -16.31
HO3 NAG J . 20.05 20.71 -19.34
HO6 NAG J . 16.58 16.88 -21.30
C1 NAG J . 20.36 19.97 -21.67
C2 NAG J . 21.10 20.86 -22.66
C3 NAG J . 22.50 20.31 -22.90
C4 NAG J . 23.23 20.14 -21.56
C5 NAG J . 22.40 19.25 -20.65
C6 NAG J . 23.04 19.00 -19.30
C7 NAG J . 20.48 22.04 -24.70
C8 NAG J . 19.66 22.00 -25.97
N2 NAG J . 20.38 20.98 -23.90
O3 NAG J . 23.21 21.20 -23.75
O4 NAG J . 24.50 19.54 -21.77
O5 NAG J . 21.14 19.87 -20.44
O6 NAG J . 22.27 18.11 -18.50
O7 NAG J . 21.22 22.99 -24.44
H1 NAG J . 20.25 19.08 -22.06
H2 NAG J . 21.16 21.76 -22.30
H3 NAG J . 22.39 19.42 -23.29
H4 NAG J . 23.35 21.04 -21.15
H5 NAG J . 22.28 18.39 -21.11
H61 NAG J . 23.90 18.58 -19.42
H62 NAG J . 23.20 19.84 -18.81
H81 NAG J . 18.76 22.35 -25.78
H82 NAG J . 20.07 22.57 -26.65
H83 NAG J . 19.57 21.08 -26.28
HN2 NAG J . 19.82 20.32 -24.14
HO3 NAG J . 22.84 22.01 -23.74
HO4 NAG J . 24.87 19.95 -22.47
HO6 NAG J . 21.46 18.45 -18.42
C1 NAG K . -8.06 -4.65 41.54
C2 NAG K . -8.96 -3.99 42.58
C3 NAG K . -9.82 -5.03 43.28
C4 NAG K . -10.56 -5.89 42.28
C5 NAG K . -9.59 -6.49 41.27
C6 NAG K . -10.26 -7.25 40.16
C7 NAG K . -7.78 -1.96 43.36
C8 NAG K . -6.99 -1.35 44.48
N2 NAG K . -8.18 -3.23 43.55
O3 NAG K . -10.76 -4.37 44.14
O4 NAG K . -11.23 -6.96 42.95
O5 NAG K . -8.84 -5.43 40.64
O6 NAG K . -10.76 -6.38 39.16
O7 NAG K . -8.05 -1.35 42.34
H1 NAG K . -7.42 -5.23 42.00
H2 NAG K . -9.55 -3.37 42.12
H3 NAG K . -9.25 -5.60 43.83
H4 NAG K . -11.22 -5.34 41.80
H5 NAG K . -8.97 -7.08 41.74
H61 NAG K . -9.61 -7.87 39.76
H62 NAG K . -11.00 -7.76 40.54
H81 NAG K . -7.50 -0.61 44.87
H82 NAG K . -6.14 -1.02 44.14
H83 NAG K . -6.82 -2.03 45.18
HN2 NAG K . -7.95 -3.65 44.34
HO3 NAG K . -11.57 -4.45 43.79
HO6 NAG K . -11.20 -6.86 38.55
C1 NAG K . -12.66 -6.86 42.75
C2 NAG K . -13.31 -8.16 43.20
C3 NAG K . -14.83 -8.07 43.04
C4 NAG K . -15.36 -6.84 43.76
C5 NAG K . -14.61 -5.59 43.32
C6 NAG K . -14.99 -4.36 44.11
C7 NAG K . -11.74 -10.02 42.84
C8 NAG K . -11.33 -11.14 41.93
N2 NAG K . -12.79 -9.29 42.44
O3 NAG K . -15.42 -9.24 43.59
O4 NAG K . -16.74 -6.67 43.45
O5 NAG K . -13.20 -5.78 43.51
O6 NAG K . -14.60 -4.47 45.47
O7 NAG K . -11.14 -9.77 43.87
H1 NAG K . -12.85 -6.73 41.80
H2 NAG K . -13.11 -8.31 44.13
H3 NAG K . -15.05 -8.01 42.10
H4 NAG K . -15.23 -6.96 44.72
H5 NAG K . -14.79 -5.42 42.37
H61 NAG K . -14.56 -3.58 43.71
H62 NAG K . -15.96 -4.25 44.08
H81 NAG K . -10.56 -11.61 42.31
H82 NAG K . -11.10 -10.77 41.05
H83 NAG K . -12.08 -11.76 41.83
HN2 NAG K . -13.20 -9.52 41.65
HO3 NAG K . -15.88 -9.02 44.32
HO6 NAG K . -14.82 -3.74 45.91
C1 BMA K . -17.57 -6.94 44.61
C2 BMA K . -18.93 -6.27 44.35
C3 BMA K . -19.91 -6.64 45.45
C4 BMA K . -19.95 -8.16 45.65
C5 BMA K . -18.54 -8.67 45.94
C6 BMA K . -18.50 -10.17 46.15
O2 BMA K . -19.50 -6.74 43.13
O3 BMA K . -21.22 -6.15 45.17
O4 BMA K . -20.80 -8.49 46.74
O5 BMA K . -17.71 -8.33 44.83
O6 BMA K . -17.19 -10.54 46.55
H1 BMA K . -17.12 -6.47 45.51
H2 BMA K . -18.80 -5.18 44.32
H3 BMA K . -19.61 -6.18 46.40
H4 BMA K . -20.30 -8.64 44.72
H5 BMA K . -18.15 -8.19 46.86
H61 BMA K . -19.25 -10.44 46.91
H62 BMA K . -18.79 -10.65 45.21
HO2 BMA K . -18.85 -6.53 42.44
HO3 BMA K . -21.50 -6.62 44.36
HO4 BMA K . -21.66 -8.11 46.51
HO6 BMA K . -17.18 -11.50 46.67
C1 NAG L . 14.96 -21.52 17.44
C2 NAG L . 16.13 -22.42 17.73
C3 NAG L . 15.75 -23.89 17.53
C4 NAG L . 14.47 -24.28 18.27
C5 NAG L . 13.36 -23.25 18.10
C6 NAG L . 12.33 -23.41 19.18
C7 NAG L . 17.96 -20.93 17.01
C8 NAG L . 19.21 -20.80 16.17
N2 NAG L . 17.29 -22.09 16.91
O3 NAG L . 16.82 -24.66 18.05
O4 NAG L . 13.96 -25.51 17.75
O5 NAG L . 13.86 -21.90 18.23
O6 NAG L . 12.99 -23.53 20.45
O7 NAG L . 17.61 -20.05 17.79
H1 NAG L . 14.74 -21.55 16.49
H2 NAG L . 16.35 -22.25 18.66
H3 NAG L . 15.63 -24.07 16.58
H4 NAG L . 14.64 -24.35 19.23
H5 NAG L . 12.94 -23.36 17.21
H61 NAG L . 11.70 -22.67 19.21
H62 NAG L . 11.84 -24.23 19.01
H81 NAG L . 19.10 -20.89 15.19
H82 NAG L . 19.62 -19.93 16.37
H83 NAG L . 19.81 -21.50 16.48
HN2 NAG L . 17.61 -22.74 16.34
HO3 NAG L . 16.53 -25.46 18.31
HO6 NAG L . 12.42 -23.78 21.08
C1 NAG L . 13.71 -26.63 18.64
C2 NAG L . 12.59 -27.47 18.02
C3 NAG L . 12.36 -28.77 18.80
C4 NAG L . 13.67 -29.52 19.00
C5 NAG L . 14.72 -28.61 19.59
C6 NAG L . 16.10 -29.23 19.63
C7 NAG L . 11.03 -26.02 16.79
C8 NAG L . 9.72 -25.28 16.82
N2 NAG L . 11.35 -26.71 17.90
O3 NAG L . 11.44 -29.58 18.09
O4 NAG L . 13.47 -30.62 19.88
O5 NAG L . 14.86 -27.41 18.80
O6 NAG L . 16.43 -29.80 18.37
O7 NAG L . 11.78 -25.99 15.82
H1 NAG L . 13.42 -26.28 19.52
H2 NAG L . 12.86 -27.74 17.12
H3 NAG L . 11.97 -28.56 19.68
H4 NAG L . 13.99 -29.85 18.12
H5 NAG L . 14.46 -28.37 20.50
H61 NAG L . 16.75 -28.53 19.84
H62 NAG L . 16.14 -29.92 20.30
H81 NAG L . 9.06 -25.76 16.28
H82 NAG L . 9.39 -25.21 17.75
H83 NAG L . 9.85 -24.39 16.46
HN2 NAG L . 10.77 -26.70 18.61
HO3 NAG L . 11.86 -30.27 17.72
HO6 NAG L . 17.12 -30.34 18.46
C1 BMA L . 13.98 -31.88 19.37
C2 BMA L . 14.41 -32.68 20.58
C3 BMA L . 14.72 -34.15 20.21
C4 BMA L . 13.76 -34.76 19.19
C5 BMA L . 13.44 -33.77 18.08
C6 BMA L . 12.33 -34.24 17.17
O2 BMA L . 13.32 -32.73 21.47
O3 BMA L . 14.64 -34.96 21.37
O4 BMA L . 14.37 -35.96 18.67
O5 BMA L . 12.99 -32.56 18.68
O6 BMA L . 12.07 -33.16 16.28
H1 BMA L . 14.87 -31.73 18.72
H2 BMA L . 15.30 -32.18 21.04
H3 BMA L . 15.75 -34.25 19.82
H4 BMA L . 12.81 -35.00 19.70
H5 BMA L . 14.33 -33.57 17.47
H61 BMA L . 12.65 -35.15 16.65
H62 BMA L . 11.46 -34.48 17.80
HO2 BMA L . 13.32 -31.89 21.93
HO3 BMA L . 13.70 -34.88 21.63
HO4 BMA L . 13.91 -36.17 17.86
HO6 BMA L . 11.38 -33.44 15.67
C1 NAG M . -38.53 20.76 5.37
C2 NAG M . -38.93 22.00 6.18
C3 NAG M . -39.63 23.01 5.28
C4 NAG M . -38.81 23.30 4.03
C5 NAG M . -38.38 22.00 3.35
C6 NAG M . -37.43 22.22 2.20
C7 NAG M . -39.31 21.28 8.50
C8 NAG M . -40.35 20.94 9.53
N2 NAG M . -39.78 21.64 7.30
O3 NAG M . -39.83 24.22 6.00
O4 NAG M . -39.60 24.02 3.11
O5 NAG M . -37.70 21.15 4.30
O6 NAG M . -36.13 22.59 2.65
O7 NAG M . -38.11 21.24 8.75
H1 NAG M . -39.34 20.34 5.02
H2 NAG M . -38.11 22.41 6.53
H3 NAG M . -40.49 22.65 5.01
H4 NAG M . -38.01 23.81 4.27
H5 NAG M . -39.17 21.53 3.02
H61 NAG M . -37.35 21.39 1.69
H62 NAG M . -37.78 22.92 1.63
H81 NAG M . -40.97 21.68 9.65
H82 NAG M . -39.91 20.74 10.39
H83 NAG M . -40.85 20.14 9.24
HN2 NAG M . -40.69 21.64 7.17
HO3 NAG M . -39.42 24.89 5.58
HO6 NAG M . -35.57 22.59 1.96
C1 NAG M . -38.95 25.27 2.77
C2 NAG M . -39.54 25.79 1.46
C3 NAG M . -38.95 27.15 1.12
C4 NAG M . -39.17 28.10 2.29
C5 NAG M . -38.59 27.50 3.57
C6 NAG M . -38.87 28.35 4.79
C7 NAG M . -40.24 24.01 -0.10
C8 NAG M . -39.82 23.10 -1.22
N2 NAG M . -39.30 24.84 0.38
O3 NAG M . -39.57 27.66 -0.04
O4 NAG M . -38.52 29.35 2.03
O5 NAG M . -39.19 26.22 3.80
O6 NAG M . -40.26 28.45 5.05
O7 NAG M . -41.37 23.99 0.37
H1 NAG M . -38.00 25.13 2.65
H2 NAG M . -40.50 25.89 1.56
H3 NAG M . -37.99 27.04 0.96
H4 NAG M . -40.13 28.23 2.41
H5 NAG M . -37.63 27.38 3.47
H61 NAG M . -38.51 29.24 4.64
H62 NAG M . -38.43 27.94 5.56
H81 NAG M . -40.57 22.54 -1.48
H82 NAG M . -39.52 23.64 -1.98
H83 NAG M . -39.08 22.53 -0.91
HN2 NAG M . -38.47 24.81 -0.01
HO3 NAG M . -40.16 28.29 0.18
HO6 NAG M . -40.38 28.85 5.83
C1 BMA M . -39.53 30.36 1.81
C2 BMA M . -38.85 31.73 2.05
C3 BMA M . -39.82 32.85 1.67
C4 BMA M . -40.44 32.61 0.27
C5 BMA M . -41.06 31.21 0.20
C6 BMA M . -41.61 30.90 -1.18
O2 BMA M . -37.72 31.89 1.21
O3 BMA M . -39.18 34.11 1.71
O4 BMA M . -41.44 33.58 0.02
O5 BMA M . -40.05 30.26 0.50
O6 BMA M . -42.26 29.64 -1.14
H1 BMA M . -40.34 30.26 2.55
H2 BMA M . -38.57 31.81 3.10
H3 BMA M . -40.65 32.89 2.39
H4 BMA M . -39.62 32.66 -0.47
H5 BMA M . -41.89 31.13 0.92
H61 BMA M . -42.28 31.71 -1.48
H62 BMA M . -40.75 30.89 -1.88
HO2 BMA M . -37.11 31.17 1.44
HO3 BMA M . -38.49 34.07 1.05
HO4 BMA M . -40.98 34.43 0.04
HO6 BMA M . -42.58 29.44 -2.02
C1 NAG N . -29.95 -12.80 -9.69
C2 NAG N . -31.39 -13.26 -10.02
C3 NAG N . -31.42 -14.77 -10.18
C4 NAG N . -30.38 -15.22 -11.19
C5 NAG N . -29.00 -14.68 -10.84
C6 NAG N . -27.96 -15.00 -11.89
C7 NAG N . -32.23 -13.28 -7.70
C8 NAG N . -33.27 -12.75 -6.76
N2 NAG N . -32.31 -12.85 -8.97
O3 NAG N . -32.71 -15.17 -10.62
O4 NAG N . -30.31 -16.64 -11.20
O5 NAG N . -29.06 -13.26 -10.72
O6 NAG N . -26.80 -14.18 -11.75
O7 NAG N . -31.35 -14.03 -7.33
H1 NAG N . -29.71 -13.22 -8.84
H2 NAG N . -31.67 -12.85 -10.85
H3 NAG N . -31.22 -15.20 -9.33
H4 NAG N . -30.63 -14.87 -12.07
H5 NAG N . -28.71 -15.07 -10.00
H61 NAG N . -28.32 -14.90 -12.79
H62 NAG N . -27.69 -15.92 -11.76
H81 NAG N . -34.02 -13.38 -6.68
H82 NAG N . -33.59 -11.88 -7.09
H83 NAG N . -32.86 -12.62 -5.89
HN2 NAG N . -33.01 -12.28 -9.19
HO3 NAG N . -32.67 -15.52 -11.44
HO6 NAG N . -27.02 -13.32 -11.77
C1 NAG N . -30.85 -17.06 -12.47
C2 NAG N . -30.30 -18.42 -12.75
C3 NAG N . -30.83 -18.91 -14.08
C4 NAG N . -32.35 -18.83 -14.14
C5 NAG N . -32.88 -17.49 -13.62
C6 NAG N . -34.37 -17.51 -13.32
C7 NAG N . -28.12 -17.71 -13.62
C8 NAG N . -26.63 -17.77 -13.43
N2 NAG N . -28.85 -18.40 -12.73
O3 NAG N . -30.40 -20.26 -14.30
O4 NAG N . -32.75 -18.94 -15.50
O5 NAG N . -32.24 -17.11 -12.39
O6 NAG N . -34.82 -16.22 -12.91
O7 NAG N . -28.64 -17.07 -14.52
H1 NAG N . -30.55 -16.47 -13.18
H2 NAG N . -30.61 -19.04 -12.05
H3 NAG N . -30.46 -18.34 -14.80
H4 NAG N . -32.74 -19.56 -13.62
H5 NAG N . -32.71 -16.80 -14.29
H61 NAG N . -34.86 -17.78 -14.11
H62 NAG N . -34.53 -18.15 -12.60
H81 NAG N . -26.22 -17.13 -14.03
H82 NAG N . -26.41 -17.52 -12.51
H83 NAG N . -26.29 -18.68 -13.61
HN2 NAG N . -28.41 -18.85 -12.07
HO3 NAG N . -31.11 -20.79 -14.28
HO6 NAG N . -35.65 -16.29 -12.60
C1 BMA N . -33.37 -20.20 -15.77
C2 BMA N . -33.79 -20.08 -17.22
C3 BMA N . -34.39 -21.37 -17.71
C4 BMA N . -33.50 -22.59 -17.41
C5 BMA N . -33.09 -22.61 -15.91
C6 BMA N . -32.08 -23.71 -15.58
O2 BMA N . -32.65 -19.82 -18.04
O3 BMA N . -34.66 -21.29 -19.12
O4 BMA N . -34.22 -23.78 -17.73
O5 BMA N . -32.50 -21.32 -15.58
O6 BMA N . -32.60 -24.95 -16.04
H1 BMA N . -34.26 -20.32 -15.13
H2 BMA N . -34.54 -19.25 -17.31
H3 BMA N . -35.37 -21.54 -17.23
H4 BMA N . -32.59 -22.52 -18.01
H5 BMA N . -33.98 -22.77 -15.29
H61 BMA N . -31.12 -23.47 -16.07
H62 BMA N . -31.92 -23.71 -14.49
HO2 BMA N . -32.98 -19.73 -18.94
HO3 BMA N . -34.88 -22.18 -19.39
HO4 BMA N . -33.81 -24.49 -17.22
HO6 BMA N . -32.92 -25.46 -15.29
C1 NAG O . -25.65 48.08 18.06
C2 NAG O . -26.10 49.54 17.91
C3 NAG O . -27.57 49.60 17.46
C4 NAG O . -27.77 48.75 16.22
C5 NAG O . -27.23 47.34 16.43
C6 NAG O . -27.29 46.48 15.19
C7 NAG O . -24.78 50.90 19.47
C8 NAG O . -24.76 51.60 20.80
N2 NAG O . -25.92 50.28 19.15
O3 NAG O . -27.92 50.94 17.20
O4 NAG O . -29.16 48.68 15.91
O5 NAG O . -25.85 47.39 16.83
O6 NAG O . -26.66 47.12 14.09
O7 NAG O . -23.80 50.89 18.73
H1 NAG O . -26.17 47.66 18.76
H2 NAG O . -25.57 49.96 17.22
H3 NAG O . -28.12 49.25 18.18
H4 NAG O . -27.29 49.16 15.47
H5 NAG O . -27.75 46.90 17.14
H61 NAG O . -26.85 45.64 15.36
H62 NAG O . -28.22 46.32 14.96
H81 NAG O . -23.88 51.99 20.95
H82 NAG O . -24.96 50.96 21.52
H83 NAG O . -25.44 52.31 20.80
HN2 NAG O . -26.62 50.31 19.74
HO3 NAG O . -28.78 50.99 16.98
HO4 NAG O . -29.47 49.50 15.79
HO6 NAG O . -26.67 46.58 13.39
C1 NAG P . 33.83 -0.38 -28.32
C2 NAG P . 33.74 0.30 -29.68
C3 NAG P . 35.07 0.20 -30.41
C4 NAG P . 36.20 0.73 -29.54
C5 NAG P . 36.18 0.04 -28.17
C6 NAG P . 37.19 0.64 -27.21
C7 NAG P . 31.68 0.46 -31.02
C8 NAG P . 30.66 -0.30 -31.82
N2 NAG P . 32.67 -0.27 -30.49
O3 NAG P . 35.01 0.92 -31.63
O4 NAG P . 37.45 0.49 -30.16
O5 NAG P . 34.89 0.19 -27.56
O6 NAG P . 36.90 0.26 -25.86
O7 NAG P . 31.62 1.67 -30.86
H1 NAG P . 34.01 -1.33 -28.46
H2 NAG P . 33.56 1.25 -29.54
H3 NAG P . 35.25 -0.74 -30.60
H4 NAG P . 36.09 1.70 -29.42
H5 NAG P . 36.38 -0.91 -28.29
H61 NAG P . 38.08 0.32 -27.44
H62 NAG P . 37.17 1.61 -27.26
H81 NAG P . 29.99 0.32 -32.16
H82 NAG P . 30.23 -0.97 -31.25
H83 NAG P . 31.10 -0.75 -32.57
HN2 NAG P . 32.67 -1.17 -30.62
HO3 NAG P . 34.86 1.78 -31.46
HO4 NAG P . 37.50 0.93 -30.93
HO6 NAG P . 37.54 0.56 -25.32
C1 NAG Q . 20.04 26.10 3.87
C2 NAG Q . 20.75 25.20 4.88
C3 NAG Q . 21.86 25.97 5.60
C4 NAG Q . 22.79 26.63 4.59
C5 NAG Q . 21.98 27.46 3.60
C6 NAG Q . 22.84 28.05 2.49
C7 NAG Q . 19.11 23.52 5.62
C8 NAG Q . 18.18 23.08 6.72
N2 NAG Q . 19.81 24.63 5.85
O3 NAG Q . 22.59 25.08 6.44
O4 NAG Q . 23.71 27.47 5.28
O5 NAG Q . 20.99 26.64 2.97
O6 NAG Q . 23.38 27.04 1.65
O7 NAG Q . 19.21 22.89 4.57
H1 NAG Q . 19.62 26.83 4.36
H2 NAG Q . 21.17 24.46 4.39
H3 NAG Q . 21.44 26.66 6.15
H4 NAG Q . 23.28 25.93 4.12
H5 NAG Q . 21.55 28.19 4.07
H61 NAG Q . 22.30 28.65 1.96
H62 NAG Q . 23.58 28.54 2.89
H81 NAG Q . 17.72 22.27 6.46
H82 NAG Q . 17.52 23.79 6.88
H83 NAG Q . 18.70 22.92 7.54
HN2 NAG Q . 19.70 25.07 6.65
HO3 NAG Q . 22.04 24.69 7.02
HO4 NAG Q . 24.22 26.97 5.80
HO6 NAG Q . 23.89 27.41 1.03
C1 NAG R . 26.40 -6.72 -8.95
C2 NAG R . 26.48 -5.25 -9.31
C3 NAG R . 26.83 -4.41 -8.08
C4 NAG R . 25.86 -4.71 -6.96
C5 NAG R . 25.76 -6.21 -6.69
C6 NAG R . 24.71 -6.56 -5.68
C7 NAG R . 27.17 -4.47 -11.55
C8 NAG R . 28.32 -4.35 -12.52
N2 NAG R . 27.47 -5.04 -10.37
O3 NAG R . 26.79 -3.03 -8.42
O4 NAG R . 26.29 -4.05 -5.77
O5 NAG R . 25.42 -6.90 -7.91
O6 NAG R . 23.41 -6.13 -6.10
O7 NAG R . 26.04 -4.08 -11.82
H1 NAG R . 27.27 -7.02 -8.63
H2 NAG R . 25.61 -4.96 -9.63
H3 NAG R . 27.74 -4.64 -7.80
H4 NAG R . 24.97 -4.37 -7.19
H5 NAG R . 26.63 -6.53 -6.37
H61 NAG R . 24.68 -7.53 -5.55
H62 NAG R . 24.92 -6.12 -4.84
H81 NAG R . 28.00 -3.94 -13.35
H82 NAG R . 28.68 -5.24 -12.70
H83 NAG R . 29.02 -3.79 -12.12
HN2 NAG R . 28.33 -5.31 -10.22
HO3 NAG R . 27.39 -2.86 -9.05
HO4 NAG R . 26.36 -3.18 -5.92
HO6 NAG R . 22.82 -6.34 -5.47
C1 NAG S . 4.34 32.82 45.80
C2 NAG S . 4.45 33.72 47.03
C3 NAG S . 5.08 35.06 46.66
C4 NAG S . 6.41 34.84 45.95
C5 NAG S . 6.22 33.89 44.77
C6 NAG S . 7.53 33.51 44.10
C7 NAG S . 2.11 34.48 47.04
C8 NAG S . 0.85 34.58 47.85
N2 NAG S . 3.15 33.91 47.67
O3 NAG S . 5.28 35.83 47.84
O4 NAG S . 6.91 36.08 45.48
O5 NAG S . 5.63 32.65 45.21
O6 NAG S . 7.31 32.68 42.97
O7 NAG S . 2.18 34.87 45.90
H1 NAG S . 3.77 33.26 45.15
H2 NAG S . 5.04 33.28 47.68
H3 NAG S . 4.48 35.53 46.07
H4 NAG S . 7.05 34.44 46.58
H5 NAG S . 5.63 34.29 44.12
H61 NAG S . 7.98 34.33 43.81
H62 NAG S . 8.09 33.04 44.74
H81 NAG S . 0.16 35.01 47.32
H82 NAG S . 0.55 33.69 48.11
H83 NAG S . 1.02 35.12 48.66
HN2 NAG S . 3.04 33.62 48.53
HO3 NAG S . 5.65 36.61 47.63
HO4 NAG S . 7.05 36.62 46.18
HO6 NAG S . 8.09 32.51 42.57
C1 NAG T . 13.02 -44.04 0.88
C2 NAG T . 12.89 -43.71 2.36
C3 NAG T . 14.10 -44.23 3.13
C4 NAG T . 14.32 -45.71 2.86
C5 NAG T . 14.41 -45.95 1.37
C6 NAG T . 14.50 -47.43 1.01
C7 NAG T . 12.08 -41.78 3.65
C8 NAG T . 12.00 -40.27 3.72
N2 NAG T . 12.71 -42.29 2.59
O3 NAG T . 13.92 -44.01 4.53
O4 NAG T . 15.52 -46.15 3.49
O5 NAG T . 13.24 -45.44 0.71
O6 NAG T . 14.34 -47.62 -0.39
O7 NAG T . 11.59 -42.50 4.51
H1 NAG T . 13.79 -43.55 0.52
H2 NAG T . 12.10 -44.17 2.71
H3 NAG T . 14.89 -43.74 2.84
H4 NAG T . 13.56 -46.21 3.22
H5 NAG T . 15.20 -45.50 1.02
H61 NAG T . 15.37 -47.77 1.29
H62 NAG T . 13.80 -47.91 1.48
H81 NAG T . 11.50 -40.02 4.51
H82 NAG T . 12.91 -39.90 3.77
H83 NAG T . 11.56 -39.93 2.92
HN2 NAG T . 13.07 -41.70 1.97
HO3 NAG T . 13.17 -44.41 4.79
HO4 NAG T . 15.42 -46.12 4.38
HO6 NAG T . 14.43 -48.49 -0.57
C1 NAG U . -3.76 -18.27 29.87
C2 NAG U . -4.71 -19.24 29.16
C3 NAG U . -5.25 -20.27 30.15
C4 NAG U . -4.10 -20.96 30.87
C5 NAG U . -3.20 -19.92 31.52
C6 NAG U . -1.98 -20.52 32.19
C7 NAG U . -5.72 -17.95 27.33
C8 NAG U . -6.95 -17.25 26.84
N2 NAG U . -5.81 -18.52 28.53
O3 NAG U . -6.02 -21.23 29.45
O4 NAG U . -4.59 -21.84 31.87
O5 NAG U . -2.72 -19.00 30.53
O6 NAG U . -1.15 -21.20 31.26
O7 NAG U . -4.68 -17.98 26.67
H1 NAG U . -4.26 -17.76 30.54
H2 NAG U . -4.21 -19.71 28.48
H3 NAG U . -5.80 -19.83 30.80
H4 NAG U . -3.57 -21.47 30.23
H5 NAG U . -3.71 -19.43 32.19
H61 NAG U . -1.46 -19.79 32.61
H62 NAG U . -2.27 -21.14 32.88
H81 NAG U . -6.77 -16.87 25.96
H82 NAG U . -7.19 -16.53 27.46
H83 NAG U . -7.69 -17.89 26.78
HN2 NAG U . -6.60 -18.46 28.98
HO3 NAG U . -6.66 -20.83 28.99
HO4 NAG U . -5.11 -22.45 31.48
HO6 NAG U . -0.46 -21.56 31.70
C1 NAG V . -5.81 -30.42 -3.16
C2 NAG V . -7.26 -30.81 -3.29
C3 NAG V . -8.13 -29.80 -2.54
C4 NAG V . -7.90 -29.78 -1.03
C5 NAG V . -6.44 -30.05 -0.62
C6 NAG V . -6.35 -31.31 0.17
C7 NAG V . -7.86 -29.61 -5.31
C8 NAG V . -8.05 -29.61 -6.79
N2 NAG V . -7.55 -30.77 -4.71
O3 NAG V . -9.51 -29.82 -2.91
O4 NAG V . -8.25 -28.48 -0.56
O5 NAG V . -5.48 -30.17 -1.70
O6 NAG V . -5.02 -31.78 0.35
O7 NAG V . -7.98 -28.58 -4.68
H1 NAG V . -5.60 -29.75 -3.84
H2 NAG V . -7.36 -31.72 -2.94
H3 NAG V . -7.80 -28.92 -2.77
H4 NAG V . -8.51 -30.39 -0.54
H5 NAG V . -6.17 -29.28 -0.07
H61 NAG V . -6.90 -31.98 -0.28
H62 NAG V . -6.74 -31.14 1.04
H81 NAG V . -8.06 -28.63 -6.90
H82 NAG V . -7.26 -29.93 -7.27
H83 NAG V . -8.91 -29.97 -7.15
HN2 NAG V . -7.38 -31.57 -5.14
HO3 NAG V . -9.67 -29.02 -3.28
HO4 NAG V . -8.95 -28.52 0.01
HO6 NAG V . -5.10 -32.58 0.75
C1 NAG W . -33.96 13.94 43.62
C2 NAG W . -34.78 12.69 43.36
C3 NAG W . -34.56 11.69 44.50
C4 NAG W . -33.07 11.43 44.71
C5 NAG W . -32.33 12.75 44.89
C6 NAG W . -30.83 12.58 44.99
C7 NAG W . -36.96 12.50 42.27
C8 NAG W . -38.40 12.94 42.28
N2 NAG W . -36.19 13.01 43.23
O3 NAG W . -35.23 10.47 44.19
O4 NAG W . -32.89 10.63 45.87
O5 NAG W . -32.58 13.61 43.77
O6 NAG W . -30.21 13.71 45.59
O7 NAG W . -36.53 11.72 41.43
H1 NAG W . -34.27 14.35 44.45
H2 NAG W . -34.46 12.28 42.54
H3 NAG W . -34.94 12.05 45.32
H4 NAG W . -32.72 10.96 43.94
H5 NAG W . -32.65 13.18 45.70
H61 NAG W . -30.64 11.79 45.53
H62 NAG W . -30.46 12.44 44.09
H81 NAG W . -38.89 12.47 41.57
H82 NAG W . -38.45 13.91 42.14
H83 NAG W . -38.80 12.72 43.15
HN2 NAG W . -36.56 13.58 43.84
HO3 NAG W . -36.09 10.62 44.09
HO4 NAG W . -33.34 9.86 45.78
HO6 NAG W . -30.38 14.42 45.09
C1 NAG X . -20.67 -17.73 -38.30
C2 NAG X . -21.83 -17.27 -37.41
C3 NAG X . -23.04 -18.19 -37.63
C4 NAG X . -23.39 -18.27 -39.10
C5 NAG X . -22.18 -18.70 -39.91
C6 NAG X . -22.42 -18.69 -41.40
C7 NAG X . -22.10 -16.52 -35.09
C8 NAG X . -21.56 -16.61 -33.69
N2 NAG X . -21.45 -17.25 -36.01
O3 NAG X . -24.16 -17.70 -36.88
O4 NAG X . -24.45 -19.21 -39.30
O5 NAG X . -21.09 -17.79 -39.66
O6 NAG X . -21.20 -18.82 -42.12
O7 NAG X . -23.06 -15.83 -35.38
H1 NAG X . -20.41 -18.63 -38.02
H2 NAG X . -22.09 -16.37 -37.69
H3 NAG X . -22.82 -19.08 -37.31
H4 NAG X . -23.69 -17.39 -39.41
H5 NAG X . -21.91 -19.59 -39.64
H61 NAG X . -23.00 -19.43 -41.64
H62 NAG X . -22.85 -17.85 -41.66
H81 NAG X . -22.09 -16.03 -33.11
H82 NAG X . -20.62 -16.32 -33.68
H83 NAG X . -21.61 -17.54 -33.37
HN2 NAG X . -20.73 -17.75 -35.75
HO3 NAG X . -24.10 -16.81 -36.83
HO4 NAG X . -25.15 -18.97 -38.81
HO6 NAG X . -21.37 -18.83 -42.99
C1 NAG Y . -34.54 11.27 -8.78
C2 NAG Y . -34.00 11.52 -10.19
C3 NAG Y . -35.12 12.03 -11.09
C4 NAG Y . -36.32 11.10 -11.05
C5 NAG Y . -36.74 10.84 -9.61
C6 NAG Y . -37.85 9.81 -9.49
C7 NAG Y . -31.64 12.11 -10.52
C8 NAG Y . -30.61 13.21 -10.42
N2 NAG Y . -32.89 12.45 -10.15
O3 NAG Y . -34.63 12.14 -12.42
O4 NAG Y . -37.40 11.69 -11.76
O5 NAG Y . -35.64 10.35 -8.84
O6 NAG Y . -37.35 8.49 -9.68
O7 NAG Y . -31.36 10.99 -10.90
H1 NAG Y . -34.86 12.12 -8.41
H2 NAG Y . -33.70 10.67 -10.55
H3 NAG Y . -35.39 12.93 -10.78
H4 NAG Y . -36.08 10.25 -11.48
H5 NAG Y . -37.07 11.67 -9.21
H61 NAG Y . -38.25 9.87 -8.61
H62 NAG Y . -38.53 9.99 -10.17
H81 NAG Y . -29.75 12.86 -10.71
H82 NAG Y . -30.87 13.96 -10.99
H83 NAG Y . -30.55 13.52 -9.49
HN2 NAG Y . -33.04 13.30 -9.87
HO3 NAG Y . -35.27 12.48 -12.94
HO4 NAG Y . -37.17 11.80 -12.61
HO6 NAG Y . -38.03 7.92 -9.67
C1 NAG Z . -7.30 -1.25 -29.78
C2 NAG Z . -6.34 -0.20 -30.33
C3 NAG Z . -6.78 1.19 -29.91
C4 NAG Z . -8.23 1.43 -30.32
C5 NAG Z . -9.12 0.32 -29.78
C6 NAG Z . -10.54 0.43 -30.28
C7 NAG Z . -4.12 -1.21 -30.60
C8 NAG Z . -2.76 -1.37 -30.00
N2 NAG Z . -4.98 -0.47 -29.91
O3 NAG Z . -5.93 2.16 -30.51
O4 NAG Z . -8.67 2.69 -29.83
O5 NAG Z . -8.63 -0.95 -30.21
O6 NAG Z . -11.34 -0.64 -29.77
O7 NAG Z . -4.42 -1.73 -31.66
H1 NAG Z . -7.27 -1.24 -28.80
H2 NAG Z . -6.40 -0.24 -31.31
H3 NAG Z . -6.71 1.26 -28.94
H4 NAG Z . -8.28 1.44 -31.30
H5 NAG Z . -9.11 0.36 -28.80
H61 NAG Z . -10.54 0.40 -31.26
H62 NAG Z . -10.91 1.29 -29.99
H81 NAG Z . -2.22 -1.94 -30.59
H82 NAG Z . -2.33 -0.49 -29.92
H83 NAG Z . -2.82 -1.78 -29.11
HN2 NAG Z . -4.70 -0.10 -29.11
HO3 NAG Z . -5.92 2.04 -31.40
HO4 NAG Z . -9.46 2.90 -30.18
HO6 NAG Z . -12.18 -0.53 -30.03
#